data_7D37
# 
_entry.id   7D37 
# 
_audit_conform.dict_name       mmcif_pdbx.dic 
_audit_conform.dict_version    5.403 
_audit_conform.dict_location   http://mmcif.pdb.org/dictionaries/ascii/mmcif_pdbx.dic 
# 
loop_
_database_2.database_id 
_database_2.database_code 
_database_2.pdbx_database_accession 
_database_2.pdbx_DOI 
PDB   7D37         pdb_00007d37 10.2210/pdb7d37/pdb 
WWPDB D_1300018662 ?            ?                   
BMRB  36386        ?            10.13018/BMR36386   
# 
loop_
_pdbx_audit_revision_history.ordinal 
_pdbx_audit_revision_history.data_content_type 
_pdbx_audit_revision_history.major_revision 
_pdbx_audit_revision_history.minor_revision 
_pdbx_audit_revision_history.revision_date 
_pdbx_audit_revision_history.part_number 
1 'Structure model' 1 0 2020-12-16 ? 
2 'Structure model' 1 1 2025-04-09 ? 
# 
_pdbx_audit_revision_details.ordinal             1 
_pdbx_audit_revision_details.revision_ordinal    1 
_pdbx_audit_revision_details.data_content_type   'Structure model' 
_pdbx_audit_revision_details.provider            repository 
_pdbx_audit_revision_details.type                'Initial release' 
_pdbx_audit_revision_details.description         ? 
_pdbx_audit_revision_details.details             ? 
# 
loop_
_pdbx_audit_revision_group.ordinal 
_pdbx_audit_revision_group.revision_ordinal 
_pdbx_audit_revision_group.data_content_type 
_pdbx_audit_revision_group.group 
1 2 'Structure model' 'Data collection'     
2 2 'Structure model' 'Database references' 
3 2 'Structure model' 'Structure summary'   
# 
loop_
_pdbx_audit_revision_category.ordinal 
_pdbx_audit_revision_category.revision_ordinal 
_pdbx_audit_revision_category.data_content_type 
_pdbx_audit_revision_category.category 
1 2 'Structure model' chem_comp_atom            
2 2 'Structure model' chem_comp_bond            
3 2 'Structure model' database_2                
4 2 'Structure model' pdbx_entry_details        
5 2 'Structure model' pdbx_modification_feature 
# 
loop_
_pdbx_audit_revision_item.ordinal 
_pdbx_audit_revision_item.revision_ordinal 
_pdbx_audit_revision_item.data_content_type 
_pdbx_audit_revision_item.item 
1 2 'Structure model' '_database_2.pdbx_DOI'                         
2 2 'Structure model' '_database_2.pdbx_database_accession'          
3 2 'Structure model' '_pdbx_entry_details.has_protein_modification' 
# 
_pdbx_database_status.status_code                     REL 
_pdbx_database_status.status_code_sf                  ? 
_pdbx_database_status.status_code_mr                  REL 
_pdbx_database_status.entry_id                        7D37 
_pdbx_database_status.recvd_initial_deposition_date   2020-09-18 
_pdbx_database_status.SG_entry                        N 
_pdbx_database_status.deposit_site                    PDBJ 
_pdbx_database_status.process_site                    PDBJ 
_pdbx_database_status.status_code_cs                  REL 
_pdbx_database_status.status_code_nmr_data            ? 
_pdbx_database_status.methods_development_category    ? 
_pdbx_database_status.pdb_format_compatible           Y 
# 
_pdbx_database_related.db_name        BMRB 
_pdbx_database_related.details        
'Solution structure of Acm2-precursor peptide of Heat-stable enterotoxin produced by Enterotoxigenic Escherichia coli' 
_pdbx_database_related.db_id          36386 
_pdbx_database_related.content_type   unspecified 
# 
loop_
_audit_author.name 
_audit_author.pdbx_ordinal 
_audit_author.identifier_ORCID 
'Shimamoto, S.' 1 ? 
'Hidaka, Y.'    2 ? 
# 
_citation.abstract                  ? 
_citation.abstract_id_CAS           ? 
_citation.book_id_ISBN              ? 
_citation.book_publisher            ? 
_citation.book_publisher_city       ? 
_citation.book_title                ? 
_citation.coordinate_linkage        ? 
_citation.country                   CH 
_citation.database_id_Medline       ? 
_citation.details                   ? 
_citation.id                        primary 
_citation.journal_abbrev            Molecules 
_citation.journal_id_ASTM           ? 
_citation.journal_id_CSD            ? 
_citation.journal_id_ISSN           1420-3049 
_citation.journal_full              ? 
_citation.journal_issue             ? 
_citation.journal_volume            25 
_citation.language                  ? 
_citation.page_first                ? 
_citation.page_last                 ? 
_citation.title                     
'Topological Regulation of the Bioactive Conformation of a Disulfide-Rich Peptide, Heat-Stable Enterotoxin.' 
_citation.year                      2020 
_citation.database_id_CSD           ? 
_citation.pdbx_database_id_DOI      10.3390/molecules25204798 
_citation.pdbx_database_id_PubMed   33096591 
_citation.unpublished_flag          ? 
# 
loop_
_citation_author.citation_id 
_citation_author.name 
_citation_author.ordinal 
_citation_author.identifier_ORCID 
primary 'Shimamoto, S.' 1 0000-0002-9470-0352 
primary 'Fukutsuji, M.' 2 ?                   
primary 'Osumi, T.'     3 ?                   
primary 'Goto, M.'      4 ?                   
primary 'Toyoda, H.'    5 ?                   
primary 'Hidaka, Y.'    6 0000-0002-3131-2619 
# 
_entity.id                         1 
_entity.type                       polymer 
_entity.src_method                 syn 
_entity.pdbx_description           CYS-CY1-GLU-LEU-CYS-CYS-ASN-PRO-ALA-CY1-THR-GLY-CYS 
_entity.formula_weight             1461.751 
_entity.pdbx_number_of_molecules   1 
_entity.pdbx_ec                    ? 
_entity.pdbx_mutation              ? 
_entity.pdbx_fragment              ? 
_entity.details                    ? 
# 
_entity_poly.entity_id                      1 
_entity_poly.type                           'polypeptide(L)' 
_entity_poly.nstd_linkage                   no 
_entity_poly.nstd_monomer                   yes 
_entity_poly.pdbx_seq_one_letter_code       'C(CY1)ELCCNPA(CY1)TGC' 
_entity_poly.pdbx_seq_one_letter_code_can   CCELCCNPACTGC 
_entity_poly.pdbx_strand_id                 A 
_entity_poly.pdbx_target_identifier         ? 
# 
loop_
_entity_poly_seq.entity_id 
_entity_poly_seq.num 
_entity_poly_seq.mon_id 
_entity_poly_seq.hetero 
1 1  CYS n 
1 2  CY1 n 
1 3  GLU n 
1 4  LEU n 
1 5  CYS n 
1 6  CYS n 
1 7  ASN n 
1 8  PRO n 
1 9  ALA n 
1 10 CY1 n 
1 11 THR n 
1 12 GLY n 
1 13 CYS n 
# 
_pdbx_entity_src_syn.entity_id              1 
_pdbx_entity_src_syn.pdbx_src_id            1 
_pdbx_entity_src_syn.pdbx_alt_source_flag   sample 
_pdbx_entity_src_syn.pdbx_beg_seq_num       1 
_pdbx_entity_src_syn.pdbx_end_seq_num       13 
_pdbx_entity_src_syn.organism_scientific    'Escherichia coli' 
_pdbx_entity_src_syn.organism_common_name   ? 
_pdbx_entity_src_syn.ncbi_taxonomy_id       562 
_pdbx_entity_src_syn.details                ? 
# 
loop_
_chem_comp.id 
_chem_comp.type 
_chem_comp.mon_nstd_flag 
_chem_comp.name 
_chem_comp.pdbx_synonyms 
_chem_comp.formula 
_chem_comp.formula_weight 
ALA 'L-peptide linking' y ALANINE                 ? 'C3 H7 N O2'     89.093  
ASN 'L-peptide linking' y ASPARAGINE              ? 'C4 H8 N2 O3'    132.118 
CY1 'L-peptide linking' n ACETAMIDOMETHYLCYSTEINE ? 'C6 H12 N2 O3 S' 192.236 
CYS 'L-peptide linking' y CYSTEINE                ? 'C3 H7 N O2 S'   121.158 
GLU 'L-peptide linking' y 'GLUTAMIC ACID'         ? 'C5 H9 N O4'     147.129 
GLY 'peptide linking'   y GLYCINE                 ? 'C2 H5 N O2'     75.067  
LEU 'L-peptide linking' y LEUCINE                 ? 'C6 H13 N O2'    131.173 
PRO 'L-peptide linking' y PROLINE                 ? 'C5 H9 N O2'     115.130 
THR 'L-peptide linking' y THREONINE               ? 'C4 H9 N O3'     119.119 
# 
loop_
_pdbx_poly_seq_scheme.asym_id 
_pdbx_poly_seq_scheme.entity_id 
_pdbx_poly_seq_scheme.seq_id 
_pdbx_poly_seq_scheme.mon_id 
_pdbx_poly_seq_scheme.ndb_seq_num 
_pdbx_poly_seq_scheme.pdb_seq_num 
_pdbx_poly_seq_scheme.auth_seq_num 
_pdbx_poly_seq_scheme.pdb_mon_id 
_pdbx_poly_seq_scheme.auth_mon_id 
_pdbx_poly_seq_scheme.pdb_strand_id 
_pdbx_poly_seq_scheme.pdb_ins_code 
_pdbx_poly_seq_scheme.hetero 
A 1 1  CYS 1  1  1  CYS CYS A . n 
A 1 2  CY1 2  2  2  CY1 ACM A . n 
A 1 3  GLU 3  3  3  GLU GLU A . n 
A 1 4  LEU 4  4  4  LEU LEU A . n 
A 1 5  CYS 5  5  5  CYS CYS A . n 
A 1 6  CYS 6  6  6  CYS CYS A . n 
A 1 7  ASN 7  7  7  ASN ASN A . n 
A 1 8  PRO 8  8  8  PRO PRO A . n 
A 1 9  ALA 9  9  9  ALA ALA A . n 
A 1 10 CY1 10 10 10 CY1 ACM A . n 
A 1 11 THR 11 11 11 THR THR A . n 
A 1 12 GLY 12 12 12 GLY GLY A . n 
A 1 13 CYS 13 13 13 CYS CYS A . n 
# 
_pdbx_entity_instance_feature.ordinal        1 
_pdbx_entity_instance_feature.comp_id        CY1 
_pdbx_entity_instance_feature.asym_id        ? 
_pdbx_entity_instance_feature.seq_num        ? 
_pdbx_entity_instance_feature.auth_comp_id   CY1 
_pdbx_entity_instance_feature.auth_asym_id   ? 
_pdbx_entity_instance_feature.auth_seq_num   ? 
_pdbx_entity_instance_feature.feature_type   'SUBJECT OF INVESTIGATION' 
_pdbx_entity_instance_feature.details        ? 
# 
_exptl.absorpt_coefficient_mu     ? 
_exptl.absorpt_correction_T_max   ? 
_exptl.absorpt_correction_T_min   ? 
_exptl.absorpt_correction_type    ? 
_exptl.absorpt_process_details    ? 
_exptl.entry_id                   7D37 
_exptl.crystals_number            ? 
_exptl.details                    ? 
_exptl.method                     'SOLUTION NMR' 
_exptl.method_details             ? 
# 
_struct.entry_id                     7D37 
_struct.title                        
'Solution structure of Acm2-precursor peptide of Heat-stable enterotoxin produced by Enterotoxigenic Escherichia coli' 
_struct.pdbx_model_details           ? 
_struct.pdbx_formula_weight          ? 
_struct.pdbx_formula_weight_method   ? 
_struct.pdbx_model_type_details      ? 
_struct.pdbx_CASP_flag               N 
# 
_struct_keywords.entry_id        7D37 
_struct_keywords.text            'Heat-stable enterotoxin, topological isomer, STh, STh(6-18), TOXIN' 
_struct_keywords.pdbx_keywords   TOXIN 
# 
_struct_asym.id                            A 
_struct_asym.pdbx_blank_PDB_chainid_flag   N 
_struct_asym.pdbx_modified                 N 
_struct_asym.entity_id                     1 
_struct_asym.details                       ? 
# 
_struct_ref.id                         1 
_struct_ref.db_name                    PDB 
_struct_ref.db_code                    7D37 
_struct_ref.pdbx_db_accession          7D37 
_struct_ref.pdbx_db_isoform            ? 
_struct_ref.entity_id                  1 
_struct_ref.pdbx_seq_one_letter_code   ? 
_struct_ref.pdbx_align_begin           1 
# 
_struct_ref_seq.align_id                      1 
_struct_ref_seq.ref_id                        1 
_struct_ref_seq.pdbx_PDB_id_code              7D37 
_struct_ref_seq.pdbx_strand_id                A 
_struct_ref_seq.seq_align_beg                 1 
_struct_ref_seq.pdbx_seq_align_beg_ins_code   ? 
_struct_ref_seq.seq_align_end                 13 
_struct_ref_seq.pdbx_seq_align_end_ins_code   ? 
_struct_ref_seq.pdbx_db_accession             7D37 
_struct_ref_seq.db_align_beg                  1 
_struct_ref_seq.pdbx_db_align_beg_ins_code    ? 
_struct_ref_seq.db_align_end                  13 
_struct_ref_seq.pdbx_db_align_end_ins_code    ? 
_struct_ref_seq.pdbx_auth_seq_align_beg       1 
_struct_ref_seq.pdbx_auth_seq_align_end       13 
# 
_pdbx_struct_assembly.id                   1 
_pdbx_struct_assembly.details              author_defined_assembly 
_pdbx_struct_assembly.method_details       ? 
_pdbx_struct_assembly.oligomeric_details   monomeric 
_pdbx_struct_assembly.oligomeric_count     1 
# 
loop_
_pdbx_struct_assembly_prop.biol_id 
_pdbx_struct_assembly_prop.type 
_pdbx_struct_assembly_prop.value 
_pdbx_struct_assembly_prop.details 
1 'ABSA (A^2)' 0    ? 
1 MORE         0    ? 
1 'SSA (A^2)'  1290 ? 
# 
_pdbx_struct_assembly_gen.assembly_id       1 
_pdbx_struct_assembly_gen.oper_expression   1 
_pdbx_struct_assembly_gen.asym_id_list      A 
# 
_pdbx_struct_assembly_auth_evidence.id                     1 
_pdbx_struct_assembly_auth_evidence.assembly_id            1 
_pdbx_struct_assembly_auth_evidence.experimental_support   none 
_pdbx_struct_assembly_auth_evidence.details                ? 
# 
_pdbx_struct_oper_list.id                   1 
_pdbx_struct_oper_list.type                 'identity operation' 
_pdbx_struct_oper_list.name                 1_555 
_pdbx_struct_oper_list.symmetry_operation   ? 
_pdbx_struct_oper_list.matrix[1][1]         1.0000000000 
_pdbx_struct_oper_list.matrix[1][2]         0.0000000000 
_pdbx_struct_oper_list.matrix[1][3]         0.0000000000 
_pdbx_struct_oper_list.vector[1]            0.0000000000 
_pdbx_struct_oper_list.matrix[2][1]         0.0000000000 
_pdbx_struct_oper_list.matrix[2][2]         1.0000000000 
_pdbx_struct_oper_list.matrix[2][3]         0.0000000000 
_pdbx_struct_oper_list.vector[2]            0.0000000000 
_pdbx_struct_oper_list.matrix[3][1]         0.0000000000 
_pdbx_struct_oper_list.matrix[3][2]         0.0000000000 
_pdbx_struct_oper_list.matrix[3][3]         1.0000000000 
_pdbx_struct_oper_list.vector[3]            0.0000000000 
# 
loop_
_struct_conn.id 
_struct_conn.conn_type_id 
_struct_conn.pdbx_leaving_atom_flag 
_struct_conn.pdbx_PDB_id 
_struct_conn.ptnr1_label_asym_id 
_struct_conn.ptnr1_label_comp_id 
_struct_conn.ptnr1_label_seq_id 
_struct_conn.ptnr1_label_atom_id 
_struct_conn.pdbx_ptnr1_label_alt_id 
_struct_conn.pdbx_ptnr1_PDB_ins_code 
_struct_conn.pdbx_ptnr1_standard_comp_id 
_struct_conn.ptnr1_symmetry 
_struct_conn.ptnr2_label_asym_id 
_struct_conn.ptnr2_label_comp_id 
_struct_conn.ptnr2_label_seq_id 
_struct_conn.ptnr2_label_atom_id 
_struct_conn.pdbx_ptnr2_label_alt_id 
_struct_conn.pdbx_ptnr2_PDB_ins_code 
_struct_conn.ptnr1_auth_asym_id 
_struct_conn.ptnr1_auth_comp_id 
_struct_conn.ptnr1_auth_seq_id 
_struct_conn.ptnr2_auth_asym_id 
_struct_conn.ptnr2_auth_comp_id 
_struct_conn.ptnr2_auth_seq_id 
_struct_conn.ptnr2_symmetry 
_struct_conn.pdbx_ptnr3_label_atom_id 
_struct_conn.pdbx_ptnr3_label_seq_id 
_struct_conn.pdbx_ptnr3_label_comp_id 
_struct_conn.pdbx_ptnr3_label_asym_id 
_struct_conn.pdbx_ptnr3_label_alt_id 
_struct_conn.pdbx_ptnr3_PDB_ins_code 
_struct_conn.details 
_struct_conn.pdbx_dist_value 
_struct_conn.pdbx_value_order 
_struct_conn.pdbx_role 
disulf1 disulf ?    ? A CYS 1  SG ? ? ? 1_555 A CYS 6  SG ? ? A CYS 1  A CYS 6  1_555 ? ? ? ? ? ? ? 2.031 ? ? 
disulf2 disulf ?    ? A CYS 5  SG ? ? ? 1_555 A CYS 13 SG ? ? A CYS 5  A CYS 13 1_555 ? ? ? ? ? ? ? 2.035 ? ? 
covale1 covale both ? A CYS 1  C  ? ? ? 1_555 A CY1 2  N  ? ? A CYS 1  A CY1 2  1_555 ? ? ? ? ? ? ? 1.340 ? ? 
covale2 covale both ? A CY1 2  C  ? ? ? 1_555 A GLU 3  N  ? ? A CY1 2  A GLU 3  1_555 ? ? ? ? ? ? ? 1.350 ? ? 
covale3 covale both ? A ALA 9  C  ? ? ? 1_555 A CY1 10 N  ? ? A ALA 9  A CY1 10 1_555 ? ? ? ? ? ? ? 1.355 ? ? 
covale4 covale both ? A CY1 10 C  ? ? ? 1_555 A THR 11 N  ? ? A CY1 10 A THR 11 1_555 ? ? ? ? ? ? ? 1.335 ? ? 
# 
loop_
_struct_conn_type.id 
_struct_conn_type.criteria 
_struct_conn_type.reference 
disulf ? ? 
covale ? ? 
# 
loop_
_pdbx_modification_feature.ordinal 
_pdbx_modification_feature.label_comp_id 
_pdbx_modification_feature.label_asym_id 
_pdbx_modification_feature.label_seq_id 
_pdbx_modification_feature.label_alt_id 
_pdbx_modification_feature.modified_residue_label_comp_id 
_pdbx_modification_feature.modified_residue_label_asym_id 
_pdbx_modification_feature.modified_residue_label_seq_id 
_pdbx_modification_feature.modified_residue_label_alt_id 
_pdbx_modification_feature.auth_comp_id 
_pdbx_modification_feature.auth_asym_id 
_pdbx_modification_feature.auth_seq_id 
_pdbx_modification_feature.PDB_ins_code 
_pdbx_modification_feature.symmetry 
_pdbx_modification_feature.modified_residue_auth_comp_id 
_pdbx_modification_feature.modified_residue_auth_asym_id 
_pdbx_modification_feature.modified_residue_auth_seq_id 
_pdbx_modification_feature.modified_residue_PDB_ins_code 
_pdbx_modification_feature.modified_residue_symmetry 
_pdbx_modification_feature.comp_id_linking_atom 
_pdbx_modification_feature.modified_residue_id_linking_atom 
_pdbx_modification_feature.modified_residue_id 
_pdbx_modification_feature.ref_pcm_id 
_pdbx_modification_feature.ref_comp_id 
_pdbx_modification_feature.type 
_pdbx_modification_feature.category 
1 CY1 A 2  ? .   . .  . CY1 A 2  ? 1_555 .   . .  . .     .  .  CYS 1 CY1 Acetamidomethylation 'Named protein modification' 
2 CY1 A 10 ? .   . .  . CY1 A 10 ? 1_555 .   . .  . .     .  .  CYS 1 CY1 Acetamidomethylation 'Named protein modification' 
3 CYS A 1  ? CYS A 6  ? CYS A 1  ? 1_555 CYS A 6  ? 1_555 SG SG .   . .   None                 'Disulfide bridge'           
4 CYS A 5  ? CYS A 13 ? CYS A 5  ? 1_555 CYS A 13 ? 1_555 SG SG .   . .   None                 'Disulfide bridge'           
# 
_pdbx_entry_details.entry_id                   7D37 
_pdbx_entry_details.has_ligand_of_interest     Y 
_pdbx_entry_details.compound_details           ? 
_pdbx_entry_details.source_details             ? 
_pdbx_entry_details.nonpolymer_details         ? 
_pdbx_entry_details.sequence_details           ? 
_pdbx_entry_details.has_protein_modification   Y 
# 
loop_
_pdbx_validate_close_contact.id 
_pdbx_validate_close_contact.PDB_model_num 
_pdbx_validate_close_contact.auth_atom_id_1 
_pdbx_validate_close_contact.auth_asym_id_1 
_pdbx_validate_close_contact.auth_comp_id_1 
_pdbx_validate_close_contact.auth_seq_id_1 
_pdbx_validate_close_contact.PDB_ins_code_1 
_pdbx_validate_close_contact.label_alt_id_1 
_pdbx_validate_close_contact.auth_atom_id_2 
_pdbx_validate_close_contact.auth_asym_id_2 
_pdbx_validate_close_contact.auth_comp_id_2 
_pdbx_validate_close_contact.auth_seq_id_2 
_pdbx_validate_close_contact.PDB_ins_code_2 
_pdbx_validate_close_contact.label_alt_id_2 
_pdbx_validate_close_contact.dist 
1  1  C A CYS 1 ? ? H A CY1 2 ? ? 1.43 
2  2  C A CYS 1 ? ? H A CY1 2 ? ? 1.37 
3  3  C A CYS 1 ? ? H A CY1 2 ? ? 1.49 
4  4  C A CYS 1 ? ? H A CY1 2 ? ? 1.33 
5  5  C A CYS 1 ? ? H A CY1 2 ? ? 1.11 
6  6  C A CYS 1 ? ? H A CY1 2 ? ? 1.34 
7  7  C A CYS 1 ? ? H A CY1 2 ? ? 1.41 
8  8  C A CYS 1 ? ? H A CY1 2 ? ? 1.30 
9  9  C A CYS 1 ? ? H A CY1 2 ? ? 1.55 
10 10 C A CYS 1 ? ? H A CY1 2 ? ? 1.19 
# 
loop_
_pdbx_validate_torsion.id 
_pdbx_validate_torsion.PDB_model_num 
_pdbx_validate_torsion.auth_comp_id 
_pdbx_validate_torsion.auth_asym_id 
_pdbx_validate_torsion.auth_seq_id 
_pdbx_validate_torsion.PDB_ins_code 
_pdbx_validate_torsion.label_alt_id 
_pdbx_validate_torsion.phi 
_pdbx_validate_torsion.psi 
1  1  CY1 A 2  ? ? -100.94 -78.83  
2  1  GLU A 3  ? ? -147.03 -53.95  
3  1  CYS A 5  ? ? 179.69  -151.46 
4  1  THR A 11 ? ? 62.39   74.63   
5  2  CY1 A 2  ? ? -105.16 -72.67  
6  2  GLU A 3  ? ? -146.56 -61.31  
7  2  CYS A 5  ? ? 177.04  -153.16 
8  2  CYS A 6  ? ? -150.49 65.72   
9  2  THR A 11 ? ? 61.87   77.67   
10 3  CY1 A 2  ? ? -99.06  -65.16  
11 3  GLU A 3  ? ? -154.16 -57.21  
12 3  CYS A 5  ? ? 178.07  -148.17 
13 3  THR A 11 ? ? 46.73   76.76   
14 4  CY1 A 2  ? ? -112.96 -155.67 
15 4  LEU A 4  ? ? -142.96 42.35   
16 4  CYS A 5  ? ? 179.54  -152.61 
17 4  THR A 11 ? ? 48.08   79.49   
18 5  CY1 A 2  ? ? -132.40 -60.00  
19 5  GLU A 3  ? ? -152.10 -62.93  
20 5  LEU A 4  ? ? -143.50 43.39   
21 5  CYS A 5  ? ? 178.15  -151.72 
22 5  THR A 11 ? ? 48.40   75.61   
23 6  CY1 A 2  ? ? -89.81  -73.40  
24 6  GLU A 3  ? ? -151.14 -51.27  
25 6  CYS A 5  ? ? -178.56 -152.10 
26 6  CYS A 6  ? ? -150.95 66.58   
27 6  THR A 11 ? ? 60.94   75.77   
28 7  CY1 A 2  ? ? -97.63  -67.91  
29 7  GLU A 3  ? ? -150.57 -66.05  
30 7  CYS A 5  ? ? 177.38  -148.57 
31 7  THR A 11 ? ? 48.05   76.27   
32 8  GLU A 3  ? ? -155.03 -56.61  
33 8  LEU A 4  ? ? -141.46 38.70   
34 8  CYS A 5  ? ? 178.32  -153.71 
35 8  THR A 11 ? ? 60.58   76.38   
36 9  CY1 A 2  ? ? -96.92  -82.18  
37 9  GLU A 3  ? ? -145.37 -54.27  
38 9  CYS A 5  ? ? 178.84  -150.90 
39 9  THR A 11 ? ? 63.25   74.29   
40 10 CY1 A 2  ? ? -113.47 -159.95 
41 10 CYS A 5  ? ? 179.88  -151.62 
42 10 THR A 11 ? ? 49.64   79.98   
# 
_pdbx_nmr_ensemble.entry_id                                      7D37 
_pdbx_nmr_ensemble.conformers_calculated_total_number            1000 
_pdbx_nmr_ensemble.conformers_submitted_total_number             10 
_pdbx_nmr_ensemble.conformer_selection_criteria                  'structures with the lowest energy' 
_pdbx_nmr_ensemble.representative_conformer                      ? 
_pdbx_nmr_ensemble.average_constraints_per_residue               ? 
_pdbx_nmr_ensemble.average_constraint_violations_per_residue     ? 
_pdbx_nmr_ensemble.maximum_distance_constraint_violation         ? 
_pdbx_nmr_ensemble.average_distance_constraint_violation         ? 
_pdbx_nmr_ensemble.maximum_upper_distance_constraint_violation   ? 
_pdbx_nmr_ensemble.maximum_lower_distance_constraint_violation   ? 
_pdbx_nmr_ensemble.distance_constraint_violation_method          ? 
_pdbx_nmr_ensemble.maximum_torsion_angle_constraint_violation    ? 
_pdbx_nmr_ensemble.average_torsion_angle_constraint_violation    ? 
_pdbx_nmr_ensemble.torsion_angle_constraint_violation_method     ? 
# 
_pdbx_nmr_representative.entry_id             7D37 
_pdbx_nmr_representative.conformer_id         1 
_pdbx_nmr_representative.selection_criteria   'lowest energy' 
# 
loop_
_pdbx_nmr_sample_details.solution_id 
_pdbx_nmr_sample_details.contents 
_pdbx_nmr_sample_details.solvent_system 
_pdbx_nmr_sample_details.label 
_pdbx_nmr_sample_details.type 
_pdbx_nmr_sample_details.details 
1 '2 mg/mL Acm2-precursor peptide of STh, 100% D2O'        '100% D2O'        sample_1 solution '50% CD3COOD' 
2 '2 mg/mL Acm2-precursor peptide of STh, 90% H2O/10% D2O' '90% H2O/10% D2O' sample_2 solution '50% CD3COOD' 
# 
loop_
_pdbx_nmr_exptl_sample.solution_id 
_pdbx_nmr_exptl_sample.component 
_pdbx_nmr_exptl_sample.concentration 
_pdbx_nmr_exptl_sample.concentration_range 
_pdbx_nmr_exptl_sample.concentration_units 
_pdbx_nmr_exptl_sample.isotopic_labeling 
1 'Acm2-precursor peptide of STh' 2 ? mg/mL 'natural abundance' 
2 'Acm2-precursor peptide of STh' 2 ? mg/mL 'natural abundance' 
# 
_pdbx_nmr_exptl_sample_conditions.conditions_id          1 
_pdbx_nmr_exptl_sample_conditions.temperature            298.15 
_pdbx_nmr_exptl_sample_conditions.pressure_units         atm 
_pdbx_nmr_exptl_sample_conditions.pressure               1.0 
_pdbx_nmr_exptl_sample_conditions.pH                     3.0 
_pdbx_nmr_exptl_sample_conditions.ionic_strength         1 
_pdbx_nmr_exptl_sample_conditions.details                ? 
_pdbx_nmr_exptl_sample_conditions.ionic_strength_err     ? 
_pdbx_nmr_exptl_sample_conditions.ionic_strength_units   mM 
_pdbx_nmr_exptl_sample_conditions.label                  conditions_1 
_pdbx_nmr_exptl_sample_conditions.pH_err                 ? 
_pdbx_nmr_exptl_sample_conditions.pH_units               pH 
_pdbx_nmr_exptl_sample_conditions.pressure_err           ? 
_pdbx_nmr_exptl_sample_conditions.temperature_err        ? 
_pdbx_nmr_exptl_sample_conditions.temperature_units      K 
# 
loop_
_pdbx_nmr_exptl.experiment_id 
_pdbx_nmr_exptl.conditions_id 
_pdbx_nmr_exptl.solution_id 
_pdbx_nmr_exptl.type 
_pdbx_nmr_exptl.spectrometer_id 
_pdbx_nmr_exptl.sample_state 
1 1 1 '2D DQF-COSY'    1 isotropic 
2 1 2 '2D DQF-COSY'    1 isotropic 
3 1 1 '2D 1H-1H NOESY' 1 isotropic 
4 1 2 '2D 1H-1H NOESY' 1 isotropic 
# 
_pdbx_nmr_refine.entry_id           7D37 
_pdbx_nmr_refine.method             'simulated annealing' 
_pdbx_nmr_refine.details            ? 
_pdbx_nmr_refine.software_ordinal   4 
# 
_pdbx_nmr_software.ordinal          4 
_pdbx_nmr_software.classification   'structure calculation' 
_pdbx_nmr_software.name             CNS 
_pdbx_nmr_software.version          ? 
_pdbx_nmr_software.authors          'Brunger, Adams, Clore, Gros, Nilges and Read' 
# 
loop_
_chem_comp_atom.comp_id 
_chem_comp_atom.atom_id 
_chem_comp_atom.type_symbol 
_chem_comp_atom.pdbx_aromatic_flag 
_chem_comp_atom.pdbx_stereo_config 
_chem_comp_atom.pdbx_ordinal 
ALA N    N N N 1   
ALA CA   C N S 2   
ALA C    C N N 3   
ALA O    O N N 4   
ALA CB   C N N 5   
ALA OXT  O N N 6   
ALA H    H N N 7   
ALA H2   H N N 8   
ALA HA   H N N 9   
ALA HB1  H N N 10  
ALA HB2  H N N 11  
ALA HB3  H N N 12  
ALA HXT  H N N 13  
ASN N    N N N 14  
ASN CA   C N S 15  
ASN C    C N N 16  
ASN O    O N N 17  
ASN CB   C N N 18  
ASN CG   C N N 19  
ASN OD1  O N N 20  
ASN ND2  N N N 21  
ASN OXT  O N N 22  
ASN H    H N N 23  
ASN H2   H N N 24  
ASN HA   H N N 25  
ASN HB2  H N N 26  
ASN HB3  H N N 27  
ASN HD21 H N N 28  
ASN HD22 H N N 29  
ASN HXT  H N N 30  
CY1 N    N N N 31  
CY1 CA   C N R 32  
CY1 CB   C N N 33  
CY1 SG   S N N 34  
CY1 CD   C N N 35  
CY1 NE   N N N 36  
CY1 CZ   C N N 37  
CY1 OAC  O N N 38  
CY1 CM   C N N 39  
CY1 C    C N N 40  
CY1 O    O N N 41  
CY1 OXT  O N N 42  
CY1 H    H N N 43  
CY1 H2   H N N 44  
CY1 HA   H N N 45  
CY1 HB2  H N N 46  
CY1 HB3  H N N 47  
CY1 HD2  H N N 48  
CY1 HD3  H N N 49  
CY1 HE   H N N 50  
CY1 HM1  H N N 51  
CY1 HM2  H N N 52  
CY1 HM3  H N N 53  
CY1 HXT  H N N 54  
CYS N    N N N 55  
CYS CA   C N R 56  
CYS C    C N N 57  
CYS O    O N N 58  
CYS CB   C N N 59  
CYS SG   S N N 60  
CYS OXT  O N N 61  
CYS H    H N N 62  
CYS H2   H N N 63  
CYS HA   H N N 64  
CYS HB2  H N N 65  
CYS HB3  H N N 66  
CYS HG   H N N 67  
CYS HXT  H N N 68  
GLU N    N N N 69  
GLU CA   C N S 70  
GLU C    C N N 71  
GLU O    O N N 72  
GLU CB   C N N 73  
GLU CG   C N N 74  
GLU CD   C N N 75  
GLU OE1  O N N 76  
GLU OE2  O N N 77  
GLU OXT  O N N 78  
GLU H    H N N 79  
GLU H2   H N N 80  
GLU HA   H N N 81  
GLU HB2  H N N 82  
GLU HB3  H N N 83  
GLU HG2  H N N 84  
GLU HG3  H N N 85  
GLU HE2  H N N 86  
GLU HXT  H N N 87  
GLY N    N N N 88  
GLY CA   C N N 89  
GLY C    C N N 90  
GLY O    O N N 91  
GLY OXT  O N N 92  
GLY H    H N N 93  
GLY H2   H N N 94  
GLY HA2  H N N 95  
GLY HA3  H N N 96  
GLY HXT  H N N 97  
LEU N    N N N 98  
LEU CA   C N S 99  
LEU C    C N N 100 
LEU O    O N N 101 
LEU CB   C N N 102 
LEU CG   C N N 103 
LEU CD1  C N N 104 
LEU CD2  C N N 105 
LEU OXT  O N N 106 
LEU H    H N N 107 
LEU H2   H N N 108 
LEU HA   H N N 109 
LEU HB2  H N N 110 
LEU HB3  H N N 111 
LEU HG   H N N 112 
LEU HD11 H N N 113 
LEU HD12 H N N 114 
LEU HD13 H N N 115 
LEU HD21 H N N 116 
LEU HD22 H N N 117 
LEU HD23 H N N 118 
LEU HXT  H N N 119 
PRO N    N N N 120 
PRO CA   C N S 121 
PRO C    C N N 122 
PRO O    O N N 123 
PRO CB   C N N 124 
PRO CG   C N N 125 
PRO CD   C N N 126 
PRO OXT  O N N 127 
PRO H    H N N 128 
PRO HA   H N N 129 
PRO HB2  H N N 130 
PRO HB3  H N N 131 
PRO HG2  H N N 132 
PRO HG3  H N N 133 
PRO HD2  H N N 134 
PRO HD3  H N N 135 
PRO HXT  H N N 136 
THR N    N N N 137 
THR CA   C N S 138 
THR C    C N N 139 
THR O    O N N 140 
THR CB   C N R 141 
THR OG1  O N N 142 
THR CG2  C N N 143 
THR OXT  O N N 144 
THR H    H N N 145 
THR H2   H N N 146 
THR HA   H N N 147 
THR HB   H N N 148 
THR HG1  H N N 149 
THR HG21 H N N 150 
THR HG22 H N N 151 
THR HG23 H N N 152 
THR HXT  H N N 153 
# 
loop_
_chem_comp_bond.comp_id 
_chem_comp_bond.atom_id_1 
_chem_comp_bond.atom_id_2 
_chem_comp_bond.value_order 
_chem_comp_bond.pdbx_aromatic_flag 
_chem_comp_bond.pdbx_stereo_config 
_chem_comp_bond.pdbx_ordinal 
ALA N   CA   sing N N 1   
ALA N   H    sing N N 2   
ALA N   H2   sing N N 3   
ALA CA  C    sing N N 4   
ALA CA  CB   sing N N 5   
ALA CA  HA   sing N N 6   
ALA C   O    doub N N 7   
ALA C   OXT  sing N N 8   
ALA CB  HB1  sing N N 9   
ALA CB  HB2  sing N N 10  
ALA CB  HB3  sing N N 11  
ALA OXT HXT  sing N N 12  
ASN N   CA   sing N N 13  
ASN N   H    sing N N 14  
ASN N   H2   sing N N 15  
ASN CA  C    sing N N 16  
ASN CA  CB   sing N N 17  
ASN CA  HA   sing N N 18  
ASN C   O    doub N N 19  
ASN C   OXT  sing N N 20  
ASN CB  CG   sing N N 21  
ASN CB  HB2  sing N N 22  
ASN CB  HB3  sing N N 23  
ASN CG  OD1  doub N N 24  
ASN CG  ND2  sing N N 25  
ASN ND2 HD21 sing N N 26  
ASN ND2 HD22 sing N N 27  
ASN OXT HXT  sing N N 28  
CY1 N   CA   sing N N 29  
CY1 N   H    sing N N 30  
CY1 N   H2   sing N N 31  
CY1 CA  CB   sing N N 32  
CY1 CA  C    sing N N 33  
CY1 CA  HA   sing N N 34  
CY1 CB  SG   sing N N 35  
CY1 CB  HB2  sing N N 36  
CY1 CB  HB3  sing N N 37  
CY1 SG  CD   sing N N 38  
CY1 CD  NE   sing N N 39  
CY1 CD  HD2  sing N N 40  
CY1 CD  HD3  sing N N 41  
CY1 NE  CZ   sing N N 42  
CY1 NE  HE   sing N N 43  
CY1 CZ  OAC  doub N N 44  
CY1 CZ  CM   sing N N 45  
CY1 CM  HM1  sing N N 46  
CY1 CM  HM2  sing N N 47  
CY1 CM  HM3  sing N N 48  
CY1 C   O    doub N N 49  
CY1 C   OXT  sing N N 50  
CY1 OXT HXT  sing N N 51  
CYS N   CA   sing N N 52  
CYS N   H    sing N N 53  
CYS N   H2   sing N N 54  
CYS CA  C    sing N N 55  
CYS CA  CB   sing N N 56  
CYS CA  HA   sing N N 57  
CYS C   O    doub N N 58  
CYS C   OXT  sing N N 59  
CYS CB  SG   sing N N 60  
CYS CB  HB2  sing N N 61  
CYS CB  HB3  sing N N 62  
CYS SG  HG   sing N N 63  
CYS OXT HXT  sing N N 64  
GLU N   CA   sing N N 65  
GLU N   H    sing N N 66  
GLU N   H2   sing N N 67  
GLU CA  C    sing N N 68  
GLU CA  CB   sing N N 69  
GLU CA  HA   sing N N 70  
GLU C   O    doub N N 71  
GLU C   OXT  sing N N 72  
GLU CB  CG   sing N N 73  
GLU CB  HB2  sing N N 74  
GLU CB  HB3  sing N N 75  
GLU CG  CD   sing N N 76  
GLU CG  HG2  sing N N 77  
GLU CG  HG3  sing N N 78  
GLU CD  OE1  doub N N 79  
GLU CD  OE2  sing N N 80  
GLU OE2 HE2  sing N N 81  
GLU OXT HXT  sing N N 82  
GLY N   CA   sing N N 83  
GLY N   H    sing N N 84  
GLY N   H2   sing N N 85  
GLY CA  C    sing N N 86  
GLY CA  HA2  sing N N 87  
GLY CA  HA3  sing N N 88  
GLY C   O    doub N N 89  
GLY C   OXT  sing N N 90  
GLY OXT HXT  sing N N 91  
LEU N   CA   sing N N 92  
LEU N   H    sing N N 93  
LEU N   H2   sing N N 94  
LEU CA  C    sing N N 95  
LEU CA  CB   sing N N 96  
LEU CA  HA   sing N N 97  
LEU C   O    doub N N 98  
LEU C   OXT  sing N N 99  
LEU CB  CG   sing N N 100 
LEU CB  HB2  sing N N 101 
LEU CB  HB3  sing N N 102 
LEU CG  CD1  sing N N 103 
LEU CG  CD2  sing N N 104 
LEU CG  HG   sing N N 105 
LEU CD1 HD11 sing N N 106 
LEU CD1 HD12 sing N N 107 
LEU CD1 HD13 sing N N 108 
LEU CD2 HD21 sing N N 109 
LEU CD2 HD22 sing N N 110 
LEU CD2 HD23 sing N N 111 
LEU OXT HXT  sing N N 112 
PRO N   CA   sing N N 113 
PRO N   CD   sing N N 114 
PRO N   H    sing N N 115 
PRO CA  C    sing N N 116 
PRO CA  CB   sing N N 117 
PRO CA  HA   sing N N 118 
PRO C   O    doub N N 119 
PRO C   OXT  sing N N 120 
PRO CB  CG   sing N N 121 
PRO CB  HB2  sing N N 122 
PRO CB  HB3  sing N N 123 
PRO CG  CD   sing N N 124 
PRO CG  HG2  sing N N 125 
PRO CG  HG3  sing N N 126 
PRO CD  HD2  sing N N 127 
PRO CD  HD3  sing N N 128 
PRO OXT HXT  sing N N 129 
THR N   CA   sing N N 130 
THR N   H    sing N N 131 
THR N   H2   sing N N 132 
THR CA  C    sing N N 133 
THR CA  CB   sing N N 134 
THR CA  HA   sing N N 135 
THR C   O    doub N N 136 
THR C   OXT  sing N N 137 
THR CB  OG1  sing N N 138 
THR CB  CG2  sing N N 139 
THR CB  HB   sing N N 140 
THR OG1 HG1  sing N N 141 
THR CG2 HG21 sing N N 142 
THR CG2 HG22 sing N N 143 
THR CG2 HG23 sing N N 144 
THR OXT HXT  sing N N 145 
# 
_pdbx_nmr_spectrometer.spectrometer_id   1 
_pdbx_nmr_spectrometer.model             JNM-ECA800 
_pdbx_nmr_spectrometer.type              ? 
_pdbx_nmr_spectrometer.manufacturer      JEOL 
_pdbx_nmr_spectrometer.field_strength    800 
_pdbx_nmr_spectrometer.details           ? 
# 
_atom_sites.entry_id                    7D37 
_atom_sites.Cartn_transf_matrix[1][1]   ? 
_atom_sites.Cartn_transf_matrix[1][2]   ? 
_atom_sites.Cartn_transf_matrix[1][3]   ? 
_atom_sites.Cartn_transf_matrix[2][1]   ? 
_atom_sites.Cartn_transf_matrix[2][2]   ? 
_atom_sites.Cartn_transf_matrix[2][3]   ? 
_atom_sites.Cartn_transf_matrix[3][1]   ? 
_atom_sites.Cartn_transf_matrix[3][2]   ? 
_atom_sites.Cartn_transf_matrix[3][3]   ? 
_atom_sites.Cartn_transf_vector[1]      ? 
_atom_sites.Cartn_transf_vector[2]      ? 
_atom_sites.Cartn_transf_vector[3]      ? 
_atom_sites.fract_transf_matrix[1][1]   1.000000 
_atom_sites.fract_transf_matrix[1][2]   0.000000 
_atom_sites.fract_transf_matrix[1][3]   0.000000 
_atom_sites.fract_transf_matrix[2][1]   0.000000 
_atom_sites.fract_transf_matrix[2][2]   1.000000 
_atom_sites.fract_transf_matrix[2][3]   0.000000 
_atom_sites.fract_transf_matrix[3][1]   0.000000 
_atom_sites.fract_transf_matrix[3][2]   0.000000 
_atom_sites.fract_transf_matrix[3][3]   1.000000 
_atom_sites.fract_transf_vector[1]      0.00000 
_atom_sites.fract_transf_vector[2]      0.00000 
_atom_sites.fract_transf_vector[3]      0.00000 
_atom_sites.solution_primary            ? 
_atom_sites.solution_secondary          ? 
_atom_sites.solution_hydrogens          ? 
_atom_sites.special_details             ? 
# 
loop_
_atom_type.symbol 
C 
H 
N 
O 
S 
# 
loop_
_atom_site.group_PDB 
_atom_site.id 
_atom_site.type_symbol 
_atom_site.label_atom_id 
_atom_site.label_alt_id 
_atom_site.label_comp_id 
_atom_site.label_asym_id 
_atom_site.label_entity_id 
_atom_site.label_seq_id 
_atom_site.pdbx_PDB_ins_code 
_atom_site.Cartn_x 
_atom_site.Cartn_y 
_atom_site.Cartn_z 
_atom_site.occupancy 
_atom_site.B_iso_or_equiv 
_atom_site.pdbx_formal_charge 
_atom_site.auth_seq_id 
_atom_site.auth_comp_id 
_atom_site.auth_asym_id 
_atom_site.auth_atom_id 
_atom_site.pdbx_PDB_model_num 
ATOM   1    N N    . CYS A 1 1  ? -5.217 0.066  -2.880 1.00 0.00 ? 1  CYS A N    1  
ATOM   2    C CA   . CYS A 1 1  ? -4.696 -1.091 -3.656 1.00 0.00 ? 1  CYS A CA   1  
ATOM   3    C C    . CYS A 1 1  ? -4.151 -2.180 -2.731 1.00 0.00 ? 1  CYS A C    1  
ATOM   4    O O    . CYS A 1 1  ? -4.324 -3.372 -3.001 1.00 0.00 ? 1  CYS A O    1  
ATOM   5    C CB   . CYS A 1 1  ? -3.594 -0.632 -4.615 1.00 0.00 ? 1  CYS A CB   1  
ATOM   6    S SG   . CYS A 1 1  ? -3.999 0.880  -5.550 1.00 0.00 ? 1  CYS A SG   1  
ATOM   7    H H1   . CYS A 1 1  ? -5.575 0.798  -3.526 1.00 0.00 ? 1  CYS A H1   1  
ATOM   8    H H2   . CYS A 1 1  ? -4.459 0.474  -2.297 1.00 0.00 ? 1  CYS A H2   1  
ATOM   9    H H3   . CYS A 1 1  ? -5.991 -0.241 -2.257 1.00 0.00 ? 1  CYS A H3   1  
ATOM   10   H HA   . CYS A 1 1  ? -5.512 -1.504 -4.231 1.00 0.00 ? 1  CYS A HA   1  
ATOM   11   H HB2  . CYS A 1 1  ? -2.695 -0.436 -4.052 1.00 0.00 ? 1  CYS A HB2  1  
ATOM   12   H HB3  . CYS A 1 1  ? -3.400 -1.417 -5.331 1.00 0.00 ? 1  CYS A HB3  1  
HETATM 13   N N    . CY1 A 1 2  ? -3.493 -1.758 -1.642 1.00 0.00 ? 2  CY1 A N    1  
HETATM 14   C CA   . CY1 A 1 2  ? -2.913 -2.685 -0.670 1.00 0.00 ? 2  CY1 A CA   1  
HETATM 15   C CB   . CY1 A 1 2  ? -1.523 -2.249 -0.304 1.00 0.00 ? 2  CY1 A CB   1  
HETATM 16   S SG   . CY1 A 1 2  ? -0.362 -2.015 -1.700 1.00 0.00 ? 2  CY1 A SG   1  
HETATM 17   C CD   . CY1 A 1 2  ? -0.437 -3.676 -2.465 1.00 0.00 ? 2  CY1 A CD   1  
HETATM 18   N NE   . CY1 A 1 2  ? 0.071  -4.622 -1.461 1.00 0.00 ? 2  CY1 A NE   1  
HETATM 19   C CZ   . CY1 A 1 2  ? 0.176  -5.934 -1.711 1.00 0.00 ? 2  CY1 A CZ   1  
HETATM 20   O OAC  . CY1 A 1 2  ? -0.133 -6.457 -2.781 1.00 0.00 ? 2  CY1 A OAC  1  
HETATM 21   C CM   . CY1 A 1 2  ? 0.723  -6.771 -0.552 1.00 0.00 ? 2  CY1 A CM   1  
HETATM 22   C C    . CY1 A 1 2  ? -3.811 -2.816 0.571  1.00 0.00 ? 2  CY1 A C    1  
HETATM 23   O O    . CY1 A 1 2  ? -4.547 -3.800 0.695  1.00 0.00 ? 2  CY1 A O    1  
HETATM 24   H H    . CY1 A 1 2  ? -2.955 -1.471 -2.409 1.00 0.00 ? 2  CY1 A H    1  
HETATM 25   H HA   . CY1 A 1 2  ? -2.835 -3.636 -1.133 1.00 0.00 ? 2  CY1 A HA   1  
HETATM 26   H HB2  . CY1 A 1 2  ? -1.482 -1.487 0.390  1.00 0.00 ? 2  CY1 A HB2  1  
HETATM 27   H HB3  . CY1 A 1 2  ? -1.221 -3.131 0.373  1.00 0.00 ? 2  CY1 A HB3  1  
HETATM 28   H HD2  . CY1 A 1 2  ? -1.482 -3.941 -2.637 1.00 0.00 ? 2  CY1 A HD2  1  
HETATM 29   H HD3  . CY1 A 1 2  ? 0.206  -3.785 -3.336 1.00 0.00 ? 2  CY1 A HD3  1  
HETATM 30   H HE   . CY1 A 1 2  ? 0.333  -4.210 -0.589 1.00 0.00 ? 2  CY1 A HE   1  
HETATM 31   H HM1  . CY1 A 1 2  ? 0.443  -6.311 0.394  1.00 0.00 ? 2  CY1 A HM1  1  
HETATM 32   H HM2  . CY1 A 1 2  ? 1.810  -6.825 -0.625 1.00 0.00 ? 2  CY1 A HM2  1  
HETATM 33   H HM3  . CY1 A 1 2  ? 0.307  -7.778 -0.606 1.00 0.00 ? 2  CY1 A HM3  1  
ATOM   34   N N    . GLU A 1 3  ? -3.751 -1.826 1.487  1.00 0.00 ? 3  GLU A N    1  
ATOM   35   C CA   . GLU A 1 3  ? -4.562 -1.832 2.715  1.00 0.00 ? 3  GLU A CA   1  
ATOM   36   C C    . GLU A 1 3  ? -4.953 -0.411 3.134  1.00 0.00 ? 3  GLU A C    1  
ATOM   37   O O    . GLU A 1 3  ? -6.139 -0.127 3.324  1.00 0.00 ? 3  GLU A O    1  
ATOM   38   C CB   . GLU A 1 3  ? -3.825 -2.535 3.870  1.00 0.00 ? 3  GLU A CB   1  
ATOM   39   C CG   . GLU A 1 3  ? -3.770 -4.051 3.733  1.00 0.00 ? 3  GLU A CG   1  
ATOM   40   C CD   . GLU A 1 3  ? -3.067 -4.718 4.899  1.00 0.00 ? 3  GLU A CD   1  
ATOM   41   O OE1  . GLU A 1 3  ? -1.837 -4.912 4.818  1.00 0.00 ? 3  GLU A OE1  1  
ATOM   42   O OE2  . GLU A 1 3  ? -3.749 -5.045 5.894  1.00 0.00 ? 3  GLU A OE2  1  
ATOM   43   H H    . GLU A 1 3  ? -3.018 -1.183 1.401  1.00 0.00 ? 3  GLU A H    1  
ATOM   44   H HA   . GLU A 1 3  ? -5.467 -2.382 2.500  1.00 0.00 ? 3  GLU A HA   1  
ATOM   45   H HB2  . GLU A 1 3  ? -2.809 -2.164 3.914  1.00 0.00 ? 3  GLU A HB2  1  
ATOM   46   H HB3  . GLU A 1 3  ? -4.331 -2.299 4.800  1.00 0.00 ? 3  GLU A HB3  1  
ATOM   47   H HG2  . GLU A 1 3  ? -4.779 -4.431 3.676  1.00 0.00 ? 3  GLU A HG2  1  
ATOM   48   H HG3  . GLU A 1 3  ? -3.241 -4.297 2.824  1.00 0.00 ? 3  GLU A HG3  1  
ATOM   49   N N    . LEU A 1 4  ? -3.952 0.476  3.276  1.00 0.00 ? 4  LEU A N    1  
ATOM   50   C CA   . LEU A 1 4  ? -4.196 1.864  3.682  1.00 0.00 ? 4  LEU A CA   1  
ATOM   51   C C    . LEU A 1 4  ? -3.471 2.848  2.822  1.00 0.00 ? 4  LEU A C    1  
ATOM   52   O O    . LEU A 1 4  ? -3.096 3.939  3.273  1.00 0.00 ? 4  LEU A O    1  
ATOM   53   C CB   . LEU A 1 4  ? -3.876 2.069  5.177  1.00 0.00 ? 4  LEU A CB   1  
ATOM   54   C CG   . LEU A 1 4  ? -4.759 1.289  6.160  1.00 0.00 ? 4  LEU A CG   1  
ATOM   55   C CD1  . LEU A 1 4  ? -3.971 0.937  7.413  1.00 0.00 ? 4  LEU A CD1  1  
ATOM   56   C CD2  . LEU A 1 4  ? -6.000 2.094  6.527  1.00 0.00 ? 4  LEU A CD2  1  
ATOM   57   H H    . LEU A 1 4  ? -3.038 0.191  3.103  1.00 0.00 ? 4  LEU A H    1  
ATOM   58   H HA   . LEU A 1 4  ? -5.204 2.066  3.507  1.00 0.00 ? 4  LEU A HA   1  
ATOM   59   H HB2  . LEU A 1 4  ? -2.849 1.780  5.343  1.00 0.00 ? 4  LEU A HB2  1  
ATOM   60   H HB3  . LEU A 1 4  ? -3.974 3.121  5.400  1.00 0.00 ? 4  LEU A HB3  1  
ATOM   61   H HG   . LEU A 1 4  ? -5.079 0.368  5.697  1.00 0.00 ? 4  LEU A HG   1  
ATOM   62   H HD11 . LEU A 1 4  ? -3.133 0.310  7.146  1.00 0.00 ? 4  LEU A HD11 1  
ATOM   63   H HD12 . LEU A 1 4  ? -4.610 0.409  8.104  1.00 0.00 ? 4  LEU A HD12 1  
ATOM   64   H HD13 . LEU A 1 4  ? -3.609 1.842  7.877  1.00 0.00 ? 4  LEU A HD13 1  
ATOM   65   H HD21 . LEU A 1 4  ? -6.572 2.300  5.635  1.00 0.00 ? 4  LEU A HD21 1  
ATOM   66   H HD22 . LEU A 1 4  ? -5.702 3.025  6.987  1.00 0.00 ? 4  LEU A HD22 1  
ATOM   67   H HD23 . LEU A 1 4  ? -6.604 1.527  7.220  1.00 0.00 ? 4  LEU A HD23 1  
ATOM   68   N N    . CYS A 1 5  ? -3.326 2.476  1.554  1.00 0.00 ? 5  CYS A N    1  
ATOM   69   C CA   . CYS A 1 5  ? -2.695 3.287  0.589  1.00 0.00 ? 5  CYS A CA   1  
ATOM   70   C C    . CYS A 1 5  ? -2.704 2.548  -0.728 1.00 0.00 ? 5  CYS A C    1  
ATOM   71   O O    . CYS A 1 5  ? -3.595 1.738  -1.006 1.00 0.00 ? 5  CYS A O    1  
ATOM   72   C CB   . CYS A 1 5  ? -1.274 3.557  1.055  1.00 0.00 ? 5  CYS A CB   1  
ATOM   73   S SG   . CYS A 1 5  ? -0.852 5.324  1.216  1.00 0.00 ? 5  CYS A SG   1  
ATOM   74   H H    . CYS A 1 5  ? -3.627 1.604  1.266  1.00 0.00 ? 5  CYS A H    1  
ATOM   75   H HA   . CYS A 1 5  ? -3.245 4.195  0.517  1.00 0.00 ? 5  CYS A HA   1  
ATOM   76   H HB2  . CYS A 1 5  ? -1.183 3.098  2.030  1.00 0.00 ? 5  CYS A HB2  1  
ATOM   77   H HB3  . CYS A 1 5  ? -0.577 3.091  0.364  1.00 0.00 ? 5  CYS A HB3  1  
ATOM   78   N N    . CYS A 1 6  ? -1.711 2.849  -1.524 1.00 0.00 ? 6  CYS A N    1  
ATOM   79   C CA   . CYS A 1 6  ? -1.508 2.203  -2.799 1.00 0.00 ? 6  CYS A CA   1  
ATOM   80   C C    . CYS A 1 6  ? -0.029 2.155  -3.131 1.00 0.00 ? 6  CYS A C    1  
ATOM   81   O O    . CYS A 1 6  ? 0.475  2.779  -4.073 1.00 0.00 ? 6  CYS A O    1  
ATOM   82   C CB   . CYS A 1 6  ? -2.346 2.839  -3.925 1.00 0.00 ? 6  CYS A CB   1  
ATOM   83   S SG   . CYS A 1 6  ? -2.270 1.945  -5.511 1.00 0.00 ? 6  CYS A SG   1  
ATOM   84   H H    . CYS A 1 6  ? -1.091 3.514  -1.222 1.00 0.00 ? 6  CYS A H    1  
ATOM   85   H HA   . CYS A 1 6  ? -1.815 1.191  -2.634 1.00 0.00 ? 6  CYS A HA   1  
ATOM   86   H HB2  . CYS A 1 6  ? -3.381 2.872  -3.618 1.00 0.00 ? 6  CYS A HB2  1  
ATOM   87   H HB3  . CYS A 1 6  ? -1.995 3.847  -4.098 1.00 0.00 ? 6  CYS A HB3  1  
ATOM   88   N N    . ASN A 1 7  ? 0.638  1.392  -2.286 1.00 0.00 ? 7  ASN A N    1  
ATOM   89   C CA   . ASN A 1 7  ? 2.065  1.141  -2.353 1.00 0.00 ? 7  ASN A CA   1  
ATOM   90   C C    . ASN A 1 7  ? 2.403  -0.058 -3.231 1.00 0.00 ? 7  ASN A C    1  
ATOM   91   O O    . ASN A 1 7  ? 1.682  -1.059 -3.194 1.00 0.00 ? 7  ASN A O    1  
ATOM   92   C CB   . ASN A 1 7  ? 2.534  0.850  -0.954 1.00 0.00 ? 7  ASN A CB   1  
ATOM   93   C CG   . ASN A 1 7  ? 2.857  2.107  -0.179 1.00 0.00 ? 7  ASN A CG   1  
ATOM   94   O OD1  . ASN A 1 7  ? 1.981  2.706  0.440  1.00 0.00 ? 7  ASN A OD1  1  
ATOM   95   N ND2  . ASN A 1 7  ? 4.121  2.513  -0.207 1.00 0.00 ? 7  ASN A ND2  1  
ATOM   96   H H    . ASN A 1 7  ? 0.132  0.992  -1.544 1.00 0.00 ? 7  ASN A H    1  
ATOM   97   H HA   . ASN A 1 7  ? 2.570  2.007  -2.719 1.00 0.00 ? 7  ASN A HA   1  
ATOM   98   H HB2  . ASN A 1 7  ? 1.738  0.318  -0.440 1.00 0.00 ? 7  ASN A HB2  1  
ATOM   99   H HB3  . ASN A 1 7  ? 3.415  0.231  -1.007 1.00 0.00 ? 7  ASN A HB3  1  
ATOM   100  H HD21 . ASN A 1 7  ? 4.765  1.985  -0.722 1.00 0.00 ? 7  ASN A HD21 1  
ATOM   101  H HD22 . ASN A 1 7  ? 4.357  3.326  0.287  1.00 0.00 ? 7  ASN A HD22 1  
ATOM   102  N N    . PRO A 1 8  ? 3.497  0.007  -4.053 1.00 0.00 ? 8  PRO A N    1  
ATOM   103  C CA   . PRO A 1 8  ? 3.897  -1.132 -4.871 1.00 0.00 ? 8  PRO A CA   1  
ATOM   104  C C    . PRO A 1 8  ? 4.561  -2.196 -4.042 1.00 0.00 ? 8  PRO A C    1  
ATOM   105  O O    . PRO A 1 8  ? 5.785  -2.293 -3.895 1.00 0.00 ? 8  PRO A O    1  
ATOM   106  C CB   . PRO A 1 8  ? 4.806  -0.531 -5.948 1.00 0.00 ? 8  PRO A CB   1  
ATOM   107  C CG   . PRO A 1 8  ? 5.368  0.714  -5.335 1.00 0.00 ? 8  PRO A CG   1  
ATOM   108  C CD   . PRO A 1 8  ? 4.375  1.186  -4.290 1.00 0.00 ? 8  PRO A CD   1  
ATOM   109  H HA   . PRO A 1 8  ? 3.033  -1.609 -5.308 1.00 0.00 ? 8  PRO A HA   1  
ATOM   110  H HB2  . PRO A 1 8  ? 5.583  -1.244 -6.200 1.00 0.00 ? 8  PRO A HB2  1  
ATOM   111  H HB3  . PRO A 1 8  ? 4.225  -0.298 -6.825 1.00 0.00 ? 8  PRO A HB3  1  
ATOM   112  H HG2  . PRO A 1 8  ? 6.321  0.491  -4.872 1.00 0.00 ? 8  PRO A HG2  1  
ATOM   113  H HG3  . PRO A 1 8  ? 5.491  1.472  -6.092 1.00 0.00 ? 8  PRO A HG3  1  
ATOM   114  H HD2  . PRO A 1 8  ? 4.888  1.467  -3.383 1.00 0.00 ? 8  PRO A HD2  1  
ATOM   115  H HD3  . PRO A 1 8  ? 3.801  2.019  -4.670 1.00 0.00 ? 8  PRO A HD3  1  
ATOM   116  N N    . ALA A 1 9  ? 3.653  -2.971 -3.486 1.00 0.00 ? 9  ALA A N    1  
ATOM   117  C CA   . ALA A 1 9  ? 3.917  -4.099 -2.632 1.00 0.00 ? 9  ALA A CA   1  
ATOM   118  C C    . ALA A 1 9  ? 4.506  -3.706 -1.256 1.00 0.00 ? 9  ALA A C    1  
ATOM   119  O O    . ALA A 1 9  ? 5.058  -4.564 -0.554 1.00 0.00 ? 9  ALA A O    1  
ATOM   120  C CB   . ALA A 1 9  ? 4.785  -5.152 -3.333 1.00 0.00 ? 9  ALA A CB   1  
ATOM   121  H H    . ALA A 1 9  ? 2.714  -2.763 -3.671 1.00 0.00 ? 9  ALA A H    1  
ATOM   122  H HA   . ALA A 1 9  ? 2.952  -4.525 -2.485 1.00 0.00 ? 9  ALA A HA   1  
ATOM   123  H HB1  . ALA A 1 9  ? 4.844  -6.038 -2.717 1.00 0.00 ? 9  ALA A HB1  1  
ATOM   124  H HB2  . ALA A 1 9  ? 5.777  -4.756 -3.491 1.00 0.00 ? 9  ALA A HB2  1  
ATOM   125  H HB3  . ALA A 1 9  ? 4.343  -5.406 -4.286 1.00 0.00 ? 9  ALA A HB3  1  
HETATM 126  N N    . CY1 A 1 10 ? 4.373  -2.420 -0.852 1.00 0.00 ? 10 CY1 A N    1  
HETATM 127  C CA   . CY1 A 1 10 ? 4.922  -1.993 0.446  1.00 0.00 ? 10 CY1 A CA   1  
HETATM 128  C CB   . CY1 A 1 10 ? 5.334  -0.542 0.400  1.00 0.00 ? 10 CY1 A CB   1  
HETATM 129  S SG   . CY1 A 1 10 ? 6.351  0.054  1.801  1.00 0.00 ? 10 CY1 A SG   1  
HETATM 130  C CD   . CY1 A 1 10 ? 7.726  -1.151 1.747  1.00 0.00 ? 10 CY1 A CD   1  
HETATM 131  N NE   . CY1 A 1 10 ? 7.232  -2.484 2.122  1.00 0.00 ? 10 CY1 A NE   1  
HETATM 132  C CZ   . CY1 A 1 10 ? 7.485  -3.571 1.381  1.00 0.00 ? 10 CY1 A CZ   1  
HETATM 133  O OAC  . CY1 A 1 10 ? 8.139  -3.557 0.339  1.00 0.00 ? 10 CY1 A OAC  1  
HETATM 134  C CM   . CY1 A 1 10 ? 6.893  -4.874 1.922  1.00 0.00 ? 10 CY1 A CM   1  
HETATM 135  C C    . CY1 A 1 10 ? 3.912  -2.169 1.562  1.00 0.00 ? 10 CY1 A C    1  
HETATM 136  O O    . CY1 A 1 10 ? 4.172  -2.831 2.570  1.00 0.00 ? 10 CY1 A O    1  
HETATM 137  H H    . CY1 A 1 10 ? 3.834  -1.763 -1.370 1.00 0.00 ? 10 CY1 A H    1  
HETATM 138  H HA   . CY1 A 1 10 ? 5.782  -2.598 0.655  1.00 0.00 ? 10 CY1 A HA   1  
HETATM 139  H HB2  . CY1 A 1 10 ? 5.635  -0.171 -0.527 1.00 0.00 ? 10 CY1 A HB2  1  
HETATM 140  H HB3  . CY1 A 1 10 ? 4.286  -0.082 0.431  1.00 0.00 ? 10 CY1 A HB3  1  
HETATM 141  H HD2  . CY1 A 1 10 ? 8.507  -0.843 2.441  1.00 0.00 ? 10 CY1 A HD2  1  
HETATM 142  H HD3  . CY1 A 1 10 ? 8.134  -1.185 0.737  1.00 0.00 ? 10 CY1 A HD3  1  
HETATM 143  H HE   . CY1 A 1 10 ? 6.702  -2.514 2.970  1.00 0.00 ? 10 CY1 A HE   1  
HETATM 144  H HM1  . CY1 A 1 10 ? 7.604  -5.344 2.601  1.00 0.00 ? 10 CY1 A HM1  1  
HETATM 145  H HM2  . CY1 A 1 10 ? 6.679  -5.549 1.093  1.00 0.00 ? 10 CY1 A HM2  1  
HETATM 146  H HM3  . CY1 A 1 10 ? 5.968  -4.656 2.457  1.00 0.00 ? 10 CY1 A HM3  1  
ATOM   147  N N    . THR A 1 11 ? 2.750  -1.548 1.345  1.00 0.00 ? 11 THR A N    1  
ATOM   148  C CA   . THR A 1 11 ? 1.615  -1.523 2.242  1.00 0.00 ? 11 THR A CA   1  
ATOM   149  C C    . THR A 1 11 ? 1.950  -0.854 3.551  1.00 0.00 ? 11 THR A C    1  
ATOM   150  O O    . THR A 1 11 ? 2.141  -1.492 4.595  1.00 0.00 ? 11 THR A O    1  
ATOM   151  C CB   . THR A 1 11 ? 0.970  -2.907 2.434  1.00 0.00 ? 11 THR A CB   1  
ATOM   152  O OG1  . THR A 1 11 ? 0.892  -3.594 1.178  1.00 0.00 ? 11 THR A OG1  1  
ATOM   153  C CG2  . THR A 1 11 ? -0.427 -2.820 3.046  1.00 0.00 ? 11 THR A CG2  1  
ATOM   154  H H    . THR A 1 11 ? 2.738  -0.977 0.560  1.00 0.00 ? 11 THR A H    1  
ATOM   155  H HA   . THR A 1 11 ? 0.918  -0.896 1.786  1.00 0.00 ? 11 THR A HA   1  
ATOM   156  H HB   . THR A 1 11 ? 1.599  -3.452 3.086  1.00 0.00 ? 11 THR A HB   1  
ATOM   157  H HG1  . THR A 1 11 ? 1.446  -3.146 0.535  1.00 0.00 ? 11 THR A HG1  1  
ATOM   158  H HG21 . THR A 1 11 ? -0.349 -2.511 4.079  1.00 0.00 ? 11 THR A HG21 1  
ATOM   159  H HG22 . THR A 1 11 ? -0.905 -3.787 2.996  1.00 0.00 ? 11 THR A HG22 1  
ATOM   160  H HG23 . THR A 1 11 ? -1.015 -2.100 2.499  1.00 0.00 ? 11 THR A HG23 1  
ATOM   161  N N    . GLY A 1 12 ? 2.035  0.459  3.441  1.00 0.00 ? 12 GLY A N    1  
ATOM   162  C CA   . GLY A 1 12 ? 2.322  1.271  4.585  1.00 0.00 ? 12 GLY A CA   1  
ATOM   163  C C    . GLY A 1 12 ? 2.484  2.740  4.289  1.00 0.00 ? 12 GLY A C    1  
ATOM   164  O O    . GLY A 1 12 ? 3.191  3.465  4.994  1.00 0.00 ? 12 GLY A O    1  
ATOM   165  H H    . GLY A 1 12 ? 1.944  0.862  2.551  1.00 0.00 ? 12 GLY A H    1  
ATOM   166  H HA2  . GLY A 1 12 ? 1.528  1.142  5.305  1.00 0.00 ? 12 GLY A HA2  1  
ATOM   167  H HA3  . GLY A 1 12 ? 3.218  0.910  4.972  1.00 0.00 ? 12 GLY A HA3  1  
ATOM   168  N N    . CYS A 1 13 ? 1.808  3.148  3.240  1.00 0.00 ? 13 CYS A N    1  
ATOM   169  C CA   . CYS A 1 13 ? 1.787  4.536  2.719  1.00 0.00 ? 13 CYS A CA   1  
ATOM   170  C C    . CYS A 1 13 ? 3.197  5.092  2.457  1.00 0.00 ? 13 CYS A C    1  
ATOM   171  O O    . CYS A 1 13 ? 3.908  5.418  3.433  1.00 0.00 ? 13 CYS A O    1  
ATOM   172  C CB   . CYS A 1 13 ? 0.997  5.480  3.643  1.00 0.00 ? 13 CYS A CB   1  
ATOM   173  S SG   . CYS A 1 13 ? -0.775 5.619  3.228  1.00 0.00 ? 13 CYS A SG   1  
ATOM   174  O OXT  . CYS A 1 13 ? 3.573  5.195  1.270  1.00 0.00 ? 13 CYS A OXT  1  
ATOM   175  H H    . CYS A 1 13 ? 1.294  2.468  2.789  1.00 0.00 ? 13 CYS A H    1  
ATOM   176  H HA   . CYS A 1 13 ? 1.269  4.493  1.770  1.00 0.00 ? 13 CYS A HA   1  
ATOM   177  H HB2  . CYS A 1 13 ? 1.067  5.120  4.659  1.00 0.00 ? 13 CYS A HB2  1  
ATOM   178  H HB3  . CYS A 1 13 ? 1.426  6.470  3.587  1.00 0.00 ? 13 CYS A HB3  1  
ATOM   179  N N    . CYS A 1 1  ? -5.163 -0.070 -2.858 1.00 0.00 ? 1  CYS A N    2  
ATOM   180  C CA   . CYS A 1 1  ? -4.567 -1.211 -3.603 1.00 0.00 ? 1  CYS A CA   2  
ATOM   181  C C    . CYS A 1 1  ? -4.014 -2.268 -2.649 1.00 0.00 ? 1  CYS A C    2  
ATOM   182  O O    . CYS A 1 1  ? -4.119 -3.469 -2.920 1.00 0.00 ? 1  CYS A O    2  
ATOM   183  C CB   . CYS A 1 1  ? -3.446 -0.714 -4.522 1.00 0.00 ? 1  CYS A CB   2  
ATOM   184  S SG   . CYS A 1 1  ? -3.868 0.774  -5.484 1.00 0.00 ? 1  CYS A SG   2  
ATOM   185  H H1   . CYS A 1 1  ? -5.942 -0.404 -2.255 1.00 0.00 ? 1  CYS A H1   2  
ATOM   186  H H2   . CYS A 1 1  ? -5.534 0.637  -3.523 1.00 0.00 ? 1  CYS A H2   2  
ATOM   187  H H3   . CYS A 1 1  ? -4.443 0.380  -2.257 1.00 0.00 ? 1  CYS A H3   2  
ATOM   188  H HA   . CYS A 1 1  ? -5.342 -1.661 -4.206 1.00 0.00 ? 1  CYS A HA   2  
ATOM   189  H HB2  . CYS A 1 1  ? -2.578 -0.484 -3.924 1.00 0.00 ? 1  CYS A HB2  2  
ATOM   190  H HB3  . CYS A 1 1  ? -3.194 -1.498 -5.222 1.00 0.00 ? 1  CYS A HB3  2  
HETATM 191  N N    . CY1 A 1 2  ? -3.427 -1.814 -1.534 1.00 0.00 ? 2  CY1 A N    2  
HETATM 192  C CA   . CY1 A 1 2  ? -2.842 -2.708 -0.535 1.00 0.00 ? 2  CY1 A CA   2  
HETATM 193  C CB   . CY1 A 1 2  ? -1.456 -2.250 -0.187 1.00 0.00 ? 2  CY1 A CB   2  
HETATM 194  S SG   . CY1 A 1 2  ? -0.306 -2.035 -1.594 1.00 0.00 ? 2  CY1 A SG   2  
HETATM 195  C CD   . CY1 A 1 2  ? -0.410 -3.700 -2.347 1.00 0.00 ? 2  CY1 A CD   2  
HETATM 196  N NE   . CY1 A 1 2  ? 0.442  -3.666 -3.545 1.00 0.00 ? 2  CY1 A NE   2  
HETATM 197  C CZ   . CY1 A 1 2  ? 0.532  -4.709 -4.381 1.00 0.00 ? 2  CY1 A CZ   2  
HETATM 198  O OAC  . CY1 A 1 2  ? -0.078 -5.766 -4.231 1.00 0.00 ? 2  CY1 A OAC  2  
HETATM 199  C CM   . CY1 A 1 2  ? 1.464  -4.499 -5.576 1.00 0.00 ? 2  CY1 A CM   2  
HETATM 200  C C    . CY1 A 1 2  ? -3.729 -2.811 0.714  1.00 0.00 ? 2  CY1 A C    2  
HETATM 201  O O    . CY1 A 1 2  ? -4.371 -3.843 0.931  1.00 0.00 ? 2  CY1 A O    2  
HETATM 202  H H    . CY1 A 1 2  ? -2.893 -1.552 -2.313 1.00 0.00 ? 2  CY1 A H    2  
HETATM 203  H HA   . CY1 A 1 2  ? -2.758 -3.672 -0.971 1.00 0.00 ? 2  CY1 A HA   2  
HETATM 204  H HB2  . CY1 A 1 2  ? -1.418 -1.473 0.492  1.00 0.00 ? 2  CY1 A HB2  2  
HETATM 205  H HB3  . CY1 A 1 2  ? -1.142 -3.113 0.508  1.00 0.00 ? 2  CY1 A HB3  2  
HETATM 206  H HD2  . CY1 A 1 2  ? 0.042  -4.426 -1.668 1.00 0.00 ? 2  CY1 A HD2  2  
HETATM 207  H HD3  . CY1 A 1 2  ? -1.407 -3.963 -2.691 1.00 0.00 ? 2  CY1 A HD3  2  
HETATM 208  H HE   . CY1 A 1 2  ? 0.945  -2.813 -3.681 1.00 0.00 ? 2  CY1 A HE   2  
HETATM 209  H HM1  . CY1 A 1 2  ? 0.905  -4.061 -6.404 1.00 0.00 ? 2  CY1 A HM1  2  
HETATM 210  H HM2  . CY1 A 1 2  ? 1.881  -5.458 -5.886 1.00 0.00 ? 2  CY1 A HM2  2  
HETATM 211  H HM3  . CY1 A 1 2  ? 2.276  -3.831 -5.288 1.00 0.00 ? 2  CY1 A HM3  2  
ATOM   212  N N    . GLU A 1 3  ? -3.763 -1.741 1.533  1.00 0.00 ? 3  GLU A N    2  
ATOM   213  C CA   . GLU A 1 3  ? -4.570 -1.708 2.761  1.00 0.00 ? 3  GLU A CA   2  
ATOM   214  C C    . GLU A 1 3  ? -5.094 -0.290 3.031  1.00 0.00 ? 3  GLU A C    2  
ATOM   215  O O    . GLU A 1 3  ? -6.309 -0.074 3.063  1.00 0.00 ? 3  GLU A O    2  
ATOM   216  C CB   . GLU A 1 3  ? -3.757 -2.227 3.964  1.00 0.00 ? 3  GLU A CB   2  
ATOM   217  C CG   . GLU A 1 3  ? -4.602 -2.923 5.022  1.00 0.00 ? 3  GLU A CG   2  
ATOM   218  C CD   . GLU A 1 3  ? -3.773 -3.454 6.175  1.00 0.00 ? 3  GLU A CD   2  
ATOM   219  O OE1  . GLU A 1 3  ? -3.311 -4.611 6.090  1.00 0.00 ? 3  GLU A OE1  2  
ATOM   220  O OE2  . GLU A 1 3  ? -3.586 -2.714 7.163  1.00 0.00 ? 3  GLU A OE2  2  
ATOM   221  H H    . GLU A 1 3  ? -3.146 -1.002 1.346  1.00 0.00 ? 3  GLU A H    2  
ATOM   222  H HA   . GLU A 1 3  ? -5.418 -2.359 2.608  1.00 0.00 ? 3  GLU A HA   2  
ATOM   223  H HB2  . GLU A 1 3  ? -3.017 -2.931 3.605  1.00 0.00 ? 3  GLU A HB2  2  
ATOM   224  H HB3  . GLU A 1 3  ? -3.253 -1.387 4.431  1.00 0.00 ? 3  GLU A HB3  2  
ATOM   225  H HG2  . GLU A 1 3  ? -5.322 -2.218 5.412  1.00 0.00 ? 3  GLU A HG2  2  
ATOM   226  H HG3  . GLU A 1 3  ? -5.124 -3.749 4.561  1.00 0.00 ? 3  GLU A HG3  2  
ATOM   227  N N    . LEU A 1 4  ? -4.171 0.670  3.224  1.00 0.00 ? 4  LEU A N    2  
ATOM   228  C CA   . LEU A 1 4  ? -4.535 2.064  3.488  1.00 0.00 ? 4  LEU A CA   2  
ATOM   229  C C    . LEU A 1 4  ? -3.694 3.017  2.699  1.00 0.00 ? 4  LEU A C    2  
ATOM   230  O O    . LEU A 1 4  ? -3.259 4.066  3.195  1.00 0.00 ? 4  LEU A O    2  
ATOM   231  C CB   . LEU A 1 4  ? -4.499 2.376  4.998  1.00 0.00 ? 4  LEU A CB   2  
ATOM   232  C CG   . LEU A 1 4  ? -5.557 1.659  5.846  1.00 0.00 ? 4  LEU A CG   2  
ATOM   233  C CD1  . LEU A 1 4  ? -5.019 1.384  7.241  1.00 0.00 ? 4  LEU A CD1  2  
ATOM   234  C CD2  . LEU A 1 4  ? -6.834 2.487  5.927  1.00 0.00 ? 4  LEU A CD2  2  
ATOM   235  H H    . LEU A 1 4  ? -3.227 0.432  3.182  1.00 0.00 ? 4  LEU A H    2  
ATOM   236  H HA   . LEU A 1 4  ? -5.505 2.205  3.118  1.00 0.00 ? 4  LEU A HA   2  
ATOM   237  H HB2  . LEU A 1 4  ? -3.524 2.105  5.375  1.00 0.00 ? 4  LEU A HB2  2  
ATOM   238  H HB3  . LEU A 1 4  ? -4.631 3.440  5.125  1.00 0.00 ? 4  LEU A HB3  2  
ATOM   239  H HG   . LEU A 1 4  ? -5.798 0.711  5.388  1.00 0.00 ? 4  LEU A HG   2  
ATOM   240  H HD11 . LEU A 1 4  ? -5.783 0.900  7.833  1.00 0.00 ? 4  LEU A HD11 2  
ATOM   241  H HD12 . LEU A 1 4  ? -4.739 2.316  7.710  1.00 0.00 ? 4  LEU A HD12 2  
ATOM   242  H HD13 . LEU A 1 4  ? -4.155 0.740  7.173  1.00 0.00 ? 4  LEU A HD13 2  
ATOM   243  H HD21 . LEU A 1 4  ? -6.617 3.442  6.383  1.00 0.00 ? 4  LEU A HD21 2  
ATOM   244  H HD22 . LEU A 1 4  ? -7.567 1.962  6.522  1.00 0.00 ? 4  LEU A HD22 2  
ATOM   245  H HD23 . LEU A 1 4  ? -7.226 2.643  4.932  1.00 0.00 ? 4  LEU A HD23 2  
ATOM   246  N N    . CYS A 1 5  ? -3.509 2.651  1.431  1.00 0.00 ? 5  CYS A N    2  
ATOM   247  C CA   . CYS A 1 5  ? -2.771 3.413  0.501  1.00 0.00 ? 5  CYS A CA   2  
ATOM   248  C C    . CYS A 1 5  ? -2.725 2.642  -0.799 1.00 0.00 ? 5  CYS A C    2  
ATOM   249  O O    . CYS A 1 5  ? -3.620 1.846  -1.107 1.00 0.00 ? 5  CYS A O    2  
ATOM   250  C CB   . CYS A 1 5  ? -1.374 3.624  1.057  1.00 0.00 ? 5  CYS A CB   2  
ATOM   251  S SG   . CYS A 1 5  ? -0.908 5.373  1.268  1.00 0.00 ? 5  CYS A SG   2  
ATOM   252  H H    . CYS A 1 5  ? -3.861 1.808  1.117  1.00 0.00 ? 5  CYS A H    2  
ATOM   253  H HA   . CYS A 1 5  ? -3.268 4.344  0.368  1.00 0.00 ? 5  CYS A HA   2  
ATOM   254  H HB2  . CYS A 1 5  ? -1.357 3.150  2.032  1.00 0.00 ? 5  CYS A HB2  2  
ATOM   255  H HB3  . CYS A 1 5  ? -0.651 3.145  0.402  1.00 0.00 ? 5  CYS A HB3  2  
ATOM   256  N N    . CYS A 1 6  ? -1.684 2.898  -1.549 1.00 0.00 ? 6  CYS A N    2  
ATOM   257  C CA   . CYS A 1 6  ? -1.432 2.215  -2.798 1.00 0.00 ? 6  CYS A CA   2  
ATOM   258  C C    . CYS A 1 6  ? 0.058  2.142  -3.064 1.00 0.00 ? 6  CYS A C    2  
ATOM   259  O O    . CYS A 1 6  ? 0.608  2.741  -3.997 1.00 0.00 ? 6  CYS A O    2  
ATOM   260  C CB   . CYS A 1 6  ? -2.212 2.826  -3.978 1.00 0.00 ? 6  CYS A CB   2  
ATOM   261  S SG   . CYS A 1 6  ? -2.139 1.841  -5.509 1.00 0.00 ? 6  CYS A SG   2  
ATOM   262  H H    . CYS A 1 6  ? -1.063 3.553  -1.229 1.00 0.00 ? 6  CYS A H    2  
ATOM   263  H HA   . CYS A 1 6  ? -1.756 1.209  -2.622 1.00 0.00 ? 6  CYS A HA   2  
ATOM   264  H HB2  . CYS A 1 6  ? -3.251 2.922  -3.701 1.00 0.00 ? 6  CYS A HB2  2  
ATOM   265  H HB3  . CYS A 1 6  ? -1.812 3.804  -4.197 1.00 0.00 ? 6  CYS A HB3  2  
ATOM   266  N N    . ASN A 1 7  ? 0.680  1.389  -2.178 1.00 0.00 ? 7  ASN A N    2  
ATOM   267  C CA   . ASN A 1 7  ? 2.106  1.115  -2.188 1.00 0.00 ? 7  ASN A CA   2  
ATOM   268  C C    . ASN A 1 7  ? 2.454  -0.053 -3.107 1.00 0.00 ? 7  ASN A C    2  
ATOM   269  O O    . ASN A 1 7  ? 1.744  -1.062 -3.097 1.00 0.00 ? 7  ASN A O    2  
ATOM   270  C CB   . ASN A 1 7  ? 2.515  0.759  -0.776 1.00 0.00 ? 7  ASN A CB   2  
ATOM   271  C CG   . ASN A 1 7  ? 2.825  1.969  0.097  1.00 0.00 ? 7  ASN A CG   2  
ATOM   272  O OD1  . ASN A 1 7  ? 3.739  1.927  0.921  1.00 0.00 ? 7  ASN A OD1  2  
ATOM   273  N ND2  . ASN A 1 7  ? 2.061  3.048  -0.064 1.00 0.00 ? 7  ASN A ND2  2  
ATOM   274  H H    . ASN A 1 7  ? 0.142  1.016  -1.445 1.00 0.00 ? 7  ASN A H    2  
ATOM   275  H HA   . ASN A 1 7  ? 2.639  1.987  -2.500 1.00 0.00 ? 7  ASN A HA   2  
ATOM   276  H HB2  . ASN A 1 7  ? 1.696  0.208  -0.323 1.00 0.00 ? 7  ASN A HB2  2  
ATOM   277  H HB3  . ASN A 1 7  ? 3.390  0.129  -0.824 1.00 0.00 ? 7  ASN A HB3  2  
ATOM   278  H HD21 . ASN A 1 7  ? 1.343  3.012  -0.730 1.00 0.00 ? 7  ASN A HD21 2  
ATOM   279  H HD22 . ASN A 1 7  ? 2.249  3.834  0.490  1.00 0.00 ? 7  ASN A HD22 2  
ATOM   280  N N    . PRO A 1 8  ? 3.540  0.052  -3.933 1.00 0.00 ? 8  PRO A N    2  
ATOM   281  C CA   . PRO A 1 8  ? 3.947  -1.055 -4.795 1.00 0.00 ? 8  PRO A CA   2  
ATOM   282  C C    . PRO A 1 8  ? 4.598  -2.153 -4.005 1.00 0.00 ? 8  PRO A C    2  
ATOM   283  O O    . PRO A 1 8  ? 5.818  -2.243 -3.823 1.00 0.00 ? 8  PRO A O    2  
ATOM   284  C CB   . PRO A 1 8  ? 4.872  -0.412 -5.833 1.00 0.00 ? 8  PRO A CB   2  
ATOM   285  C CG   . PRO A 1 8  ? 5.423  0.809  -5.165 1.00 0.00 ? 8  PRO A CG   2  
ATOM   286  C CD   . PRO A 1 8  ? 4.412  1.243  -4.123 1.00 0.00 ? 8  PRO A CD   2  
ATOM   287  H HA   . PRO A 1 8  ? 3.089  -1.510 -5.263 1.00 0.00 ? 8  PRO A HA   2  
ATOM   288  H HB2  . PRO A 1 8  ? 5.654  -1.114 -6.100 1.00 0.00 ? 8  PRO A HB2  2  
ATOM   289  H HB3  . PRO A 1 8  ? 4.304  -0.144 -6.711 1.00 0.00 ? 8  PRO A HB3  2  
ATOM   290  H HG2  . PRO A 1 8  ? 6.367  0.569  -4.694 1.00 0.00 ? 8  PRO A HG2  2  
ATOM   291  H HG3  . PRO A 1 8  ? 5.558  1.595  -5.892 1.00 0.00 ? 8  PRO A HG3  2  
ATOM   292  H HD2  . PRO A 1 8  ? 4.909  1.502  -3.200 1.00 0.00 ? 8  PRO A HD2  2  
ATOM   293  H HD3  . PRO A 1 8  ? 3.836  2.083  -4.486 1.00 0.00 ? 8  PRO A HD3  2  
ATOM   294  N N    . ALA A 1 9  ? 3.682  -2.968 -3.520 1.00 0.00 ? 9  ALA A N    2  
ATOM   295  C CA   . ALA A 1 9  ? 3.935  -4.126 -2.710 1.00 0.00 ? 9  ALA A CA   2  
ATOM   296  C C    . ALA A 1 9  ? 4.535  -3.778 -1.326 1.00 0.00 ? 9  ALA A C    2  
ATOM   297  O O    . ALA A 1 9  ? 5.094  -4.654 -0.654 1.00 0.00 ? 9  ALA A O    2  
ATOM   298  C CB   . ALA A 1 9  ? 4.794  -5.161 -3.450 1.00 0.00 ? 9  ALA A CB   2  
ATOM   299  H H    . ALA A 1 9  ? 2.747  -2.766 -3.733 1.00 0.00 ? 9  ALA A H    2  
ATOM   300  H HA   . ALA A 1 9  ? 2.966  -4.550 -2.572 1.00 0.00 ? 9  ALA A HA   2  
ATOM   301  H HB1  . ALA A 1 9  ? 5.786  -4.762 -3.602 1.00 0.00 ? 9  ALA A HB1  2  
ATOM   302  H HB2  . ALA A 1 9  ? 4.345  -5.383 -4.406 1.00 0.00 ? 9  ALA A HB2  2  
ATOM   303  H HB3  . ALA A 1 9  ? 4.855  -6.065 -2.863 1.00 0.00 ? 9  ALA A HB3  2  
HETATM 304  N N    . CY1 A 1 10 ? 4.396  -2.504 -0.885 1.00 0.00 ? 10 CY1 A N    2  
HETATM 305  C CA   . CY1 A 1 10 ? 4.959  -2.104 0.411  1.00 0.00 ? 10 CY1 A CA   2  
HETATM 306  C CB   . CY1 A 1 10 ? 5.421  -0.666 0.371  1.00 0.00 ? 10 CY1 A CB   2  
HETATM 307  S SG   . CY1 A 1 10 ? 6.571  -0.152 1.698  1.00 0.00 ? 10 CY1 A SG   2  
HETATM 308  C CD   . CY1 A 1 10 ? 6.931  1.560  1.161  1.00 0.00 ? 10 CY1 A CD   2  
HETATM 309  N NE   . CY1 A 1 10 ? 7.916  2.164  2.070  1.00 0.00 ? 10 CY1 A NE   2  
HETATM 310  C CZ   . CY1 A 1 10 ? 8.401  3.398  1.873  1.00 0.00 ? 10 CY1 A CZ   2  
HETATM 311  O OAC  . CY1 A 1 10 ? 8.076  4.122  0.933  1.00 0.00 ? 10 CY1 A OAC  2  
HETATM 312  C CM   . CY1 A 1 10 ? 9.418  3.868  2.914  1.00 0.00 ? 10 CY1 A CM   2  
HETATM 313  C C    . CY1 A 1 10 ? 3.957  -2.261 1.537  1.00 0.00 ? 10 CY1 A C    2  
HETATM 314  O O    . CY1 A 1 10 ? 4.225  -2.910 2.552  1.00 0.00 ? 10 CY1 A O    2  
HETATM 315  H H    . CY1 A 1 10 ? 3.827  -1.850 -1.370 1.00 0.00 ? 10 CY1 A H    2  
HETATM 316  H HA   . CY1 A 1 10 ? 5.801  -2.734 0.610  1.00 0.00 ? 10 CY1 A HA   2  
HETATM 317  H HB2  . CY1 A 1 10 ? 5.656  -0.277 -0.569 1.00 0.00 ? 10 CY1 A HB2  2  
HETATM 318  H HB3  . CY1 A 1 10 ? 4.397  -0.170 0.504  1.00 0.00 ? 10 CY1 A HB3  2  
HETATM 319  H HD2  . CY1 A 1 10 ? 6.013  2.147  1.177  1.00 0.00 ? 10 CY1 A HD2  2  
HETATM 320  H HD3  . CY1 A 1 10 ? 7.330  1.543  0.148  1.00 0.00 ? 10 CY1 A HD3  2  
HETATM 321  H HE   . CY1 A 1 10 ? 8.194  1.587  2.837  1.00 0.00 ? 10 CY1 A HE   2  
HETATM 322  H HM1  . CY1 A 1 10 ? 10.123 4.558  2.450  1.00 0.00 ? 10 CY1 A HM1  2  
HETATM 323  H HM2  . CY1 A 1 10 ? 9.957  3.007  3.311  1.00 0.00 ? 10 CY1 A HM2  2  
HETATM 324  H HM3  . CY1 A 1 10 ? 8.896  4.373  3.727  1.00 0.00 ? 10 CY1 A HM3  2  
ATOM   325  N N    . THR A 1 11 ? 2.793  -1.644 1.322  1.00 0.00 ? 11 THR A N    2  
ATOM   326  C CA   . THR A 1 11 ? 1.668  -1.604 2.233  1.00 0.00 ? 11 THR A CA   2  
ATOM   327  C C    . THR A 1 11 ? 2.024  -0.925 3.531  1.00 0.00 ? 11 THR A C    2  
ATOM   328  O O    . THR A 1 11 ? 2.283  -1.558 4.564  1.00 0.00 ? 11 THR A O    2  
ATOM   329  C CB   . THR A 1 11 ? 1.021  -2.984 2.453  1.00 0.00 ? 11 THR A CB   2  
ATOM   330  O OG1  . THR A 1 11 ? 0.906  -3.682 1.207  1.00 0.00 ? 11 THR A OG1  2  
ATOM   331  C CG2  . THR A 1 11 ? -0.357 -2.886 3.109  1.00 0.00 ? 11 THR A CG2  2  
ATOM   332  H H    . THR A 1 11 ? 2.812  -1.022 0.577  1.00 0.00 ? 11 THR A H    2  
ATOM   333  H HA   . THR A 1 11 ? 0.965  -0.979 1.781  1.00 0.00 ? 11 THR A HA   2  
ATOM   334  H HB   . THR A 1 11 ? 1.669  -3.523 3.090  1.00 0.00 ? 11 THR A HB   2  
ATOM   335  H HG1  . THR A 1 11 ? 0.257  -4.385 1.291  1.00 0.00 ? 11 THR A HG1  2  
ATOM   336  H HG21 . THR A 1 11 ? -0.241 -2.624 4.151  1.00 0.00 ? 11 THR A HG21 2  
ATOM   337  H HG22 . THR A 1 11 ? -0.863 -3.837 3.031  1.00 0.00 ? 11 THR A HG22 2  
ATOM   338  H HG23 . THR A 1 11 ? -0.940 -2.126 2.612  1.00 0.00 ? 11 THR A HG23 2  
ATOM   339  N N    . GLY A 1 12 ? 2.053  0.389  3.423  1.00 0.00 ? 12 GLY A N    2  
ATOM   340  C CA   . GLY A 1 12 ? 2.350  1.209  4.560  1.00 0.00 ? 12 GLY A CA   2  
ATOM   341  C C    . GLY A 1 12 ? 2.491  2.676  4.250  1.00 0.00 ? 12 GLY A C    2  
ATOM   342  O O    . GLY A 1 12 ? 3.218  3.409  4.926  1.00 0.00 ? 12 GLY A O    2  
ATOM   343  H H    . GLY A 1 12 ? 1.913  0.792  2.539  1.00 0.00 ? 12 GLY A H    2  
ATOM   344  H HA2  . GLY A 1 12 ? 1.569  1.076  5.293  1.00 0.00 ? 12 GLY A HA2  2  
ATOM   345  H HA3  . GLY A 1 12 ? 3.258  0.859  4.934  1.00 0.00 ? 12 GLY A HA3  2  
ATOM   346  N N    . CYS A 1 13 ? 1.773  3.073  3.224  1.00 0.00 ? 13 CYS A N    2  
ATOM   347  C CA   . CYS A 1 13 ? 1.726  4.457  2.696  1.00 0.00 ? 13 CYS A CA   2  
ATOM   348  C C    . CYS A 1 13 ? 3.120  5.009  2.355  1.00 0.00 ? 13 CYS A C    2  
ATOM   349  O O    . CYS A 1 13 ? 3.419  5.144  1.151  1.00 0.00 ? 13 CYS A O    2  
ATOM   350  C CB   . CYS A 1 13 ? 0.987  5.408  3.654  1.00 0.00 ? 13 CYS A CB   2  
ATOM   351  S SG   . CYS A 1 13 ? -0.790 5.596  3.287  1.00 0.00 ? 13 CYS A SG   2  
ATOM   352  O OXT  . CYS A 1 13 ? 3.900  5.293  3.291  1.00 0.00 ? 13 CYS A OXT  2  
ATOM   353  H H    . CYS A 1 13 ? 1.243  2.389  2.797  1.00 0.00 ? 13 CYS A H    2  
ATOM   354  H HA   . CYS A 1 13 ? 1.159  4.411  1.776  1.00 0.00 ? 13 CYS A HA   2  
ATOM   355  H HB2  . CYS A 1 13 ? 1.075  5.033  4.662  1.00 0.00 ? 13 CYS A HB2  2  
ATOM   356  H HB3  . CYS A 1 13 ? 1.441  6.387  3.599  1.00 0.00 ? 13 CYS A HB3  2  
ATOM   357  N N    . CYS A 1 1  ? -5.449 0.531  -2.529 1.00 0.00 ? 1  CYS A N    3  
ATOM   358  C CA   . CYS A 1 1  ? -5.054 -0.448 -3.576 1.00 0.00 ? 1  CYS A CA   3  
ATOM   359  C C    . CYS A 1 1  ? -4.371 -1.669 -2.961 1.00 0.00 ? 1  CYS A C    3  
ATOM   360  O O    . CYS A 1 1  ? -4.594 -2.798 -3.410 1.00 0.00 ? 1  CYS A O    3  
ATOM   361  C CB   . CYS A 1 1  ? -4.117 0.213  -4.592 1.00 0.00 ? 1  CYS A CB   3  
ATOM   362  S SG   . CYS A 1 1  ? -4.652 1.868  -5.132 1.00 0.00 ? 1  CYS A SG   3  
ATOM   363  H H1   . CYS A 1 1  ? -6.117 0.091  -1.864 1.00 0.00 ? 1  CYS A H1   3  
ATOM   364  H H2   . CYS A 1 1  ? -5.904 1.358  -2.966 1.00 0.00 ? 1  CYS A H2   3  
ATOM   365  H H3   . CYS A 1 1  ? -4.611 0.849  -2.002 1.00 0.00 ? 1  CYS A H3   3  
ATOM   366  H HA   . CYS A 1 1  ? -5.949 -0.775 -4.086 1.00 0.00 ? 1  CYS A HA   3  
ATOM   367  H HB2  . CYS A 1 1  ? -3.135 0.311  -4.154 1.00 0.00 ? 1  CYS A HB2  3  
ATOM   368  H HB3  . CYS A 1 1  ? -4.051 -0.415 -5.470 1.00 0.00 ? 1  CYS A HB3  3  
HETATM 369  N N    . CY1 A 1 2  ? -3.542 -1.434 -1.935 1.00 0.00 ? 2  CY1 A N    3  
HETATM 370  C CA   . CY1 A 1 2  ? -2.819 -2.506 -1.250 1.00 0.00 ? 2  CY1 A CA   3  
HETATM 371  C CB   . CY1 A 1 2  ? -1.396 -2.091 -0.985 1.00 0.00 ? 2  CY1 A CB   3  
HETATM 372  S SG   . CY1 A 1 2  ? -0.300 -3.378 -0.284 1.00 0.00 ? 2  CY1 A SG   3  
HETATM 373  C CD   . CY1 A 1 2  ? 0.003  -4.397 -1.774 1.00 0.00 ? 2  CY1 A CD   3  
HETATM 374  N NE   . CY1 A 1 2  ? -1.309 -4.874 -2.232 1.00 0.00 ? 2  CY1 A NE   3  
HETATM 375  C CZ   . CY1 A 1 2  ? -1.613 -6.177 -2.284 1.00 0.00 ? 2  CY1 A CZ   3  
HETATM 376  O OAC  . CY1 A 1 2  ? -0.839 -7.077 -1.961 1.00 0.00 ? 2  CY1 A OAC  3  
HETATM 377  C CM   . CY1 A 1 2  ? -3.023 -6.493 -2.787 1.00 0.00 ? 2  CY1 A CM   3  
HETATM 378  C C    . CY1 A 1 2  ? -3.532 -2.904 0.049  1.00 0.00 ? 2  CY1 A C    3  
HETATM 379  O O    . CY1 A 1 2  ? -4.019 -4.032 0.166  1.00 0.00 ? 2  CY1 A O    3  
HETATM 380  H H    . CY1 A 1 2  ? -3.102 -0.951 -2.665 1.00 0.00 ? 2  CY1 A H    3  
HETATM 381  H HA   . CY1 A 1 2  ? -2.800 -3.350 -1.899 1.00 0.00 ? 2  CY1 A HA   3  
HETATM 382  H HB2  . CY1 A 1 2  ? -0.930 -1.515 -1.740 1.00 0.00 ? 2  CY1 A HB2  3  
HETATM 383  H HB3  . CY1 A 1 2  ? -1.615 -1.263 -0.239 1.00 0.00 ? 2  CY1 A HB3  3  
HETATM 384  H HD2  . CY1 A 1 2  ? 0.393  -3.757 -2.568 1.00 0.00 ? 2  CY1 A HD2  3  
HETATM 385  H HD3  . CY1 A 1 2  ? 0.598  -5.287 -1.580 1.00 0.00 ? 2  CY1 A HD3  3  
HETATM 386  H HE   . CY1 A 1 2  ? -1.942 -4.155 -2.523 1.00 0.00 ? 2  CY1 A HE   3  
HETATM 387  H HM1  . CY1 A 1 2  ? -3.381 -7.409 -2.317 1.00 0.00 ? 2  CY1 A HM1  3  
HETATM 388  H HM2  . CY1 A 1 2  ? -3.005 -6.620 -3.868 1.00 0.00 ? 2  CY1 A HM2  3  
HETATM 389  H HM3  . CY1 A 1 2  ? -3.690 -5.668 -2.532 1.00 0.00 ? 2  CY1 A HM3  3  
ATOM   390  N N    . GLU A 1 3  ? -3.590 -1.973 1.024  1.00 0.00 ? 3  GLU A N    3  
ATOM   391  C CA   . GLU A 1 3  ? -4.248 -2.210 2.318  1.00 0.00 ? 3  GLU A CA   3  
ATOM   392  C C    . GLU A 1 3  ? -4.723 -0.887 2.938  1.00 0.00 ? 3  GLU A C    3  
ATOM   393  O O    . GLU A 1 3  ? -5.914 -0.731 3.227  1.00 0.00 ? 3  GLU A O    3  
ATOM   394  C CB   . GLU A 1 3  ? -3.307 -2.952 3.290  1.00 0.00 ? 3  GLU A CB   3  
ATOM   395  C CG   . GLU A 1 3  ? -4.033 -3.857 4.279  1.00 0.00 ? 3  GLU A CG   3  
ATOM   396  C CD   . GLU A 1 3  ? -3.081 -4.583 5.210  1.00 0.00 ? 3  GLU A CD   3  
ATOM   397  O OE1  . GLU A 1 3  ? -2.776 -4.038 6.290  1.00 0.00 ? 3  GLU A OE1  3  
ATOM   398  O OE2  . GLU A 1 3  ? -2.641 -5.698 4.858  1.00 0.00 ? 3  GLU A OE2  3  
ATOM   399  H H    . GLU A 1 3  ? -3.142 -1.116 0.865  1.00 0.00 ? 3  GLU A H    3  
ATOM   400  H HA   . GLU A 1 3  ? -5.114 -2.829 2.131  1.00 0.00 ? 3  GLU A HA   3  
ATOM   401  H HB2  . GLU A 1 3  ? -2.624 -3.563 2.713  1.00 0.00 ? 3  GLU A HB2  3  
ATOM   402  H HB3  . GLU A 1 3  ? -2.741 -2.219 3.854  1.00 0.00 ? 3  GLU A HB3  3  
ATOM   403  H HG2  . GLU A 1 3  ? -4.703 -3.255 4.874  1.00 0.00 ? 3  GLU A HG2  3  
ATOM   404  H HG3  . GLU A 1 3  ? -4.602 -4.589 3.726  1.00 0.00 ? 3  GLU A HG3  3  
ATOM   405  N N    . LEU A 1 4  ? -3.787 0.056  3.140  1.00 0.00 ? 4  LEU A N    3  
ATOM   406  C CA   . LEU A 1 4  ? -4.105 1.368  3.722  1.00 0.00 ? 4  LEU A CA   3  
ATOM   407  C C    . LEU A 1 4  ? -3.424 2.488  2.995  1.00 0.00 ? 4  LEU A C    3  
ATOM   408  O O    . LEU A 1 4  ? -3.063 3.519  3.581  1.00 0.00 ? 4  LEU A O    3  
ATOM   409  C CB   . LEU A 1 4  ? -3.830 1.397  5.245  1.00 0.00 ? 4  LEU A CB   3  
ATOM   410  C CG   . LEU A 1 4  ? -2.447 0.899  5.694  1.00 0.00 ? 4  LEU A CG   3  
ATOM   411  C CD1  . LEU A 1 4  ? -1.443 2.043  5.738  1.00 0.00 ? 4  LEU A CD1  3  
ATOM   412  C CD2  . LEU A 1 4  ? -2.541 0.218  7.052  1.00 0.00 ? 4  LEU A CD2  3  
ATOM   413  H H    . LEU A 1 4  ? -2.865 -0.132 2.886  1.00 0.00 ? 4  LEU A H    3  
ATOM   414  H HA   . LEU A 1 4  ? -5.121 1.538  3.548  1.00 0.00 ? 4  LEU A HA   3  
ATOM   415  H HB2  . LEU A 1 4  ? -3.945 2.415  5.586  1.00 0.00 ? 4  LEU A HB2  3  
ATOM   416  H HB3  . LEU A 1 4  ? -4.580 0.790  5.732  1.00 0.00 ? 4  LEU A HB3  3  
ATOM   417  H HG   . LEU A 1 4  ? -2.091 0.172  4.979  1.00 0.00 ? 4  LEU A HG   3  
ATOM   418  H HD11 . LEU A 1 4  ? -0.478 1.664  6.043  1.00 0.00 ? 4  LEU A HD11 3  
ATOM   419  H HD12 . LEU A 1 4  ? -1.777 2.788  6.445  1.00 0.00 ? 4  LEU A HD12 3  
ATOM   420  H HD13 . LEU A 1 4  ? -1.362 2.489  4.758  1.00 0.00 ? 4  LEU A HD13 3  
ATOM   421  H HD21 . LEU A 1 4  ? -1.559 -0.113 7.357  1.00 0.00 ? 4  LEU A HD21 3  
ATOM   422  H HD22 . LEU A 1 4  ? -3.204 -0.632 6.984  1.00 0.00 ? 4  LEU A HD22 3  
ATOM   423  H HD23 . LEU A 1 4  ? -2.926 0.918  7.780  1.00 0.00 ? 4  LEU A HD23 3  
ATOM   424  N N    . CYS A 1 5  ? -3.303 2.286  1.687  1.00 0.00 ? 5  CYS A N    3  
ATOM   425  C CA   . CYS A 1 5  ? -2.719 3.223  0.808  1.00 0.00 ? 5  CYS A CA   3  
ATOM   426  C C    . CYS A 1 5  ? -2.721 2.616  -0.573 1.00 0.00 ? 5  CYS A C    3  
ATOM   427  O O    . CYS A 1 5  ? -3.618 1.845  -0.931 1.00 0.00 ? 5  CYS A O    3  
ATOM   428  C CB   . CYS A 1 5  ? -1.305 3.505  1.280  1.00 0.00 ? 5  CYS A CB   3  
ATOM   429  S SG   . CYS A 1 5  ? -0.943 5.270  1.552  1.00 0.00 ? 5  CYS A SG   3  
ATOM   430  H H    . CYS A 1 5  ? -3.586 1.445  1.303  1.00 0.00 ? 5  CYS A H    3  
ATOM   431  H HA   . CYS A 1 5  ? -3.308 4.108  0.831  1.00 0.00 ? 5  CYS A HA   3  
ATOM   432  H HB2  . CYS A 1 5  ? -1.191 2.985  2.221  1.00 0.00 ? 5  CYS A HB2  3  
ATOM   433  H HB3  . CYS A 1 5  ? -0.601 3.107  0.557  1.00 0.00 ? 5  CYS A HB3  3  
ATOM   434  N N    . CYS A 1 6  ? -1.721 2.976  -1.332 1.00 0.00 ? 6  CYS A N    3  
ATOM   435  C CA   . CYS A 1 6  ? -1.531 2.438  -2.653 1.00 0.00 ? 6  CYS A CA   3  
ATOM   436  C C    . CYS A 1 6  ? -0.059 2.325  -2.975 1.00 0.00 ? 6  CYS A C    3  
ATOM   437  O O    . CYS A 1 6  ? 0.499  2.997  -3.852 1.00 0.00 ? 6  CYS A O    3  
ATOM   438  C CB   . CYS A 1 6  ? -2.313 3.206  -3.734 1.00 0.00 ? 6  CYS A CB   3  
ATOM   439  S SG   . CYS A 1 6  ? -4.125 3.073  -3.583 1.00 0.00 ? 6  CYS A SG   3  
ATOM   440  H H    . CYS A 1 6  ? -1.094 3.601  -0.975 1.00 0.00 ? 6  CYS A H    3  
ATOM   441  H HA   . CYS A 1 6  ? -1.893 1.438  -2.573 1.00 0.00 ? 6  CYS A HA   3  
ATOM   442  H HB2  . CYS A 1 6  ? -2.057 4.254  -3.676 1.00 0.00 ? 6  CYS A HB2  3  
ATOM   443  H HB3  . CYS A 1 6  ? -2.034 2.827  -4.707 1.00 0.00 ? 6  CYS A HB3  3  
ATOM   444  N N    . ASN A 1 7  ? 0.541  1.449  -2.200 1.00 0.00 ? 7  ASN A N    3  
ATOM   445  C CA   . ASN A 1 7  ? 1.945  1.111  -2.288 1.00 0.00 ? 7  ASN A CA   3  
ATOM   446  C C    . ASN A 1 7  ? 2.166  -0.162 -3.100 1.00 0.00 ? 7  ASN A C    3  
ATOM   447  O O    . ASN A 1 7  ? 1.511  -1.177 -2.831 1.00 0.00 ? 7  ASN A O    3  
ATOM   448  C CB   . ASN A 1 7  ? 2.451  0.888  -0.890 1.00 0.00 ? 7  ASN A CB   3  
ATOM   449  C CG   . ASN A 1 7  ? 2.916  2.169  -0.229 1.00 0.00 ? 7  ASN A CG   3  
ATOM   450  O OD1  . ASN A 1 7  ? 4.103  2.495  -0.245 1.00 0.00 ? 7  ASN A OD1  3  
ATOM   451  N ND2  . ASN A 1 7  ? 1.978  2.908  0.346  1.00 0.00 ? 7  ASN A ND2  3  
ATOM   452  H H    . ASN A 1 7  ? 0.003  1.030  -1.493 1.00 0.00 ? 7  ASN A H    3  
ATOM   453  H HA   . ASN A 1 7  ? 2.483  1.919  -2.736 1.00 0.00 ? 7  ASN A HA   3  
ATOM   454  H HB2  . ASN A 1 7  ? 1.641  0.465  -0.305 1.00 0.00 ? 7  ASN A HB2  3  
ATOM   455  H HB3  . ASN A 1 7  ? 3.274  0.193  -0.928 1.00 0.00 ? 7  ASN A HB3  3  
ATOM   456  H HD21 . ASN A 1 7  ? 1.052  2.590  0.313  1.00 0.00 ? 7  ASN A HD21 3  
ATOM   457  H HD22 . ASN A 1 7  ? 2.249  3.744  0.780  1.00 0.00 ? 7  ASN A HD22 3  
ATOM   458  N N    . PRO A 1 8  ? 3.077  -0.149 -4.118 1.00 0.00 ? 8  PRO A N    3  
ATOM   459  C CA   . PRO A 1 8  ? 3.364  -1.352 -4.893 1.00 0.00 ? 8  PRO A CA   3  
ATOM   460  C C    . PRO A 1 8  ? 4.216  -2.318 -4.116 1.00 0.00 ? 8  PRO A C    3  
ATOM   461  O O    . PRO A 1 8  ? 5.453  -2.321 -4.145 1.00 0.00 ? 8  PRO A O    3  
ATOM   462  C CB   . PRO A 1 8  ? 4.035  -0.833 -6.170 1.00 0.00 ? 8  PRO A CB   3  
ATOM   463  C CG   . PRO A 1 8  ? 4.642  0.482  -5.789 1.00 0.00 ? 8  PRO A CG   3  
ATOM   464  C CD   . PRO A 1 8  ? 3.851  1.020  -4.614 1.00 0.00 ? 8  PRO A CD   3  
ATOM   465  H HA   . PRO A 1 8  ? 2.455  -1.889 -5.122 1.00 0.00 ? 8  PRO A HA   3  
ATOM   466  H HB2  . PRO A 1 8  ? 4.785  -1.545 -6.495 1.00 0.00 ? 8  PRO A HB2  3  
ATOM   467  H HB3  . PRO A 1 8  ? 3.294  -0.704 -6.941 1.00 0.00 ? 8  PRO A HB3  3  
ATOM   468  H HG2  . PRO A 1 8  ? 5.677  0.335  -5.510 1.00 0.00 ? 8  PRO A HG2  3  
ATOM   469  H HG3  . PRO A 1 8  ? 4.576  1.169  -6.620 1.00 0.00 ? 8  PRO A HG3  3  
ATOM   470  H HD2  . PRO A 1 8  ? 4.518  1.388  -3.848 1.00 0.00 ? 8  PRO A HD2  3  
ATOM   471  H HD3  . PRO A 1 8  ? 3.186  1.807  -4.940 1.00 0.00 ? 8  PRO A HD3  3  
ATOM   472  N N    . ALA A 1 9  ? 3.458  -3.116 -3.387 1.00 0.00 ? 9  ALA A N    3  
ATOM   473  C CA   . ALA A 1 9  ? 3.929  -4.167 -2.522 1.00 0.00 ? 9  ALA A CA   3  
ATOM   474  C C    . ALA A 1 9  ? 4.612  -3.645 -1.235 1.00 0.00 ? 9  ALA A C    3  
ATOM   475  O O    . ALA A 1 9  ? 5.310  -4.409 -0.553 1.00 0.00 ? 9  ALA A O    3  
ATOM   476  C CB   . ALA A 1 9  ? 4.825  -5.166 -3.268 1.00 0.00 ? 9  ALA A CB   3  
ATOM   477  H H    . ALA A 1 9  ? 2.489  -2.984 -3.441 1.00 0.00 ? 9  ALA A H    3  
ATOM   478  H HA   . ALA A 1 9  ? 3.036  -4.683 -2.250 1.00 0.00 ? 9  ALA A HA   3  
ATOM   479  H HB1  . ALA A 1 9  ? 5.747  -4.680 -3.553 1.00 0.00 ? 9  ALA A HB1  3  
ATOM   480  H HB2  . ALA A 1 9  ? 4.315  -5.517 -4.152 1.00 0.00 ? 9  ALA A HB2  3  
ATOM   481  H HB3  . ALA A 1 9  ? 5.045  -6.005 -2.623 1.00 0.00 ? 9  ALA A HB3  3  
HETATM 482  N N    . CY1 A 1 10 ? 4.398  -2.355 -0.881 1.00 0.00 ? 10 CY1 A N    3  
HETATM 483  C CA   . CY1 A 1 10 ? 5.025  -1.808 0.332  1.00 0.00 ? 10 CY1 A CA   3  
HETATM 484  C CB   . CY1 A 1 10 ? 5.394  -0.356 0.145  1.00 0.00 ? 10 CY1 A CB   3  
HETATM 485  S SG   . CY1 A 1 10 ? 6.547  0.349  1.378  1.00 0.00 ? 10 CY1 A SG   3  
HETATM 486  C CD   . CY1 A 1 10 ? 7.983  -0.760 1.145  1.00 0.00 ? 10 CY1 A CD   3  
HETATM 487  N NE   . CY1 A 1 10 ? 9.057  -0.376 2.074  1.00 0.00 ? 10 CY1 A NE   3  
HETATM 488  C CZ   . CY1 A 1 10 ? 10.220 -1.040 2.128  1.00 0.00 ? 10 CY1 A CZ   3  
HETATM 489  O OAC  . CY1 A 1 10 ? 10.491 -2.010 1.423  1.00 0.00 ? 10 CY1 A OAC  3  
HETATM 490  C CM   . CY1 A 1 10 ? 11.222 -0.504 3.152  1.00 0.00 ? 10 CY1 A CM   3  
HETATM 491  C C    . CY1 A 1 10 ? 4.112  -1.920 1.533  1.00 0.00 ? 10 CY1 A C    3  
HETATM 492  O O    . CY1 A 1 10 ? 4.522  -2.345 2.616  1.00 0.00 ? 10 CY1 A O    3  
HETATM 493  H H    . CY1 A 1 10 ? 3.737  -1.792 -1.359 1.00 0.00 ? 10 CY1 A H    3  
HETATM 494  H HA   . CY1 A 1 10 ? 5.911  -2.368 0.522  1.00 0.00 ? 10 CY1 A HA   3  
HETATM 495  H HB2  . CY1 A 1 10 ? 5.575  -0.042 -0.834 1.00 0.00 ? 10 CY1 A HB2  3  
HETATM 496  H HB3  . CY1 A 1 10 ? 4.345  0.088  0.269  1.00 0.00 ? 10 CY1 A HB3  3  
HETATM 497  H HD2  . CY1 A 1 10 ? 8.343  -0.682 0.120  1.00 0.00 ? 10 CY1 A HD2  3  
HETATM 498  H HD3  . CY1 A 1 10 ? 7.680  -1.789 1.343  1.00 0.00 ? 10 CY1 A HD3  3  
HETATM 499  H HE   . CY1 A 1 10 ? 8.851  0.410  2.657  1.00 0.00 ? 10 CY1 A HE   3  
HETATM 500  H HM1  . CY1 A 1 10 ? 10.686 -0.058 3.990  1.00 0.00 ? 10 CY1 A HM1  3  
HETATM 501  H HM2  . CY1 A 1 10 ? 11.856 0.247  2.682  1.00 0.00 ? 10 CY1 A HM2  3  
HETATM 502  H HM3  . CY1 A 1 10 ? 11.843 -1.325 3.512  1.00 0.00 ? 10 CY1 A HM3  3  
ATOM   503  N N    . THR A 1 11 ? 2.860  -1.523 1.304  1.00 0.00 ? 11 THR A N    3  
ATOM   504  C CA   . THR A 1 11 ? 1.770  -1.481 2.273  1.00 0.00 ? 11 THR A CA   3  
ATOM   505  C C    . THR A 1 11 ? 2.169  -0.848 3.586  1.00 0.00 ? 11 THR A C    3  
ATOM   506  O O    . THR A 1 11 ? 2.422  -1.515 4.598  1.00 0.00 ? 11 THR A O    3  
ATOM   507  C CB   . THR A 1 11 ? 1.024  -2.847 2.464  1.00 0.00 ? 11 THR A CB   3  
ATOM   508  O OG1  . THR A 1 11 ? -0.056 -2.698 3.396  1.00 0.00 ? 11 THR A OG1  3  
ATOM   509  C CG2  . THR A 1 11 ? 1.942  -3.980 2.936  1.00 0.00 ? 11 THR A CG2  3  
ATOM   510  H H    . THR A 1 11 ? 2.906  -0.836 0.607  1.00 0.00 ? 11 THR A H    3  
ATOM   511  H HA   . THR A 1 11 ? 1.080  -0.787 1.852  1.00 0.00 ? 11 THR A HA   3  
ATOM   512  H HB   . THR A 1 11 ? 0.609  -3.127 1.508  1.00 0.00 ? 11 THR A HB   3  
ATOM   513  H HG1  . THR A 1 11 ? -0.421 -3.562 3.604  1.00 0.00 ? 11 THR A HG1  3  
ATOM   514  H HG21 . THR A 1 11 ? 1.366  -4.887 3.051  1.00 0.00 ? 11 THR A HG21 3  
ATOM   515  H HG22 . THR A 1 11 ? 2.385  -3.713 3.884  1.00 0.00 ? 11 THR A HG22 3  
ATOM   516  H HG23 . THR A 1 11 ? 2.722  -4.140 2.207  1.00 0.00 ? 11 THR A HG23 3  
ATOM   517  N N    . GLY A 1 12 ? 2.234  0.467  3.515  1.00 0.00 ? 12 GLY A N    3  
ATOM   518  C CA   . GLY A 1 12 ? 2.578  1.242  4.667  1.00 0.00 ? 12 GLY A CA   3  
ATOM   519  C C    . GLY A 1 12 ? 2.647  2.727  4.423  1.00 0.00 ? 12 GLY A C    3  
ATOM   520  O O    . GLY A 1 12 ? 3.360  3.461  5.112  1.00 0.00 ? 12 GLY A O    3  
ATOM   521  H H    . GLY A 1 12 ? 2.089  0.899  2.648  1.00 0.00 ? 12 GLY A H    3  
ATOM   522  H HA2  . GLY A 1 12 ? 1.854  1.046  5.443  1.00 0.00 ? 12 GLY A HA2  3  
ATOM   523  H HA3  . GLY A 1 12 ? 3.520  0.907  4.960  1.00 0.00 ? 12 GLY A HA3  3  
ATOM   524  N N    . CYS A 1 13 ? 1.882  3.136  3.437  1.00 0.00 ? 13 CYS A N    3  
ATOM   525  C CA   . CYS A 1 13 ? 1.755  4.536  2.971  1.00 0.00 ? 13 CYS A CA   3  
ATOM   526  C C    . CYS A 1 13 ? 3.115  5.195  2.686  1.00 0.00 ? 13 CYS A C    3  
ATOM   527  O O    . CYS A 1 13 ? 3.830  5.544  3.653  1.00 0.00 ? 13 CYS A O    3  
ATOM   528  C CB   . CYS A 1 13 ? 0.932  5.389  3.953  1.00 0.00 ? 13 CYS A CB   3  
ATOM   529  S SG   . CYS A 1 13 ? -0.853 5.433  3.578  1.00 0.00 ? 13 CYS A SG   3  
ATOM   530  O OXT  . CYS A 1 13 ? 3.451  5.354  1.493  1.00 0.00 ? 13 CYS A OXT  3  
ATOM   531  H H    . CYS A 1 13 ? 1.371  2.447  2.996  1.00 0.00 ? 13 CYS A H    3  
ATOM   532  H HA   . CYS A 1 13 ? 1.208  4.491  2.037  1.00 0.00 ? 13 CYS A HA   3  
ATOM   533  H HB2  . CYS A 1 13 ? 1.048  4.990  4.950  1.00 0.00 ? 13 CYS A HB2  3  
ATOM   534  H HB3  . CYS A 1 13 ? 1.299  6.406  3.932  1.00 0.00 ? 13 CYS A HB3  3  
ATOM   535  N N    . CYS A 1 1  ? -5.617 -0.720 -3.305 1.00 0.00 ? 1  CYS A N    4  
ATOM   536  C CA   . CYS A 1 1  ? -4.551 -1.634 -3.794 1.00 0.00 ? 1  CYS A CA   4  
ATOM   537  C C    . CYS A 1 1  ? -3.842 -2.315 -2.622 1.00 0.00 ? 1  CYS A C    4  
ATOM   538  O O    . CYS A 1 1  ? -3.575 -3.519 -2.664 1.00 0.00 ? 1  CYS A O    4  
ATOM   539  C CB   . CYS A 1 1  ? -3.525 -0.864 -4.642 1.00 0.00 ? 1  CYS A CB   4  
ATOM   540  S SG   . CYS A 1 1  ? -4.186 0.623  -5.467 1.00 0.00 ? 1  CYS A SG   4  
ATOM   541  H H1   . CYS A 1 1  ? -5.206 0.016  -2.695 1.00 0.00 ? 1  CYS A H1   4  
ATOM   542  H H2   . CYS A 1 1  ? -6.323 -1.253 -2.757 1.00 0.00 ? 1  CYS A H2   4  
ATOM   543  H H3   . CYS A 1 1  ? -6.094 -0.262 -4.108 1.00 0.00 ? 1  CYS A H3   4  
ATOM   544  H HA   . CYS A 1 1  ? -5.014 -2.395 -4.405 1.00 0.00 ? 1  CYS A HA   4  
ATOM   545  H HB2  . CYS A 1 1  ? -2.712 -0.549 -4.007 1.00 0.00 ? 1  CYS A HB2  4  
ATOM   546  H HB3  . CYS A 1 1  ? -3.140 -1.520 -5.409 1.00 0.00 ? 1  CYS A HB3  4  
HETATM 547  N N    . CY1 A 1 2  ? -3.547 -1.529 -1.580 1.00 0.00 ? 2  CY1 A N    4  
HETATM 548  C CA   . CY1 A 1 2  ? -2.870 -2.006 -0.374 1.00 0.00 ? 2  CY1 A CA   4  
HETATM 549  C CB   . CY1 A 1 2  ? -1.634 -1.188 -0.146 1.00 0.00 ? 2  CY1 A CB   4  
HETATM 550  S SG   . CY1 A 1 2  ? -0.413 -1.183 -1.509 1.00 0.00 ? 2  CY1 A SG   4  
HETATM 551  C CD   . CY1 A 1 2  ? 0.249  -2.883 -1.362 1.00 0.00 ? 2  CY1 A CD   4  
HETATM 552  N NE   . CY1 A 1 2  ? -0.882 -3.798 -1.566 1.00 0.00 ? 2  CY1 A NE   4  
HETATM 553  C CZ   . CY1 A 1 2  ? -0.767 -5.118 -1.367 1.00 0.00 ? 2  CY1 A CZ   4  
HETATM 554  O OAC  . CY1 A 1 2  ? 0.269  -5.671 -1.001 1.00 0.00 ? 2  CY1 A OAC  4  
HETATM 555  C CM   . CY1 A 1 2  ? -2.040 -5.928 -1.627 1.00 0.00 ? 2  CY1 A CM   4  
HETATM 556  C C    . CY1 A 1 2  ? -3.822 -1.947 0.834  1.00 0.00 ? 2  CY1 A C    4  
HETATM 557  O O    . CY1 A 1 2  ? -5.044 -1.985 0.657  1.00 0.00 ? 2  CY1 A O    4  
HETATM 558  H H    . CY1 A 1 2  ? -3.013 -1.301 -2.371 1.00 0.00 ? 2  CY1 A H    4  
HETATM 559  H HA   . CY1 A 1 2  ? -2.568 -3.010 -0.534 1.00 0.00 ? 2  CY1 A HA   4  
HETATM 560  H HB2  . CY1 A 1 2  ? -1.806 -0.250 0.251  1.00 0.00 ? 2  CY1 A HB2  4  
HETATM 561  H HB3  . CY1 A 1 2  ? -1.235 -1.713 0.797  1.00 0.00 ? 2  CY1 A HB3  4  
HETATM 562  H HD2  . CY1 A 1 2  ? 0.943  -3.064 -2.185 1.00 0.00 ? 2  CY1 A HD2  4  
HETATM 563  H HD3  . CY1 A 1 2  ? 0.650  -3.111 -0.377 1.00 0.00 ? 2  CY1 A HD3  4  
HETATM 564  H HE   . CY1 A 1 2  ? -1.730 -3.364 -1.872 1.00 0.00 ? 2  CY1 A HE   4  
HETATM 565  H HM1  . CY1 A 1 2  ? -2.582 -5.498 -2.469 1.00 0.00 ? 2  CY1 A HM1  4  
HETATM 566  H HM2  . CY1 A 1 2  ? -2.671 -5.908 -0.738 1.00 0.00 ? 2  CY1 A HM2  4  
HETATM 567  H HM3  . CY1 A 1 2  ? -1.771 -6.960 -1.854 1.00 0.00 ? 2  CY1 A HM3  4  
ATOM   568  N N    . GLU A 1 3  ? -3.263 -1.859 2.056  1.00 0.00 ? 3  GLU A N    4  
ATOM   569  C CA   . GLU A 1 3  ? -4.056 -1.799 3.291  1.00 0.00 ? 3  GLU A CA   4  
ATOM   570  C C    . GLU A 1 3  ? -4.627 -0.395 3.532  1.00 0.00 ? 3  GLU A C    4  
ATOM   571  O O    . GLU A 1 3  ? -5.827 -0.250 3.782  1.00 0.00 ? 3  GLU A O    4  
ATOM   572  C CB   . GLU A 1 3  ? -3.213 -2.247 4.497  1.00 0.00 ? 3  GLU A CB   4  
ATOM   573  C CG   . GLU A 1 3  ? -2.946 -3.750 4.548  1.00 0.00 ? 3  GLU A CG   4  
ATOM   574  C CD   . GLU A 1 3  ? -4.129 -4.547 5.069  1.00 0.00 ? 3  GLU A CD   4  
ATOM   575  O OE1  . GLU A 1 3  ? -4.975 -4.960 4.248  1.00 0.00 ? 3  GLU A OE1  4  
ATOM   576  O OE2  . GLU A 1 3  ? -4.208 -4.758 6.298  1.00 0.00 ? 3  GLU A OE2  4  
ATOM   577  H H    . GLU A 1 3  ? -2.416 -2.352 2.054  1.00 0.00 ? 3  GLU A H    4  
ATOM   578  H HA   . GLU A 1 3  ? -4.883 -2.485 3.175  1.00 0.00 ? 3  GLU A HA   4  
ATOM   579  H HB2  . GLU A 1 3  ? -2.258 -1.736 4.460  1.00 0.00 ? 3  GLU A HB2  4  
ATOM   580  H HB3  . GLU A 1 3  ? -3.733 -1.965 5.406  1.00 0.00 ? 3  GLU A HB3  4  
ATOM   581  H HG2  . GLU A 1 3  ? -2.714 -4.094 3.551  1.00 0.00 ? 3  GLU A HG2  4  
ATOM   582  H HG3  . GLU A 1 3  ? -2.098 -3.930 5.194  1.00 0.00 ? 3  GLU A HG3  4  
ATOM   583  N N    . LEU A 1 4  ? -3.763 0.634  3.456  1.00 0.00 ? 4  LEU A N    4  
ATOM   584  C CA   . LEU A 1 4  ? -4.184 2.026  3.659  1.00 0.00 ? 4  LEU A CA   4  
ATOM   585  C C    . LEU A 1 4  ? -3.464 2.974  2.750  1.00 0.00 ? 4  LEU A C    4  
ATOM   586  O O    . LEU A 1 4  ? -3.083 4.083  3.145  1.00 0.00 ? 4  LEU A O    4  
ATOM   587  C CB   . LEU A 1 4  ? -4.055 2.447  5.139  1.00 0.00 ? 4  LEU A CB   4  
ATOM   588  C CG   . LEU A 1 4  ? -4.992 1.730  6.120  1.00 0.00 ? 4  LEU A CG   4  
ATOM   589  C CD1  . LEU A 1 4  ? -4.348 1.639  7.495  1.00 0.00 ? 4  LEU A CD1  4  
ATOM   590  C CD2  . LEU A 1 4  ? -6.333 2.450  6.213  1.00 0.00 ? 4  LEU A CD2  4  
ATOM   591  H H    . LEU A 1 4  ? -2.826 0.451  3.255  1.00 0.00 ? 4  LEU A H    4  
ATOM   592  H HA   . LEU A 1 4  ? -5.186 2.092  3.359  1.00 0.00 ? 4  LEU A HA   4  
ATOM   593  H HB2  . LEU A 1 4  ? -3.037 2.266  5.451  1.00 0.00 ? 4  LEU A HB2  4  
ATOM   594  H HB3  . LEU A 1 4  ? -4.248 3.508  5.205  1.00 0.00 ? 4  LEU A HB3  4  
ATOM   595  H HG   . LEU A 1 4  ? -5.172 0.726  5.768  1.00 0.00 ? 4  LEU A HG   4  
ATOM   596  H HD11 . LEU A 1 4  ? -5.027 1.149  8.178  1.00 0.00 ? 4  LEU A HD11 4  
ATOM   597  H HD12 . LEU A 1 4  ? -4.130 2.632  7.857  1.00 0.00 ? 4  LEU A HD12 4  
ATOM   598  H HD13 . LEU A 1 4  ? -3.433 1.071  7.427  1.00 0.00 ? 4  LEU A HD13 4  
ATOM   599  H HD21 . LEU A 1 4  ? -6.974 1.928  6.906  1.00 0.00 ? 4  LEU A HD21 4  
ATOM   600  H HD22 . LEU A 1 4  ? -6.797 2.472  5.238  1.00 0.00 ? 4  LEU A HD22 4  
ATOM   601  H HD23 . LEU A 1 4  ? -6.175 3.461  6.559  1.00 0.00 ? 4  LEU A HD23 4  
ATOM   602  N N    . CYS A 1 5  ? -3.331 2.540  1.496  1.00 0.00 ? 5  CYS A N    4  
ATOM   603  C CA   . CYS A 1 5  ? -2.703 3.298  0.482  1.00 0.00 ? 5  CYS A CA   4  
ATOM   604  C C    . CYS A 1 5  ? -2.725 2.491  -0.799 1.00 0.00 ? 5  CYS A C    4  
ATOM   605  O O    . CYS A 1 5  ? -3.609 1.656  -1.021 1.00 0.00 ? 5  CYS A O    4  
ATOM   606  C CB   . CYS A 1 5  ? -1.276 3.582  0.919  1.00 0.00 ? 5  CYS A CB   4  
ATOM   607  S SG   . CYS A 1 5  ? -0.848 5.353  1.006  1.00 0.00 ? 5  CYS A SG   4  
ATOM   608  H H    . CYS A 1 5  ? -3.638 1.657  1.254  1.00 0.00 ? 5  CYS A H    4  
ATOM   609  H HA   . CYS A 1 5  ? -3.249 4.204  0.365  1.00 0.00 ? 5  CYS A HA   4  
ATOM   610  H HB2  . CYS A 1 5  ? -1.171 3.160  1.910  1.00 0.00 ? 5  CYS A HB2  4  
ATOM   611  H HB3  . CYS A 1 5  ? -0.589 3.088  0.237  1.00 0.00 ? 5  CYS A HB3  4  
ATOM   612  N N    . CYS A 1 6  ? -1.748 2.766  -1.626 1.00 0.00 ? 6  CYS A N    4  
ATOM   613  C CA   . CYS A 1 6  ? -1.551 2.064  -2.874 1.00 0.00 ? 6  CYS A CA   4  
ATOM   614  C C    . CYS A 1 6  ? -0.077 2.032  -3.230 1.00 0.00 ? 6  CYS A C    4  
ATOM   615  O O    . CYS A 1 6  ? 0.396  2.627  -4.206 1.00 0.00 ? 6  CYS A O    4  
ATOM   616  C CB   . CYS A 1 6  ? -2.417 2.621  -4.021 1.00 0.00 ? 6  CYS A CB   4  
ATOM   617  S SG   . CYS A 1 6  ? -4.143 2.037  -4.008 1.00 0.00 ? 6  CYS A SG   4  
ATOM   618  H H    . CYS A 1 6  ? -1.133 3.451  -1.363 1.00 0.00 ? 6  CYS A H    4  
ATOM   619  H HA   . CYS A 1 6  ? -1.832 1.054  -2.657 1.00 0.00 ? 6  CYS A HA   4  
ATOM   620  H HB2  . CYS A 1 6  ? -2.437 3.698  -3.956 1.00 0.00 ? 6  CYS A HB2  4  
ATOM   621  H HB3  . CYS A 1 6  ? -1.979 2.332  -4.966 1.00 0.00 ? 6  CYS A HB3  4  
ATOM   622  N N    . ASN A 1 7  ? 0.623  1.322  -2.368 1.00 0.00 ? 7  ASN A N    4  
ATOM   623  C CA   . ASN A 1 7  ? 2.053  1.098  -2.455 1.00 0.00 ? 7  ASN A CA   4  
ATOM   624  C C    . ASN A 1 7  ? 2.394  -0.140 -3.278 1.00 0.00 ? 7  ASN A C    4  
ATOM   625  O O    . ASN A 1 7  ? 1.684  -1.144 -3.182 1.00 0.00 ? 7  ASN A O    4  
ATOM   626  C CB   . ASN A 1 7  ? 2.565  0.898  -1.056 1.00 0.00 ? 7  ASN A CB   4  
ATOM   627  C CG   . ASN A 1 7  ? 2.960  2.200  -0.393 1.00 0.00 ? 7  ASN A CG   4  
ATOM   628  O OD1  . ASN A 1 7  ? 2.125  2.891  0.182  1.00 0.00 ? 7  ASN A OD1  4  
ATOM   629  N ND2  . ASN A 1 7  ? 4.242  2.539  -0.472 1.00 0.00 ? 7  ASN A ND2  4  
ATOM   630  H H    . ASN A 1 7  ? 0.141  0.946  -1.598 1.00 0.00 ? 7  ASN A H    4  
ATOM   631  H HA   . ASN A 1 7  ? 2.529  1.951  -2.883 1.00 0.00 ? 7  ASN A HA   4  
ATOM   632  H HB2  . ASN A 1 7  ? 1.772  0.435  -0.474 1.00 0.00 ? 7  ASN A HB2  4  
ATOM   633  H HB3  . ASN A 1 7  ? 3.422  0.245  -1.093 1.00 0.00 ? 7  ASN A HB3  4  
ATOM   634  H HD21 . ASN A 1 7  ? 4.852  1.937  -0.948 1.00 0.00 ? 7  ASN A HD21 4  
ATOM   635  H HD22 . ASN A 1 7  ? 4.526  3.377  -0.052 1.00 0.00 ? 7  ASN A HD22 4  
ATOM   636  N N    . PRO A 1 8  ? 3.477  -0.103 -4.114 1.00 0.00 ? 8  PRO A N    4  
ATOM   637  C CA   . PRO A 1 8  ? 3.878  -1.277 -4.883 1.00 0.00 ? 8  PRO A CA   4  
ATOM   638  C C    . PRO A 1 8  ? 4.546  -2.303 -4.013 1.00 0.00 ? 8  PRO A C    4  
ATOM   639  O O    . PRO A 1 8  ? 5.771  -2.389 -3.860 1.00 0.00 ? 8  PRO A O    4  
ATOM   640  C CB   . PRO A 1 8  ? 4.784  -0.720 -5.986 1.00 0.00 ? 8  PRO A CB   4  
ATOM   641  C CG   . PRO A 1 8  ? 5.343  0.554  -5.427 1.00 0.00 ? 8  PRO A CG   4  
ATOM   642  C CD   . PRO A 1 8  ? 4.347  1.067  -4.406 1.00 0.00 ? 8  PRO A CD   4  
ATOM   643  H HA   . PRO A 1 8  ? 3.016  -1.773 -5.298 1.00 0.00 ? 8  PRO A HA   4  
ATOM   644  H HB2  . PRO A 1 8  ? 5.564  -1.439 -6.208 1.00 0.00 ? 8  PRO A HB2  4  
ATOM   645  H HB3  . PRO A 1 8  ? 4.201  -0.525 -6.871 1.00 0.00 ? 8  PRO A HB3  4  
ATOM   646  H HG2  . PRO A 1 8  ? 6.296  0.353  -4.955 1.00 0.00 ? 8  PRO A HG2  4  
ATOM   647  H HG3  . PRO A 1 8  ? 5.465  1.278  -6.218 1.00 0.00 ? 8  PRO A HG3  4  
ATOM   648  H HD2  . PRO A 1 8  ? 4.859  1.396  -3.514 1.00 0.00 ? 8  PRO A HD2  4  
ATOM   649  H HD3  . PRO A 1 8  ? 3.768  1.878  -4.825 1.00 0.00 ? 8  PRO A HD3  4  
ATOM   650  N N    . ALA A 1 9  ? 3.640  -3.062 -3.429 1.00 0.00 ? 9  ALA A N    4  
ATOM   651  C CA   . ALA A 1 9  ? 3.908  -4.151 -2.529 1.00 0.00 ? 9  ALA A CA   4  
ATOM   652  C C    . ALA A 1 9  ? 4.494  -3.695 -1.172 1.00 0.00 ? 9  ALA A C    4  
ATOM   653  O O    . ALA A 1 9  ? 5.027  -4.524 -0.420 1.00 0.00 ? 9  ALA A O    4  
ATOM   654  C CB   . ALA A 1 9  ? 4.783  -5.229 -3.184 1.00 0.00 ? 9  ALA A CB   4  
ATOM   655  H H    . ALA A 1 9  ? 2.701  -2.865 -3.626 1.00 0.00 ? 9  ALA A H    4  
ATOM   656  H HA   . ALA A 1 9  ? 2.944  -4.575 -2.365 1.00 0.00 ? 9  ALA A HA   4  
ATOM   657  H HB1  . ALA A 1 9  ? 4.343  -5.528 -4.123 1.00 0.00 ? 9  ALA A HB1  4  
ATOM   658  H HB2  . ALA A 1 9  ? 4.848  -6.085 -2.529 1.00 0.00 ? 9  ALA A HB2  4  
ATOM   659  H HB3  . ALA A 1 9  ? 5.772  -4.833 -3.358 1.00 0.00 ? 9  ALA A HB3  4  
HETATM 660  N N    . CY1 A 1 10 ? 4.379  -2.387 -0.839 1.00 0.00 ? 10 CY1 A N    4  
HETATM 661  C CA   . CY1 A 1 10 ? 4.926  -1.896 0.437  1.00 0.00 ? 10 CY1 A CA   4  
HETATM 662  C CB   . CY1 A 1 10 ? 5.357  -0.456 0.312  1.00 0.00 ? 10 CY1 A CB   4  
HETATM 663  S SG   . CY1 A 1 10 ? 6.424  0.185  1.655  1.00 0.00 ? 10 CY1 A SG   4  
HETATM 664  C CD   . CY1 A 1 10 ? 7.859  -0.937 1.483  1.00 0.00 ? 10 CY1 A CD   4  
HETATM 665  N NE   . CY1 A 1 10 ? 8.432  -0.798 0.136  1.00 0.00 ? 10 CY1 A NE   4  
HETATM 666  C CZ   . CY1 A 1 10 ? 8.881  0.377  -0.326 1.00 0.00 ? 10 CY1 A CZ   4  
HETATM 667  O OAC  . CY1 A 1 10 ? 8.858  1.424  0.319  1.00 0.00 ? 10 CY1 A OAC  4  
HETATM 668  C CM   . CY1 A 1 10 ? 9.445  0.340  -1.747 1.00 0.00 ? 10 CY1 A CM   4  
HETATM 669  C C    . CY1 A 1 10 ? 3.909  -1.989 1.556  1.00 0.00 ? 10 CY1 A C    4  
HETATM 670  O O    . CY1 A 1 10 ? 4.217  -2.401 2.677  1.00 0.00 ? 10 CY1 A O    4  
HETATM 671  H H    . CY1 A 1 10 ? 3.814  -1.766 -1.375 1.00 0.00 ? 10 CY1 A H    4  
HETATM 672  H HA   . CY1 A 1 10 ? 5.777  -2.499 0.688  1.00 0.00 ? 10 CY1 A HA   4  
HETATM 673  H HB2  . CY1 A 1 10 ? 5.637  -0.134 -0.640 1.00 0.00 ? 10 CY1 A HB2  4  
HETATM 674  H HB3  . CY1 A 1 10 ? 4.318  0.024  0.351  1.00 0.00 ? 10 CY1 A HB3  4  
HETATM 675  H HD2  . CY1 A 1 10 ? 7.537  -1.966 1.639  1.00 0.00 ? 10 CY1 A HD2  4  
HETATM 676  H HD3  . CY1 A 1 10 ? 8.610  -0.677 2.229  1.00 0.00 ? 10 CY1 A HD3  4  
HETATM 677  H HE   . CY1 A 1 10 ? 8.462  -1.642 -0.399 1.00 0.00 ? 10 CY1 A HE   4  
HETATM 678  H HM1  . CY1 A 1 10 ? 8.647  0.536  -2.462 1.00 0.00 ? 10 CY1 A HM1  4  
HETATM 679  H HM2  . CY1 A 1 10 ? 9.877  -0.641 -1.942 1.00 0.00 ? 10 CY1 A HM2  4  
HETATM 680  H HM3  . CY1 A 1 10 ? 10.220 1.101  -1.848 1.00 0.00 ? 10 CY1 A HM3  4  
ATOM   681  N N    . THR A 1 11 ? 2.687  -1.586 1.207  1.00 0.00 ? 11 THR A N    4  
ATOM   682  C CA   . THR A 1 11 ? 1.511  -1.525 2.065  1.00 0.00 ? 11 THR A CA   4  
ATOM   683  C C    . THR A 1 11 ? 1.778  -0.852 3.394  1.00 0.00 ? 11 THR A C    4  
ATOM   684  O O    . THR A 1 11 ? 1.986  -1.491 4.434  1.00 0.00 ? 11 THR A O    4  
ATOM   685  C CB   . THR A 1 11 ? 0.755  -2.893 2.216  1.00 0.00 ? 11 THR A CB   4  
ATOM   686  O OG1  . THR A 1 11 ? -0.426 -2.720 3.010  1.00 0.00 ? 11 THR A OG1  4  
ATOM   687  C CG2  . THR A 1 11 ? 1.618  -3.999 2.835  1.00 0.00 ? 11 THR A CG2  4  
ATOM   688  H H    . THR A 1 11 ? 2.836  -0.872 0.553  1.00 0.00 ? 11 THR A H    4  
ATOM   689  H HA   . THR A 1 11 ? 0.862  -0.848 1.559  1.00 0.00 ? 11 THR A HA   4  
ATOM   690  H HB   . THR A 1 11 ? 0.456  -3.214 1.229  1.00 0.00 ? 11 THR A HB   4  
ATOM   691  H HG1  . THR A 1 11 ? -1.061 -3.407 2.794  1.00 0.00 ? 11 THR A HG1  4  
ATOM   692  H HG21 . THR A 1 11 ? 1.942  -3.695 3.820  1.00 0.00 ? 11 THR A HG21 4  
ATOM   693  H HG22 . THR A 1 11 ? 2.481  -4.175 2.211  1.00 0.00 ? 11 THR A HG22 4  
ATOM   694  H HG23 . THR A 1 11 ? 1.039  -4.908 2.911  1.00 0.00 ? 11 THR A HG23 4  
ATOM   695  N N    . GLY A 1 12 ? 1.786  0.465  3.304  1.00 0.00 ? 12 GLY A N    4  
ATOM   696  C CA   . GLY A 1 12 ? 2.002  1.276  4.468  1.00 0.00 ? 12 GLY A CA   4  
ATOM   697  C C    . GLY A 1 12 ? 2.265  2.732  4.174  1.00 0.00 ? 12 GLY A C    4  
ATOM   698  O O    . GLY A 1 12 ? 2.975  3.419  4.912  1.00 0.00 ? 12 GLY A O    4  
ATOM   699  H H    . GLY A 1 12 ? 1.683  0.878  2.421  1.00 0.00 ? 12 GLY A H    4  
ATOM   700  H HA2  . GLY A 1 12 ? 1.137  1.196  5.111  1.00 0.00 ? 12 GLY A HA2  4  
ATOM   701  H HA3  . GLY A 1 12 ? 2.839  0.878  4.944  1.00 0.00 ? 12 GLY A HA3  4  
ATOM   702  N N    . CYS A 1 13 ? 1.669  3.173  3.088  1.00 0.00 ? 13 CYS A N    4  
ATOM   703  C CA   . CYS A 1 13 ? 1.759  4.554  2.561  1.00 0.00 ? 13 CYS A CA   4  
ATOM   704  C C    . CYS A 1 13 ? 3.212  5.015  2.359  1.00 0.00 ? 13 CYS A C    4  
ATOM   705  O O    . CYS A 1 13 ? 3.903  5.288  3.365  1.00 0.00 ? 13 CYS A O    4  
ATOM   706  C CB   . CYS A 1 13 ? 0.991  5.555  3.442  1.00 0.00 ? 13 CYS A CB   4  
ATOM   707  S SG   . CYS A 1 13 ? -0.772 5.736  3.003  1.00 0.00 ? 13 CYS A SG   4  
ATOM   708  O OXT  . CYS A 1 13 ? 3.643  5.097  1.189  1.00 0.00 ? 13 CYS A OXT  4  
ATOM   709  H H    . CYS A 1 13 ? 1.136  2.523  2.613  1.00 0.00 ? 13 CYS A H    4  
ATOM   710  H HA   . CYS A 1 13 ? 1.282  4.536  1.589  1.00 0.00 ? 13 CYS A HA   4  
ATOM   711  H HB2  . CYS A 1 13 ? 1.040  5.229  4.470  1.00 0.00 ? 13 CYS A HB2  4  
ATOM   712  H HB3  . CYS A 1 13 ? 1.453  6.528  3.356  1.00 0.00 ? 13 CYS A HB3  4  
ATOM   713  N N    . CYS A 1 1  ? -6.183 -0.582 -2.687 1.00 0.00 ? 1  CYS A N    5  
ATOM   714  C CA   . CYS A 1 1  ? -4.975 -0.901 -3.489 1.00 0.00 ? 1  CYS A CA   5  
ATOM   715  C C    . CYS A 1 1  ? -4.183 -2.047 -2.855 1.00 0.00 ? 1  CYS A C    5  
ATOM   716  O O    . CYS A 1 1  ? -3.973 -3.084 -3.489 1.00 0.00 ? 1  CYS A O    5  
ATOM   717  C CB   . CYS A 1 1  ? -4.088 0.342  -3.624 1.00 0.00 ? 1  CYS A CB   5  
ATOM   718  S SG   . CYS A 1 1  ? -4.854 1.726  -4.527 1.00 0.00 ? 1  CYS A SG   5  
ATOM   719  H H1   . CYS A 1 1  ? -6.804 -1.415 -2.628 1.00 0.00 ? 1  CYS A H1   5  
ATOM   720  H H2   . CYS A 1 1  ? -6.711 0.198  -3.129 1.00 0.00 ? 1  CYS A H2   5  
ATOM   721  H H3   . CYS A 1 1  ? -5.909 -0.298 -1.724 1.00 0.00 ? 1  CYS A H3   5  
ATOM   722  H HA   . CYS A 1 1  ? -5.298 -1.210 -4.473 1.00 0.00 ? 1  CYS A HA   5  
ATOM   723  H HB2  . CYS A 1 1  ? -3.842 0.698  -2.636 1.00 0.00 ? 1  CYS A HB2  5  
ATOM   724  H HB3  . CYS A 1 1  ? -3.179 0.072  -4.142 1.00 0.00 ? 1  CYS A HB3  5  
HETATM 725  N N    . CY1 A 1 2  ? -3.748 -1.850 -1.599 1.00 0.00 ? 2  CY1 A N    5  
HETATM 726  C CA   . CY1 A 1 2  ? -2.980 -2.856 -0.861 1.00 0.00 ? 2  CY1 A CA   5  
HETATM 727  C CB   . CY1 A 1 2  ? -1.523 -2.476 -0.808 1.00 0.00 ? 2  CY1 A CB   5  
HETATM 728  S SG   . CY1 A 1 2  ? -0.400 -3.714 -0.062 1.00 0.00 ? 2  CY1 A SG   5  
HETATM 729  C CD   . CY1 A 1 2  ? -0.517 -5.046 -1.311 1.00 0.00 ? 2  CY1 A CD   5  
HETATM 730  N NE   . CY1 A 1 2  ? 0.015  -4.486 -2.562 1.00 0.00 ? 2  CY1 A NE   5  
HETATM 731  C CZ   . CY1 A 1 2  ? -0.730 -4.392 -3.672 1.00 0.00 ? 2  CY1 A CZ   5  
HETATM 732  O OAC  . CY1 A 1 2  ? -1.902 -4.759 -3.747 1.00 0.00 ? 2  CY1 A OAC  5  
HETATM 733  C CM   . CY1 A 1 2  ? -0.015 -3.784 -4.881 1.00 0.00 ? 2  CY1 A CM   5  
HETATM 734  C C    . CY1 A 1 2  ? -3.548 -3.047 0.548  1.00 0.00 ? 2  CY1 A C    5  
HETATM 735  O O    . CY1 A 1 2  ? -3.965 -4.153 0.903  1.00 0.00 ? 2  CY1 A O    5  
HETATM 736  H H    . CY1 A 1 2  ? -3.361 -1.448 -2.404 1.00 0.00 ? 2  CY1 A H    5  
HETATM 737  H HA   . CY1 A 1 2  ? -3.059 -3.777 -1.389 1.00 0.00 ? 2  CY1 A HA   5  
HETATM 738  H HB2  . CY1 A 1 2  ? -1.124 -2.025 -1.676 1.00 0.00 ? 2  CY1 A HB2  5  
HETATM 739  H HB3  . CY1 A 1 2  ? -1.629 -1.550 -0.157 1.00 0.00 ? 2  CY1 A HB3  5  
HETATM 740  H HD2  . CY1 A 1 2  ? 0.154  -5.860 -1.029 1.00 0.00 ? 2  CY1 A HD2  5  
HETATM 741  H HD3  . CY1 A 1 2  ? -1.537 -5.355 -1.527 1.00 0.00 ? 2  CY1 A HD3  5  
HETATM 742  H HE   . CY1 A 1 2  ? 0.967  -4.183 -2.518 1.00 0.00 ? 2  CY1 A HE   5  
HETATM 743  H HM1  . CY1 A 1 2  ? 0.470  -4.575 -5.453 1.00 0.00 ? 2  CY1 A HM1  5  
HETATM 744  H HM2  . CY1 A 1 2  ? 0.733  -3.069 -4.539 1.00 0.00 ? 2  CY1 A HM2  5  
HETATM 745  H HM3  . CY1 A 1 2  ? -0.743 -3.271 -5.510 1.00 0.00 ? 2  CY1 A HM3  5  
ATOM   746  N N    . GLU A 1 3  ? -3.561 -1.962 1.350  1.00 0.00 ? 3  GLU A N    5  
ATOM   747  C CA   . GLU A 1 3  ? -4.085 -1.993 2.723  1.00 0.00 ? 3  GLU A CA   5  
ATOM   748  C C    . GLU A 1 3  ? -4.614 -0.612 3.141  1.00 0.00 ? 3  GLU A C    5  
ATOM   749  O O    . GLU A 1 3  ? -5.809 -0.466 3.415  1.00 0.00 ? 3  GLU A O    5  
ATOM   750  C CB   . GLU A 1 3  ? -3.010 -2.486 3.713  1.00 0.00 ? 3  GLU A CB   5  
ATOM   751  C CG   . GLU A 1 3  ? -3.573 -3.270 4.892  1.00 0.00 ? 3  GLU A CG   5  
ATOM   752  C CD   . GLU A 1 3  ? -2.492 -3.808 5.807  1.00 0.00 ? 3  GLU A CD   5  
ATOM   753  O OE1  . GLU A 1 3  ? -2.022 -4.940 5.570  1.00 0.00 ? 3  GLU A OE1  5  
ATOM   754  O OE2  . GLU A 1 3  ? -2.116 -3.098 6.764  1.00 0.00 ? 3  GLU A OE2  5  
ATOM   755  H H    . GLU A 1 3  ? -3.029 -1.192 1.058  1.00 0.00 ? 3  GLU A H    5  
ATOM   756  H HA   . GLU A 1 3  ? -4.911 -2.690 2.736  1.00 0.00 ? 3  GLU A HA   5  
ATOM   757  H HB2  . GLU A 1 3  ? -2.315 -3.127 3.182  1.00 0.00 ? 3  GLU A HB2  5  
ATOM   758  H HB3  . GLU A 1 3  ? -2.476 -1.627 4.101  1.00 0.00 ? 3  GLU A HB3  5  
ATOM   759  H HG2  . GLU A 1 3  ? -4.217 -2.620 5.465  1.00 0.00 ? 3  GLU A HG2  5  
ATOM   760  H HG3  . GLU A 1 3  ? -4.150 -4.100 4.512  1.00 0.00 ? 3  GLU A HG3  5  
ATOM   761  N N    . LEU A 1 4  ? -3.719 0.397  3.194  1.00 0.00 ? 4  LEU A N    5  
ATOM   762  C CA   . LEU A 1 4  ? -4.098 1.763  3.581  1.00 0.00 ? 4  LEU A CA   5  
ATOM   763  C C    . LEU A 1 4  ? -3.346 2.802  2.808  1.00 0.00 ? 4  LEU A C    5  
ATOM   764  O O    . LEU A 1 4  ? -2.908 3.824  3.353  1.00 0.00 ? 4  LEU A O    5  
ATOM   765  C CB   . LEU A 1 4  ? -3.954 1.972  5.101  1.00 0.00 ? 4  LEU A CB   5  
ATOM   766  C CG   . LEU A 1 4  ? -4.971 1.223  5.969  1.00 0.00 ? 4  LEU A CG   5  
ATOM   767  C CD1  . LEU A 1 4  ? -4.336 0.804  7.286  1.00 0.00 ? 4  LEU A CD1  5  
ATOM   768  C CD2  . LEU A 1 4  ? -6.199 2.088  6.226  1.00 0.00 ? 4  LEU A CD2  5  
ATOM   769  H H    . LEU A 1 4  ? -2.791 0.217  2.960  1.00 0.00 ? 4  LEU A H    5  
ATOM   770  H HA   . LEU A 1 4  ? -5.097 1.901  3.298  1.00 0.00 ? 4  LEU A HA   5  
ATOM   771  H HB2  . LEU A 1 4  ? -2.964 1.653  5.393  1.00 0.00 ? 4  LEU A HB2  5  
ATOM   772  H HB3  . LEU A 1 4  ? -4.049 3.027  5.307  1.00 0.00 ? 4  LEU A HB3  5  
ATOM   773  H HG   . LEU A 1 4  ? -5.290 0.330  5.452  1.00 0.00 ? 4  LEU A HG   5  
ATOM   774  H HD11 . LEU A 1 4  ? -5.074 0.310  7.901  1.00 0.00 ? 4  LEU A HD11 5  
ATOM   775  H HD12 . LEU A 1 4  ? -3.962 1.676  7.802  1.00 0.00 ? 4  LEU A HD12 5  
ATOM   776  H HD13 . LEU A 1 4  ? -3.520 0.124  7.091  1.00 0.00 ? 4  LEU A HD13 5  
ATOM   777  H HD21 . LEU A 1 4  ? -5.903 2.987  6.748  1.00 0.00 ? 4  LEU A HD21 5  
ATOM   778  H HD22 . LEU A 1 4  ? -6.906 1.538  6.829  1.00 0.00 ? 4  LEU A HD22 5  
ATOM   779  H HD23 . LEU A 1 4  ? -6.656 2.353  5.284  1.00 0.00 ? 4  LEU A HD23 5  
ATOM   780  N N    . CYS A 1 5  ? -3.243 2.544  1.504  1.00 0.00 ? 5  CYS A N    5  
ATOM   781  C CA   . CYS A 1 5  ? -2.597 3.412  0.594  1.00 0.00 ? 5  CYS A CA   5  
ATOM   782  C C    . CYS A 1 5  ? -2.637 2.773  -0.774 1.00 0.00 ? 5  CYS A C    5  
ATOM   783  O O    . CYS A 1 5  ? -3.550 2.005  -1.097 1.00 0.00 ? 5  CYS A O    5  
ATOM   784  C CB   . CYS A 1 5  ? -1.164 3.613  1.053  1.00 0.00 ? 5  CYS A CB   5  
ATOM   785  S SG   . CYS A 1 5  ? -0.688 5.356  1.296  1.00 0.00 ? 5  CYS A SG   5  
ATOM   786  H H    . CYS A 1 5  ? -3.585 1.715  1.147  1.00 0.00 ? 5  CYS A H    5  
ATOM   787  H HA   . CYS A 1 5  ? -3.124 4.337  0.590  1.00 0.00 ? 5  CYS A HA   5  
ATOM   788  H HB2  . CYS A 1 5  ? -1.074 3.099  2.000  1.00 0.00 ? 5  CYS A HB2  5  
ATOM   789  H HB3  . CYS A 1 5  ? -0.494 3.164  0.328  1.00 0.00 ? 5  CYS A HB3  5  
ATOM   790  N N    . CYS A 1 6  ? -1.648 3.110  -1.561 1.00 0.00 ? 6  CYS A N    5  
ATOM   791  C CA   . CYS A 1 6  ? -1.481 2.554  -2.882 1.00 0.00 ? 6  CYS A CA   5  
ATOM   792  C C    . CYS A 1 6  ? -0.014 2.476  -3.238 1.00 0.00 ? 6  CYS A C    5  
ATOM   793  O O    . CYS A 1 6  ? 0.508  3.166  -4.123 1.00 0.00 ? 6  CYS A O    5  
ATOM   794  C CB   . CYS A 1 6  ? -2.306 3.292  -3.957 1.00 0.00 ? 6  CYS A CB   5  
ATOM   795  S SG   . CYS A 1 6  ? -4.096 3.372  -3.611 1.00 0.00 ? 6  CYS A SG   5  
ATOM   796  H H    . CYS A 1 6  ? -1.002 3.727  -1.217 1.00 0.00 ? 6  CYS A H    5  
ATOM   797  H HA   . CYS A 1 6  ? -1.812 1.545  -2.784 1.00 0.00 ? 6  CYS A HA   5  
ATOM   798  H HB2  . CYS A 1 6  ? -1.945 4.305  -4.044 1.00 0.00 ? 6  CYS A HB2  5  
ATOM   799  H HB3  . CYS A 1 6  ? -2.177 2.789  -4.905 1.00 0.00 ? 6  CYS A HB3  5  
ATOM   800  N N    . ASN A 1 7  ? 0.622  1.615  -2.480 1.00 0.00 ? 7  ASN A N    5  
ATOM   801  C CA   . ASN A 1 7  ? 2.029  1.315  -2.595 1.00 0.00 ? 7  ASN A CA   5  
ATOM   802  C C    . ASN A 1 7  ? 2.268  -0.012 -3.297 1.00 0.00 ? 7  ASN A C    5  
ATOM   803  O O    . ASN A 1 7  ? 1.580  -0.993 -2.997 1.00 0.00 ? 7  ASN A O    5  
ATOM   804  C CB   . ASN A 1 7  ? 2.595  1.251  -1.211 1.00 0.00 ? 7  ASN A CB   5  
ATOM   805  C CG   . ASN A 1 7  ? 2.989  2.616  -0.686 1.00 0.00 ? 7  ASN A CG   5  
ATOM   806  O OD1  . ASN A 1 7  ? 4.131  3.048  -0.843 1.00 0.00 ? 7  ASN A OD1  5  
ATOM   807  N ND2  . ASN A 1 7  ? 2.042  3.307  -0.069 1.00 0.00 ? 7  ASN A ND2  5  
ATOM   808  H H    . ASN A 1 7  ? 0.108  1.177  -1.765 1.00 0.00 ? 7  ASN A H    5  
ATOM   809  H HA   . ASN A 1 7  ? 2.521  2.090  -3.136 1.00 0.00 ? 7  ASN A HA   5  
ATOM   810  H HB2  . ASN A 1 7  ? 1.835  0.829  -0.561 1.00 0.00 ? 7  ASN A HB2  5  
ATOM   811  H HB3  . ASN A 1 7  ? 3.463  0.616  -1.226 1.00 0.00 ? 7  ASN A HB3  5  
ATOM   812  H HD21 . ASN A 1 7  ? 1.154  2.902  0.011  1.00 0.00 ? 7  ASN A HD21 5  
ATOM   813  H HD22 . ASN A 1 7  ? 2.268  4.194  0.280  1.00 0.00 ? 7  ASN A HD22 5  
ATOM   814  N N    . PRO A 1 8  ? 3.243  -0.081 -4.255 1.00 0.00 ? 8  PRO A N    5  
ATOM   815  C CA   . PRO A 1 8  ? 3.548  -1.333 -4.939 1.00 0.00 ? 8  PRO A CA   5  
ATOM   816  C C    . PRO A 1 8  ? 4.291  -2.289 -4.051 1.00 0.00 ? 8  PRO A C    5  
ATOM   817  O O    . PRO A 1 8  ? 5.524  -2.338 -3.969 1.00 0.00 ? 8  PRO A O    5  
ATOM   818  C CB   . PRO A 1 8  ? 4.340  -0.907 -6.180 1.00 0.00 ? 8  PRO A CB   5  
ATOM   819  C CG   . PRO A 1 8  ? 4.966  0.402  -5.813 1.00 0.00 ? 8  PRO A CG   5  
ATOM   820  C CD   . PRO A 1 8  ? 4.078  1.040  -4.766 1.00 0.00 ? 8  PRO A CD   5  
ATOM   821  H HA   . PRO A 1 8  ? 2.640  -1.845 -5.216 1.00 0.00 ? 8  PRO A HA   5  
ATOM   822  H HB2  . PRO A 1 8  ? 5.086  -1.661 -6.405 1.00 0.00 ? 8  PRO A HB2  5  
ATOM   823  H HB3  . PRO A 1 8  ? 3.672  -0.790 -7.017 1.00 0.00 ? 8  PRO A HB3  5  
ATOM   824  H HG2  . PRO A 1 8  ? 5.957  0.230  -5.411 1.00 0.00 ? 8  PRO A HG2  5  
ATOM   825  H HG3  . PRO A 1 8  ? 5.021  1.037  -6.684 1.00 0.00 ? 8  PRO A HG3  5  
ATOM   826  H HD2  . PRO A 1 8  ? 4.676  1.464  -3.972 1.00 0.00 ? 8  PRO A HD2  5  
ATOM   827  H HD3  . PRO A 1 8  ? 3.458  1.802  -5.216 1.00 0.00 ? 8  PRO A HD3  5  
ATOM   828  N N    . ALA A 1 9  ? 3.442  -3.029 -3.367 1.00 0.00 ? 9  ALA A N    5  
ATOM   829  C CA   . ALA A 1 9  ? 3.795  -4.062 -2.428 1.00 0.00 ? 9  ALA A CA   5  
ATOM   830  C C    . ALA A 1 9  ? 4.458  -3.527 -1.137 1.00 0.00 ? 9  ALA A C    5  
ATOM   831  O O    . ALA A 1 9  ? 5.050  -4.312 -0.382 1.00 0.00 ? 9  ALA A O    5  
ATOM   832  C CB   . ALA A 1 9  ? 4.649  -5.156 -3.083 1.00 0.00 ? 9  ALA A CB   5  
ATOM   833  H H    . ALA A 1 9  ? 2.487  -2.862 -3.510 1.00 0.00 ? 9  ALA A H    5  
ATOM   834  H HA   . ALA A 1 9  ? 2.855  -4.499 -2.176 1.00 0.00 ? 9  ALA A HA   5  
ATOM   835  H HB1  . ALA A 1 9  ? 5.617  -4.750 -3.342 1.00 0.00 ? 9  ALA A HB1  5  
ATOM   836  H HB2  . ALA A 1 9  ? 4.157  -5.508 -3.978 1.00 0.00 ? 9  ALA A HB2  5  
ATOM   837  H HB3  . ALA A 1 9  ? 4.775  -5.977 -2.393 1.00 0.00 ? 9  ALA A HB3  5  
HETATM 838  N N    . CY1 A 1 10 ? 4.344  -2.204 -0.852 1.00 0.00 ? 10 CY1 A N    5  
HETATM 839  C CA   . CY1 A 1 10 ? 4.967  -1.667 0.373  1.00 0.00 ? 10 CY1 A CA   5  
HETATM 840  C CB   . CY1 A 1 10 ? 5.226  -0.192 0.254  1.00 0.00 ? 10 CY1 A CB   5  
HETATM 841  S SG   . CY1 A 1 10 ? 6.255  0.551  1.572  1.00 0.00 ? 10 CY1 A SG   5  
HETATM 842  C CD   . CY1 A 1 10 ? 6.077  2.325  1.160  1.00 0.00 ? 10 CY1 A CD   5  
HETATM 843  N NE   . CY1 A 1 10 ? 6.776  3.149  2.158  1.00 0.00 ? 10 CY1 A NE   5  
HETATM 844  C CZ   . CY1 A 1 10 ? 7.326  2.631  3.264  1.00 0.00 ? 10 CY1 A CZ   5  
HETATM 845  O OAC  . CY1 A 1 10 ? 7.288  1.438  3.563  1.00 0.00 ? 10 CY1 A OAC  5  
HETATM 846  C CM   . CY1 A 1 10 ? 8.009  3.648  4.181  1.00 0.00 ? 10 CY1 A CM   5  
HETATM 847  C C    . CY1 A 1 10 ? 4.085  -1.879 1.586  1.00 0.00 ? 10 CY1 A C    5  
HETATM 848  O O    . CY1 A 1 10 ? 4.543  -2.289 2.656  1.00 0.00 ? 10 CY1 A O    5  
HETATM 849  H H    . CY1 A 1 10 ? 3.767  -1.591 -1.389 1.00 0.00 ? 10 CY1 A H    5  
HETATM 850  H HA   . CY1 A 1 10 ? 5.895  -2.174 0.522  1.00 0.00 ? 10 CY1 A HA   5  
HETATM 851  H HB2  . CY1 A 1 10 ? 5.443  0.165  -0.700 1.00 0.00 ? 10 CY1 A HB2  5  
HETATM 852  H HB3  . CY1 A 1 10 ? 4.138  0.165  0.324  1.00 0.00 ? 10 CY1 A HB3  5  
HETATM 853  H HD2  . CY1 A 1 10 ? 5.020  2.588  1.151  1.00 0.00 ? 10 CY1 A HD2  5  
HETATM 854  H HD3  . CY1 A 1 10 ? 6.501  2.509  0.174  1.00 0.00 ? 10 CY1 A HD3  5  
HETATM 855  H HE   . CY1 A 1 10 ? 6.804  4.127  1.948  1.00 0.00 ? 10 CY1 A HE   5  
HETATM 856  H HM1  . CY1 A 1 10 ? 8.841  3.172  4.700  1.00 0.00 ? 10 CY1 A HM1  5  
HETATM 857  H HM2  . CY1 A 1 10 ? 7.291  4.022  4.909  1.00 0.00 ? 10 CY1 A HM2  5  
HETATM 858  H HM3  . CY1 A 1 10 ? 8.382  4.479  3.582  1.00 0.00 ? 10 CY1 A HM3  5  
ATOM   859  N N    . THR A 1 11 ? 2.804  -1.576 1.378  1.00 0.00 ? 11 THR A N    5  
ATOM   860  C CA   . THR A 1 11 ? 1.726  -1.633 2.356  1.00 0.00 ? 11 THR A CA   5  
ATOM   861  C C    . THR A 1 11 ? 2.078  -0.957 3.663  1.00 0.00 ? 11 THR A C    5  
ATOM   862  O O    . THR A 1 11 ? 2.383  -1.591 4.681  1.00 0.00 ? 11 THR A O    5  
ATOM   863  C CB   . THR A 1 11 ? 1.108  -3.062 2.555  1.00 0.00 ? 11 THR A CB   5  
ATOM   864  O OG1  . THR A 1 11 ? 0.029  -3.007 3.497  1.00 0.00 ? 11 THR A OG1  5  
ATOM   865  C CG2  . THR A 1 11 ? 2.127  -4.106 3.025  1.00 0.00 ? 11 THR A CG2  5  
ATOM   866  H H    . THR A 1 11 ? 2.762  -0.911 0.659  1.00 0.00 ? 11 THR A H    5  
ATOM   867  H HA   . THR A 1 11 ? 0.974  -1.006 1.938  1.00 0.00 ? 11 THR A HA   5  
ATOM   868  H HB   . THR A 1 11 ? 0.709  -3.385 1.603  1.00 0.00 ? 11 THR A HB   5  
ATOM   869  H HG1  . THR A 1 11 ? -0.354 -2.126 3.494  1.00 0.00 ? 11 THR A HG1  5  
ATOM   870  H HG21 . THR A 1 11 ? 2.549  -3.798 3.969  1.00 0.00 ? 11 THR A HG21 5  
ATOM   871  H HG22 . THR A 1 11 ? 2.913  -4.198 2.290  1.00 0.00 ? 11 THR A HG22 5  
ATOM   872  H HG23 . THR A 1 11 ? 1.634  -5.061 3.145  1.00 0.00 ? 11 THR A HG23 5  
ATOM   873  N N    . GLY A 1 12 ? 2.041  0.361  3.578  1.00 0.00 ? 12 GLY A N    5  
ATOM   874  C CA   . GLY A 1 12 ? 2.324  1.179  4.722  1.00 0.00 ? 12 GLY A CA   5  
ATOM   875  C C    . GLY A 1 12 ? 2.555  2.636  4.405  1.00 0.00 ? 12 GLY A C    5  
ATOM   876  O O    . GLY A 1 12 ? 3.299  3.334  5.098  1.00 0.00 ? 12 GLY A O    5  
ATOM   877  H H    . GLY A 1 12 ? 1.853  0.769  2.706  1.00 0.00 ? 12 GLY A H    5  
ATOM   878  H HA2  . GLY A 1 12 ? 1.503  1.095  5.419  1.00 0.00 ? 12 GLY A HA2  5  
ATOM   879  H HA3  . GLY A 1 12 ? 3.194  0.791  5.144  1.00 0.00 ? 12 GLY A HA3  5  
ATOM   880  N N    . CYS A 1 13 ? 1.890  3.065  3.354  1.00 0.00 ? 13 CYS A N    5  
ATOM   881  C CA   . CYS A 1 13 ? 1.936  4.443  2.814  1.00 0.00 ? 13 CYS A CA   5  
ATOM   882  C C    . CYS A 1 13 ? 3.370  4.938  2.564  1.00 0.00 ? 13 CYS A C    5  
ATOM   883  O O    . CYS A 1 13 ? 4.078  5.255  3.546  1.00 0.00 ? 13 CYS A O    5  
ATOM   884  C CB   . CYS A 1 13 ? 1.169  5.432  3.710  1.00 0.00 ? 13 CYS A CB   5  
ATOM   885  S SG   . CYS A 1 13 ? -0.607 5.563  3.317  1.00 0.00 ? 13 CYS A SG   5  
ATOM   886  O OXT  . CYS A 1 13 ? 3.770  5.004  1.382  1.00 0.00 ? 13 CYS A OXT  5  
ATOM   887  H H    . CYS A 1 13 ? 1.335  2.410  2.918  1.00 0.00 ? 13 CYS A H    5  
ATOM   888  H HA   . CYS A 1 13 ? 1.431  4.407  1.857  1.00 0.00 ? 13 CYS A HA   5  
ATOM   889  H HB2  . CYS A 1 13 ? 1.255  5.115  4.739  1.00 0.00 ? 13 CYS A HB2  5  
ATOM   890  H HB3  . CYS A 1 13 ? 1.604  6.414  3.604  1.00 0.00 ? 13 CYS A HB3  5  
ATOM   891  N N    . CYS A 1 1  ? -5.428 0.112  -2.616 1.00 0.00 ? 1  CYS A N    6  
ATOM   892  C CA   . CYS A 1 1  ? -4.917 -1.025 -3.426 1.00 0.00 ? 1  CYS A CA   6  
ATOM   893  C C    . CYS A 1 1  ? -4.315 -2.105 -2.528 1.00 0.00 ? 1  CYS A C    6  
ATOM   894  O O    . CYS A 1 1  ? -4.600 -3.294 -2.703 1.00 0.00 ? 1  CYS A O    6  
ATOM   895  C CB   . CYS A 1 1  ? -3.868 -0.532 -4.430 1.00 0.00 ? 1  CYS A CB   6  
ATOM   896  S SG   . CYS A 1 1  ? -4.327 1.004  -5.298 1.00 0.00 ? 1  CYS A SG   6  
ATOM   897  H H1   . CYS A 1 1  ? -5.826 0.844  -3.239 1.00 0.00 ? 1  CYS A H1   6  
ATOM   898  H H2   . CYS A 1 1  ? -4.656 0.529  -2.059 1.00 0.00 ? 1  CYS A H2   6  
ATOM   899  H H3   . CYS A 1 1  ? -6.170 -0.218 -1.966 1.00 0.00 ? 1  CYS A H3   6  
ATOM   900  H HA   . CYS A 1 1  ? -5.750 -1.452 -3.968 1.00 0.00 ? 1  CYS A HA   6  
ATOM   901  H HB2  . CYS A 1 1  ? -2.941 -0.351 -3.911 1.00 0.00 ? 1  CYS A HB2  6  
ATOM   902  H HB3  . CYS A 1 1  ? -3.711 -1.297 -5.178 1.00 0.00 ? 1  CYS A HB3  6  
HETATM 903  N N    . CY1 A 1 2  ? -3.489 -1.680 -1.559 1.00 0.00 ? 2  CY1 A N    6  
HETATM 904  C CA   . CY1 A 1 2  ? -2.836 -2.592 -0.617 1.00 0.00 ? 2  CY1 A CA   6  
HETATM 905  C CB   . CY1 A 1 2  ? -1.483 -2.068 -0.235 1.00 0.00 ? 2  CY1 A CB   6  
HETATM 906  S SG   . CY1 A 1 2  ? -0.330 -1.709 -1.611 1.00 0.00 ? 2  CY1 A SG   6  
HETATM 907  C CD   . CY1 A 1 2  ? -0.114 -3.388 -2.307 1.00 0.00 ? 2  CY1 A CD   6  
HETATM 908  N NE   . CY1 A 1 2  ? -1.271 -3.633 -3.180 1.00 0.00 ? 2  CY1 A NE   6  
HETATM 909  C CZ   . CY1 A 1 2  ? -1.337 -4.701 -3.986 1.00 0.00 ? 2  CY1 A CZ   6  
HETATM 910  O OAC  . CY1 A 1 2  ? -0.456 -5.556 -4.067 1.00 0.00 ? 2  CY1 A OAC  6  
HETATM 911  C CM   . CY1 A 1 2  ? -2.609 -4.802 -4.829 1.00 0.00 ? 2  CY1 A CM   6  
HETATM 912  C C    . CY1 A 1 2  ? -3.713 -2.807 0.629  1.00 0.00 ? 2  CY1 A C    6  
HETATM 913  O O    . CY1 A 1 2  ? -4.310 -3.875 0.790  1.00 0.00 ? 2  CY1 A O    6  
HETATM 914  H H    . CY1 A 1 2  ? -3.097 -1.551 -2.449 1.00 0.00 ? 2  CY1 A H    6  
HETATM 915  H HA   . CY1 A 1 2  ? -2.694 -3.524 -1.102 1.00 0.00 ? 2  CY1 A HA   6  
HETATM 916  H HB2  . CY1 A 1 2  ? -1.498 -1.326 0.484  1.00 0.00 ? 2  CY1 A HB2  6  
HETATM 917  H HB3  . CY1 A 1 2  ? -1.122 -2.945 0.418  1.00 0.00 ? 2  CY1 A HB3  6  
HETATM 918  H HD2  . CY1 A 1 2  ? 0.766  -3.394 -2.953 1.00 0.00 ? 2  CY1 A HD2  6  
HETATM 919  H HD3  . CY1 A 1 2  ? -0.128 -4.177 -1.558 1.00 0.00 ? 2  CY1 A HD3  6  
HETATM 920  H HE   . CY1 A 1 2  ? -1.994 -2.944 -3.127 1.00 0.00 ? 2  CY1 A HE   6  
HETATM 921  H HM1  . CY1 A 1 2  ? -2.846 -5.850 -5.008 1.00 0.00 ? 2  CY1 A HM1  6  
HETATM 922  H HM2  . CY1 A 1 2  ? -2.456 -4.294 -5.782 1.00 0.00 ? 2  CY1 A HM2  6  
HETATM 923  H HM3  . CY1 A 1 2  ? -3.433 -4.327 -4.298 1.00 0.00 ? 2  CY1 A HM3  6  
ATOM   924  N N    . GLU A 1 3  ? -3.786 -1.784 1.503  1.00 0.00 ? 3  GLU A N    6  
ATOM   925  C CA   . GLU A 1 3  ? -4.590 -1.826 2.735  1.00 0.00 ? 3  GLU A CA   6  
ATOM   926  C C    . GLU A 1 3  ? -5.056 -0.421 3.126  1.00 0.00 ? 3  GLU A C    6  
ATOM   927  O O    . GLU A 1 3  ? -6.248 -0.207 3.364  1.00 0.00 ? 3  GLU A O    6  
ATOM   928  C CB   . GLU A 1 3  ? -3.809 -2.465 3.900  1.00 0.00 ? 3  GLU A CB   6  
ATOM   929  C CG   . GLU A 1 3  ? -3.690 -3.980 3.800  1.00 0.00 ? 3  GLU A CG   6  
ATOM   930  C CD   . GLU A 1 3  ? -2.990 -4.590 4.998  1.00 0.00 ? 3  GLU A CD   6  
ATOM   931  O OE1  . GLU A 1 3  ? -3.678 -4.893 5.996  1.00 0.00 ? 3  GLU A OE1  6  
ATOM   932  O OE2  . GLU A 1 3  ? -1.756 -4.767 4.939  1.00 0.00 ? 3  GLU A OE2  6  
ATOM   933  H H    . GLU A 1 3  ? -3.089 -1.101 1.410  1.00 0.00 ? 3  GLU A H    6  
ATOM   934  H HA   . GLU A 1 3  ? -5.462 -2.428 2.529  1.00 0.00 ? 3  GLU A HA   6  
ATOM   935  H HB2  . GLU A 1 3  ? -2.811 -2.048 3.922  1.00 0.00 ? 3  GLU A HB2  6  
ATOM   936  H HB3  . GLU A 1 3  ? -4.317 -2.228 4.829  1.00 0.00 ? 3  GLU A HB3  6  
ATOM   937  H HG2  . GLU A 1 3  ? -4.681 -4.401 3.729  1.00 0.00 ? 3  GLU A HG2  6  
ATOM   938  H HG3  . GLU A 1 3  ? -3.130 -4.225 2.910  1.00 0.00 ? 3  GLU A HG3  6  
ATOM   939  N N    . LEU A 1 4  ? -4.108 0.534  3.190  1.00 0.00 ? 4  LEU A N    6  
ATOM   940  C CA   . LEU A 1 4  ? -4.418 1.926  3.544  1.00 0.00 ? 4  LEU A CA   6  
ATOM   941  C C    . LEU A 1 4  ? -3.654 2.899  2.706  1.00 0.00 ? 4  LEU A C    6  
ATOM   942  O O    . LEU A 1 4  ? -3.317 4.007  3.148  1.00 0.00 ? 4  LEU A O    6  
ATOM   943  C CB   . LEU A 1 4  ? -4.211 2.190  5.050  1.00 0.00 ? 4  LEU A CB   6  
ATOM   944  C CG   . LEU A 1 4  ? -5.085 1.360  5.993  1.00 0.00 ? 4  LEU A CG   6  
ATOM   945  C CD1  . LEU A 1 4  ? -4.291 0.200  6.571  1.00 0.00 ? 4  LEU A CD1  6  
ATOM   946  C CD2  . LEU A 1 4  ? -5.645 2.233  7.105  1.00 0.00 ? 4  LEU A CD2  6  
ATOM   947  H H    . LEU A 1 4  ? -3.186 0.296  2.988  1.00 0.00 ? 4  LEU A H    6  
ATOM   948  H HA   . LEU A 1 4  ? -5.415 2.096  3.288  1.00 0.00 ? 4  LEU A HA   6  
ATOM   949  H HB2  . LEU A 1 4  ? -3.176 1.989  5.287  1.00 0.00 ? 4  LEU A HB2  6  
ATOM   950  H HB3  . LEU A 1 4  ? -4.408 3.234  5.240  1.00 0.00 ? 4  LEU A HB3  6  
ATOM   951  H HG   . LEU A 1 4  ? -5.916 0.952  5.436  1.00 0.00 ? 4  LEU A HG   6  
ATOM   952  H HD11 . LEU A 1 4  ? -3.689 -0.246 5.794  1.00 0.00 ? 4  LEU A HD11 6  
ATOM   953  H HD12 . LEU A 1 4  ? -4.971 -0.539 6.968  1.00 0.00 ? 4  LEU A HD12 6  
ATOM   954  H HD13 . LEU A 1 4  ? -3.650 0.561  7.362  1.00 0.00 ? 4  LEU A HD13 6  
ATOM   955  H HD21 . LEU A 1 4  ? -4.831 2.674  7.660  1.00 0.00 ? 4  LEU A HD21 6  
ATOM   956  H HD22 . LEU A 1 4  ? -6.247 1.629  7.767  1.00 0.00 ? 4  LEU A HD22 6  
ATOM   957  H HD23 . LEU A 1 4  ? -6.255 3.015  6.676  1.00 0.00 ? 4  LEU A HD23 6  
ATOM   958  N N    . CYS A 1 5  ? -3.432 2.498  1.457  1.00 0.00 ? 5  CYS A N    6  
ATOM   959  C CA   . CYS A 1 5  ? -2.746 3.289  0.513  1.00 0.00 ? 5  CYS A CA   6  
ATOM   960  C C    . CYS A 1 5  ? -2.709 2.541  -0.801 1.00 0.00 ? 5  CYS A C    6  
ATOM   961  O O    . CYS A 1 5  ? -3.596 1.736  -1.110 1.00 0.00 ? 5  CYS A O    6  
ATOM   962  C CB   . CYS A 1 5  ? -1.344 3.534  1.044  1.00 0.00 ? 5  CYS A CB   6  
ATOM   963  S SG   . CYS A 1 5  ? -0.910 5.293  1.252  1.00 0.00 ? 5  CYS A SG   6  
ATOM   964  H H    . CYS A 1 5  ? -3.711 1.618  1.171  1.00 0.00 ? 5  CYS A H    6  
ATOM   965  H HA   . CYS A 1 5  ? -3.274 4.205  0.410  1.00 0.00 ? 5  CYS A HA   6  
ATOM   966  H HB2  . CYS A 1 5  ? -1.303 3.060  2.017  1.00 0.00 ? 5  CYS A HB2  6  
ATOM   967  H HB3  . CYS A 1 5  ? -0.622 3.070  0.379  1.00 0.00 ? 5  CYS A HB3  6  
ATOM   968  N N    . CYS A 1 6  ? -1.682 2.831  -1.561 1.00 0.00 ? 6  CYS A N    6  
ATOM   969  C CA   . CYS A 1 6  ? -1.434 2.179  -2.827 1.00 0.00 ? 6  CYS A CA   6  
ATOM   970  C C    . CYS A 1 6  ? 0.052  2.150  -3.121 1.00 0.00 ? 6  CYS A C    6  
ATOM   971  O O    . CYS A 1 6  ? 0.574  2.794  -4.039 1.00 0.00 ? 6  CYS A O    6  
ATOM   972  C CB   . CYS A 1 6  ? -2.245 2.786  -3.989 1.00 0.00 ? 6  CYS A CB   6  
ATOM   973  S SG   . CYS A 1 6  ? -4.034 2.454  -3.905 1.00 0.00 ? 6  CYS A SG   6  
ATOM   974  H H    . CYS A 1 6  ? -1.066 3.489  -1.234 1.00 0.00 ? 6  CYS A H    6  
ATOM   975  H HA   . CYS A 1 6  ? -1.725 1.161  -2.664 1.00 0.00 ? 6  CYS A HA   6  
ATOM   976  H HB2  . CYS A 1 6  ? -2.111 3.857  -3.991 1.00 0.00 ? 6  CYS A HB2  6  
ATOM   977  H HB3  . CYS A 1 6  ? -1.879 2.381  -4.922 1.00 0.00 ? 6  CYS A HB3  6  
ATOM   978  N N    . ASN A 1 7  ? 0.703  1.384  -2.271 1.00 0.00 ? 7  ASN A N    6  
ATOM   979  C CA   . ASN A 1 7  ? 2.133  1.144  -2.313 1.00 0.00 ? 7  ASN A CA   6  
ATOM   980  C C    . ASN A 1 7  ? 2.488  -0.052 -3.190 1.00 0.00 ? 7  ASN A C    6  
ATOM   981  O O    . ASN A 1 7  ? 1.796  -1.073 -3.128 1.00 0.00 ? 7  ASN A O    6  
ATOM   982  C CB   . ASN A 1 7  ? 2.585  0.865  -0.907 1.00 0.00 ? 7  ASN A CB   6  
ATOM   983  C CG   . ASN A 1 7  ? 2.783  2.129  -0.099 1.00 0.00 ? 7  ASN A CG   6  
ATOM   984  O OD1  . ASN A 1 7  ? 1.856  2.612  0.545  1.00 0.00 ? 7  ASN A OD1  6  
ATOM   985  N ND2  . ASN A 1 7  ? 3.993  2.676  -0.138 1.00 0.00 ? 7  ASN A ND2  6  
ATOM   986  H H    . ASN A 1 7  ? 0.185  0.979  -1.542 1.00 0.00 ? 7  ASN A H    6  
ATOM   987  H HA   . ASN A 1 7  ? 2.636  2.012  -2.677 1.00 0.00 ? 7  ASN A HA   6  
ATOM   988  H HB2  . ASN A 1 7  ? 1.818  0.264  -0.426 1.00 0.00 ? 7  ASN A HB2  6  
ATOM   989  H HB3  . ASN A 1 7  ? 3.513  0.319  -0.943 1.00 0.00 ? 7  ASN A HB3  6  
ATOM   990  H HD21 . ASN A 1 7  ? 4.682  2.237  -0.681 1.00 0.00 ? 7  ASN A HD21 6  
ATOM   991  H HD22 . ASN A 1 7  ? 4.148  3.495  0.378  1.00 0.00 ? 7  ASN A HD22 6  
ATOM   992  N N    . PRO A 1 8  ? 3.560  0.039  -4.035 1.00 0.00 ? 8  PRO A N    6  
ATOM   993  C CA   . PRO A 1 8  ? 3.971  -1.093 -4.859 1.00 0.00 ? 8  PRO A CA   6  
ATOM   994  C C    . PRO A 1 8  ? 4.643  -2.157 -4.038 1.00 0.00 ? 8  PRO A C    6  
ATOM   995  O O    . PRO A 1 8  ? 5.865  -2.219 -3.857 1.00 0.00 ? 8  PRO A O    6  
ATOM   996  C CB   . PRO A 1 8  ? 4.876  -0.479 -5.931 1.00 0.00 ? 8  PRO A CB   6  
ATOM   997  C CG   . PRO A 1 8  ? 5.415  0.776  -5.316 1.00 0.00 ? 8  PRO A CG   6  
ATOM   998  C CD   . PRO A 1 8  ? 4.405  1.236  -4.286 1.00 0.00 ? 8  PRO A CD   6  
ATOM   999  H HA   . PRO A 1 8  ? 3.113  -1.574 -5.301 1.00 0.00 ? 8  PRO A HA   6  
ATOM   1000 H HB2  . PRO A 1 8  ? 5.667  -1.180 -6.178 1.00 0.00 ? 8  PRO A HB2  6  
ATOM   1001 H HB3  . PRO A 1 8  ? 4.297  -0.255 -6.812 1.00 0.00 ? 8  PRO A HB3  6  
ATOM   1002 H HG2  . PRO A 1 8  ? 6.366  0.567  -4.843 1.00 0.00 ? 8  PRO A HG2  6  
ATOM   1003 H HG3  . PRO A 1 8  ? 5.536  1.533  -6.077 1.00 0.00 ? 8  PRO A HG3  6  
ATOM   1004 H HD2  . PRO A 1 8  ? 4.905  1.548  -3.381 1.00 0.00 ? 8  PRO A HD2  6  
ATOM   1005 H HD3  . PRO A 1 8  ? 3.810  2.047  -4.683 1.00 0.00 ? 8  PRO A HD3  6  
ATOM   1006 N N    . ALA A 1 9  ? 3.743  -2.973 -3.529 1.00 0.00 ? 9  ALA A N    6  
ATOM   1007 C CA   . ALA A 1 9  ? 4.015  -4.109 -2.692 1.00 0.00 ? 9  ALA A CA   6  
ATOM   1008 C C    . ALA A 1 9  ? 4.610  -3.727 -1.317 1.00 0.00 ? 9  ALA A C    6  
ATOM   1009 O O    . ALA A 1 9  ? 5.163  -4.589 -0.621 1.00 0.00 ? 9  ALA A O    6  
ATOM   1010 C CB   . ALA A 1 9  ? 4.880  -5.152 -3.413 1.00 0.00 ? 9  ALA A CB   6  
ATOM   1011 H H    . ALA A 1 9  ? 2.804  -2.791 -3.740 1.00 0.00 ? 9  ALA A H    6  
ATOM   1012 H HA   . ALA A 1 9  ? 3.052  -4.541 -2.540 1.00 0.00 ? 9  ALA A HA   6  
ATOM   1013 H HB1  . ALA A 1 9  ? 5.869  -4.751 -3.580 1.00 0.00 ? 9  ALA A HB1  6  
ATOM   1014 H HB2  . ALA A 1 9  ? 4.427  -5.400 -4.361 1.00 0.00 ? 9  ALA A HB2  6  
ATOM   1015 H HB3  . ALA A 1 9  ? 4.951  -6.043 -2.806 1.00 0.00 ? 9  ALA A HB3  6  
HETATM 1016 N N    . CY1 A 1 10 ? 4.479  -2.441 -0.907 1.00 0.00 ? 10 CY1 A N    6  
HETATM 1017 C CA   . CY1 A 1 10 ? 5.031  -2.019 0.388  1.00 0.00 ? 10 CY1 A CA   6  
HETATM 1018 C CB   . CY1 A 1 10 ? 5.457  -0.572 0.347  1.00 0.00 ? 10 CY1 A CB   6  
HETATM 1019 S SG   . CY1 A 1 10 ? 6.552  -0.014 1.704  1.00 0.00 ? 10 CY1 A SG   6  
HETATM 1020 C CD   . CY1 A 1 10 ? 6.818  1.726  1.204  1.00 0.00 ? 10 CY1 A CD   6  
HETATM 1021 N NE   . CY1 A 1 10 ? 7.782  2.361  2.114  1.00 0.00 ? 10 CY1 A NE   6  
HETATM 1022 C CZ   . CY1 A 1 10 ? 8.136  3.647  1.987  1.00 0.00 ? 10 CY1 A CZ   6  
HETATM 1023 O OAC  . CY1 A 1 10 ? 7.689  4.400  1.123  1.00 0.00 ? 10 CY1 A OAC  6  
HETATM 1024 C CM   . CY1 A 1 10 ? 9.151  4.144  3.018  1.00 0.00 ? 10 CY1 A CM   6  
HETATM 1025 C C    . CY1 A 1 10 ? 4.019  -2.196 1.503  1.00 0.00 ? 10 CY1 A C    6  
HETATM 1026 O O    . CY1 A 1 10 ? 4.280  -2.850 2.515  1.00 0.00 ? 10 CY1 A O    6  
HETATM 1027 H H    . CY1 A 1 10 ? 3.923  -1.788 -1.412 1.00 0.00 ? 10 CY1 A H    6  
HETATM 1028 H HA   . CY1 A 1 10 ? 5.885  -2.632 0.597  1.00 0.00 ? 10 CY1 A HA   6  
HETATM 1029 H HB2  . CY1 A 1 10 ? 5.716  -0.188 -0.589 1.00 0.00 ? 10 CY1 A HB2  6  
HETATM 1030 H HB3  . CY1 A 1 10 ? 4.417  -0.099 0.440  1.00 0.00 ? 10 CY1 A HB3  6  
HETATM 1031 H HD2  . CY1 A 1 10 ? 5.872  2.263  1.243  1.00 0.00 ? 10 CY1 A HD2  6  
HETATM 1032 H HD3  . CY1 A 1 10 ? 7.205  1.753  0.185  1.00 0.00 ? 10 CY1 A HD3  6  
HETATM 1033 H HE   . CY1 A 1 10 ? 8.151  1.763  2.825  1.00 0.00 ? 10 CY1 A HE   6  
HETATM 1034 H HM1  . CY1 A 1 10 ? 9.030  3.587  3.948  1.00 0.00 ? 10 CY1 A HM1  6  
HETATM 1035 H HM2  . CY1 A 1 10 ? 8.989  5.206  3.205  1.00 0.00 ? 10 CY1 A HM2  6  
HETATM 1036 H HM3  . CY1 A 1 10 ? 10.160 3.995  2.632  1.00 0.00 ? 10 CY1 A HM3  6  
ATOM   1037 N N    . THR A 1 11 ? 2.851  -1.589 1.275  1.00 0.00 ? 11 THR A N    6  
ATOM   1038 C CA   . THR A 1 11 ? 1.707  -1.570 2.164  1.00 0.00 ? 11 THR A CA   6  
ATOM   1039 C C    . THR A 1 11 ? 2.026  -0.923 3.488  1.00 0.00 ? 11 THR A C    6  
ATOM   1040 O O    . THR A 1 11 ? 2.220  -1.580 4.520  1.00 0.00 ? 11 THR A O    6  
ATOM   1041 C CB   . THR A 1 11 ? 1.052  -2.955 2.325  1.00 0.00 ? 11 THR A CB   6  
ATOM   1042 O OG1  . THR A 1 11 ? 0.924  -3.590 1.046  1.00 0.00 ? 11 THR A OG1  6  
ATOM   1043 C CG2  . THR A 1 11 ? -0.321 -2.883 2.991  1.00 0.00 ? 11 THR A CG2  6  
ATOM   1044 H H    . THR A 1 11 ? 2.867  -0.978 0.520  1.00 0.00 ? 11 THR A H    6  
ATOM   1045 H HA   . THR A 1 11 ? 1.016  -0.933 1.711  1.00 0.00 ? 11 THR A HA   6  
ATOM   1046 H HB   . THR A 1 11 ? 1.701  -3.530 2.929  1.00 0.00 ? 11 THR A HB   6  
ATOM   1047 H HG1  . THR A 1 11 ? 1.746  -4.034 0.824  1.00 0.00 ? 11 THR A HG1  6  
ATOM   1048 H HG21 . THR A 1 11 ? -0.890 -2.074 2.560  1.00 0.00 ? 11 THR A HG21 6  
ATOM   1049 H HG22 . THR A 1 11 ? -0.198 -2.712 4.051  1.00 0.00 ? 11 THR A HG22 6  
ATOM   1050 H HG23 . THR A 1 11 ? -0.844 -3.813 2.836  1.00 0.00 ? 11 THR A HG23 6  
ATOM   1051 N N    . GLY A 1 12 ? 2.092  0.392  3.406  1.00 0.00 ? 12 GLY A N    6  
ATOM   1052 C CA   . GLY A 1 12 ? 2.359  1.183  4.570  1.00 0.00 ? 12 GLY A CA   6  
ATOM   1053 C C    . GLY A 1 12 ? 2.454  2.665  4.314  1.00 0.00 ? 12 GLY A C    6  
ATOM   1054 O O    . GLY A 1 12 ? 3.119  3.403  5.045  1.00 0.00 ? 12 GLY A O    6  
ATOM   1055 H H    . GLY A 1 12 ? 2.004  0.813  2.524  1.00 0.00 ? 12 GLY A H    6  
ATOM   1056 H HA2  . GLY A 1 12 ? 1.579  1.000  5.291  1.00 0.00 ? 12 GLY A HA2  6  
ATOM   1057 H HA3  . GLY A 1 12 ? 3.275  0.849  4.936  1.00 0.00 ? 12 GLY A HA3  6  
ATOM   1058 N N    . CYS A 1 13 ? 1.766  3.069  3.271  1.00 0.00 ? 13 CYS A N    6  
ATOM   1059 C CA   . CYS A 1 13 ? 1.689  4.467  2.785  1.00 0.00 ? 13 CYS A CA   6  
ATOM   1060 C C    . CYS A 1 13 ? 3.077  5.077  2.528  1.00 0.00 ? 13 CYS A C    6  
ATOM   1061 O O    . CYS A 1 13 ? 3.450  5.203  1.343  1.00 0.00 ? 13 CYS A O    6  
ATOM   1062 C CB   . CYS A 1 13 ? 0.872  5.360  3.737  1.00 0.00 ? 13 CYS A CB   6  
ATOM   1063 S SG   . CYS A 1 13 ? -0.884 5.543  3.271  1.00 0.00 ? 13 CYS A SG   6  
ATOM   1064 O OXT  . CYS A 1 13 ? 3.779  5.411  3.508  1.00 0.00 ? 13 CYS A OXT  6  
ATOM   1065 H H    . CYS A 1 13 ? 1.282  2.379  2.800  1.00 0.00 ? 13 CYS A H    6  
ATOM   1066 H HA   . CYS A 1 13 ? 1.166  4.429  1.838  1.00 0.00 ? 13 CYS A HA   6  
ATOM   1067 H HB2  . CYS A 1 13 ? 0.904  4.938  4.730  1.00 0.00 ? 13 CYS A HB2  6  
ATOM   1068 H HB3  . CYS A 1 13 ? 1.311  6.346  3.757  1.00 0.00 ? 13 CYS A HB3  6  
ATOM   1069 N N    . CYS A 1 1  ? -5.136 0.397  -2.684 1.00 0.00 ? 1  CYS A N    7  
ATOM   1070 C CA   . CYS A 1 1  ? -4.778 -0.688 -3.635 1.00 0.00 ? 1  CYS A CA   7  
ATOM   1071 C C    . CYS A 1 1  ? -4.111 -1.861 -2.916 1.00 0.00 ? 1  CYS A C    7  
ATOM   1072 O O    . CYS A 1 1  ? -4.352 -3.021 -3.260 1.00 0.00 ? 1  CYS A O    7  
ATOM   1073 C CB   . CYS A 1 1  ? -3.835 -0.156 -4.718 1.00 0.00 ? 1  CYS A CB   7  
ATOM   1074 S SG   . CYS A 1 1  ? -4.342 1.435  -5.443 1.00 0.00 ? 1  CYS A SG   7  
ATOM   1075 H H1   . CYS A 1 1  ? -5.803 0.040  -1.969 1.00 0.00 ? 1  CYS A H1   7  
ATOM   1076 H H2   . CYS A 1 1  ? -5.580 1.187  -3.192 1.00 0.00 ? 1  CYS A H2   7  
ATOM   1077 H H3   . CYS A 1 1  ? -4.281 0.745  -2.202 1.00 0.00 ? 1  CYS A H3   7  
ATOM   1078 H HA   . CYS A 1 1  ? -5.687 -1.040 -4.102 1.00 0.00 ? 1  CYS A HA   7  
ATOM   1079 H HB2  . CYS A 1 1  ? -2.852 -0.021 -4.291 1.00 0.00 ? 1  CYS A HB2  7  
ATOM   1080 H HB3  . CYS A 1 1  ? -3.777 -0.878 -5.518 1.00 0.00 ? 1  CYS A HB3  7  
HETATM 1081 N N    . CY1 A 1 2  ? -3.273 -1.548 -1.918 1.00 0.00 ? 2  CY1 A N    7  
HETATM 1082 C CA   . CY1 A 1 2  ? -2.556 -2.567 -1.152 1.00 0.00 ? 2  CY1 A CA   7  
HETATM 1083 C CB   . CY1 A 1 2  ? -1.134 -2.130 -0.913 1.00 0.00 ? 2  CY1 A CB   7  
HETATM 1084 S SG   . CY1 A 1 2  ? -0.022 -3.381 -0.172 1.00 0.00 ? 2  CY1 A SG   7  
HETATM 1085 C CD   . CY1 A 1 2  ? 0.142  -4.536 -1.583 1.00 0.00 ? 2  CY1 A CD   7  
HETATM 1086 N NE   . CY1 A 1 2  ? -1.201 -5.071 -1.842 1.00 0.00 ? 2  CY1 A NE   7  
HETATM 1087 C CZ   . CY1 A 1 2  ? -1.845 -5.835 -0.949 1.00 0.00 ? 2  CY1 A CZ   7  
HETATM 1088 O OAC  . CY1 A 1 2  ? -1.382 -6.151 0.145  1.00 0.00 ? 2  CY1 A OAC  7  
HETATM 1089 C CM   . CY1 A 1 2  ? -3.234 -6.307 -1.384 1.00 0.00 ? 2  CY1 A CM   7  
HETATM 1090 C C    . CY1 A 1 2  ? -3.275 -2.885 0.169  1.00 0.00 ? 2  CY1 A C    7  
HETATM 1091 O O    . CY1 A 1 2  ? -3.801 -3.990 0.331  1.00 0.00 ? 2  CY1 A O    7  
HETATM 1092 H H    . CY1 A 1 2  ? -2.874 -1.200 -2.743 1.00 0.00 ? 2  CY1 A H    7  
HETATM 1093 H HA   . CY1 A 1 2  ? -2.531 -3.452 -1.742 1.00 0.00 ? 2  CY1 A HA   7  
HETATM 1094 H HB2  . CY1 A 1 2  ? -0.678 -1.580 -1.692 1.00 0.00 ? 2  CY1 A HB2  7  
HETATM 1095 H HB3  . CY1 A 1 2  ? -1.353 -1.276 -0.196 1.00 0.00 ? 2  CY1 A HB3  7  
HETATM 1096 H HD2  . CY1 A 1 2  ? 0.426  -3.971 -2.474 1.00 0.00 ? 2  CY1 A HD2  7  
HETATM 1097 H HD3  . CY1 A 1 2  ? 0.777  -5.394 -1.373 1.00 0.00 ? 2  CY1 A HD3  7  
HETATM 1098 H HE   . CY1 A 1 2  ? -1.591 -4.822 -2.730 1.00 0.00 ? 2  CY1 A HE   7  
HETATM 1099 H HM1  . CY1 A 1 2  ? -3.865 -6.445 -0.506 1.00 0.00 ? 2  CY1 A HM1  7  
HETATM 1100 H HM2  . CY1 A 1 2  ? -3.146 -7.250 -1.923 1.00 0.00 ? 2  CY1 A HM2  7  
HETATM 1101 H HM3  . CY1 A 1 2  ? -3.681 -5.558 -2.040 1.00 0.00 ? 2  CY1 A HM3  7  
ATOM   1102 N N    . GLU A 1 3  ? -3.297 -1.915 1.109  1.00 0.00 ? 3  GLU A N    7  
ATOM   1103 C CA   . GLU A 1 3  ? -3.957 -2.088 2.412  1.00 0.00 ? 3  GLU A CA   7  
ATOM   1104 C C    . GLU A 1 3  ? -4.471 -0.741 2.953  1.00 0.00 ? 3  GLU A C    7  
ATOM   1105 O O    . GLU A 1 3  ? -5.684 -0.546 3.069  1.00 0.00 ? 3  GLU A O    7  
ATOM   1106 C CB   . GLU A 1 3  ? -3.002 -2.763 3.424  1.00 0.00 ? 3  GLU A CB   7  
ATOM   1107 C CG   . GLU A 1 3  ? -3.709 -3.591 4.496  1.00 0.00 ? 3  GLU A CG   7  
ATOM   1108 C CD   . GLU A 1 3  ? -4.118 -4.970 4.005  1.00 0.00 ? 3  GLU A CD   7  
ATOM   1109 O OE1  . GLU A 1 3  ? -5.248 -5.105 3.490  1.00 0.00 ? 3  GLU A OE1  7  
ATOM   1110 O OE2  . GLU A 1 3  ? -3.309 -5.912 4.138  1.00 0.00 ? 3  GLU A OE2  7  
ATOM   1111 H H    . GLU A 1 3  ? -3.006 -1.020 0.835  1.00 0.00 ? 3  GLU A H    7  
ATOM   1112 H HA   . GLU A 1 3  ? -4.808 -2.735 2.258  1.00 0.00 ? 3  GLU A HA   7  
ATOM   1113 H HB2  . GLU A 1 3  ? -2.333 -3.420 2.881  1.00 0.00 ? 3  GLU A HB2  7  
ATOM   1114 H HB3  . GLU A 1 3  ? -2.420 -1.993 3.918  1.00 0.00 ? 3  GLU A HB3  7  
ATOM   1115 H HG2  . GLU A 1 3  ? -3.045 -3.711 5.338  1.00 0.00 ? 3  GLU A HG2  7  
ATOM   1116 H HG3  . GLU A 1 3  ? -4.597 -3.063 4.812  1.00 0.00 ? 3  GLU A HG3  7  
ATOM   1117 N N    . LEU A 1 4  ? -3.547 0.181  3.277  1.00 0.00 ? 4  LEU A N    7  
ATOM   1118 C CA   . LEU A 1 4  ? -3.911 1.503  3.794  1.00 0.00 ? 4  LEU A CA   7  
ATOM   1119 C C    . LEU A 1 4  ? -3.264 2.604  3.014  1.00 0.00 ? 4  LEU A C    7  
ATOM   1120 O O    . LEU A 1 4  ? -2.836 3.630  3.565  1.00 0.00 ? 4  LEU A O    7  
ATOM   1121 C CB   . LEU A 1 4  ? -3.616 1.618  5.301  1.00 0.00 ? 4  LEU A CB   7  
ATOM   1122 C CG   . LEU A 1 4  ? -4.516 0.783  6.215  1.00 0.00 ? 4  LEU A CG   7  
ATOM   1123 C CD1  . LEU A 1 4  ? -3.885 -0.571 6.501  1.00 0.00 ? 4  LEU A CD1  7  
ATOM   1124 C CD2  . LEU A 1 4  ? -4.793 1.527  7.512  1.00 0.00 ? 4  LEU A CD2  7  
ATOM   1125 H H    . LEU A 1 4  ? -2.605 -0.034 3.164  1.00 0.00 ? 4  LEU A H    7  
ATOM   1126 H HA   . LEU A 1 4  ? -4.935 1.630  3.623  1.00 0.00 ? 4  LEU A HA   7  
ATOM   1127 H HB2  . LEU A 1 4  ? -2.593 1.316  5.467  1.00 0.00 ? 4  LEU A HB2  7  
ATOM   1128 H HB3  . LEU A 1 4  ? -3.716 2.655  5.586  1.00 0.00 ? 4  LEU A HB3  7  
ATOM   1129 H HG   . LEU A 1 4  ? -5.461 0.611  5.719  1.00 0.00 ? 4  LEU A HG   7  
ATOM   1130 H HD11 . LEU A 1 4  ? -3.731 -1.098 5.573  1.00 0.00 ? 4  LEU A HD11 7  
ATOM   1131 H HD12 . LEU A 1 4  ? -4.538 -1.147 7.139  1.00 0.00 ? 4  LEU A HD12 7  
ATOM   1132 H HD13 . LEU A 1 4  ? -2.935 -0.428 6.995  1.00 0.00 ? 4  LEU A HD13 7  
ATOM   1133 H HD21 . LEU A 1 4  ? -3.859 1.748  8.007  1.00 0.00 ? 4  LEU A HD21 7  
ATOM   1134 H HD22 . LEU A 1 4  ? -5.405 0.913  8.156  1.00 0.00 ? 4  LEU A HD22 7  
ATOM   1135 H HD23 . LEU A 1 4  ? -5.312 2.448  7.294  1.00 0.00 ? 4  LEU A HD23 7  
ATOM   1136 N N    . CYS A 1 5  ? -3.246 2.392  1.701  1.00 0.00 ? 5  CYS A N    7  
ATOM   1137 C CA   . CYS A 1 5  ? -2.707 3.309  0.771  1.00 0.00 ? 5  CYS A CA   7  
ATOM   1138 C C    . CYS A 1 5  ? -2.811 2.688  -0.599 1.00 0.00 ? 5  CYS A C    7  
ATOM   1139 O O    . CYS A 1 5  ? -3.738 1.924  -0.889 1.00 0.00 ? 5  CYS A O    7  
ATOM   1140 C CB   . CYS A 1 5  ? -1.256 3.563  1.140  1.00 0.00 ? 5  CYS A CB   7  
ATOM   1141 S SG   . CYS A 1 5  ? -0.831 5.322  1.350  1.00 0.00 ? 5  CYS A SG   7  
ATOM   1142 H H    . CYS A 1 5  ? -3.578 1.556  1.345  1.00 0.00 ? 5  CYS A H    7  
ATOM   1143 H HA   . CYS A 1 5  ? -3.275 4.207  0.825  1.00 0.00 ? 5  CYS A HA   7  
ATOM   1144 H HB2  . CYS A 1 5  ? -1.088 3.055  2.079  1.00 0.00 ? 5  CYS A HB2  7  
ATOM   1145 H HB3  . CYS A 1 5  ? -0.613 3.135  0.377  1.00 0.00 ? 5  CYS A HB3  7  
ATOM   1146 N N    . CYS A 1 6  ? -1.860 3.033  -1.426 1.00 0.00 ? 6  CYS A N    7  
ATOM   1147 C CA   . CYS A 1 6  ? -1.748 2.487  -2.753 1.00 0.00 ? 6  CYS A CA   7  
ATOM   1148 C C    . CYS A 1 6  ? -0.288 2.378  -3.138 1.00 0.00 ? 6  CYS A C    7  
ATOM   1149 O O    . CYS A 1 6  ? 0.226  3.039  -4.049 1.00 0.00 ? 6  CYS A O    7  
ATOM   1150 C CB   . CYS A 1 6  ? -2.586 3.266  -3.786 1.00 0.00 ? 6  CYS A CB   7  
ATOM   1151 S SG   . CYS A 1 6  ? -2.624 2.517  -5.446 1.00 0.00 ? 6  CYS A SG   7  
ATOM   1152 H H    . CYS A 1 6  ? -1.211 3.663  -1.113 1.00 0.00 ? 6  CYS A H    7  
ATOM   1153 H HA   . CYS A 1 6  ? -2.105 1.486  -2.654 1.00 0.00 ? 6  CYS A HA   7  
ATOM   1154 H HB2  . CYS A 1 6  ? -3.606 3.328  -3.434 1.00 0.00 ? 6  CYS A HB2  7  
ATOM   1155 H HB3  . CYS A 1 6  ? -2.185 4.264  -3.884 1.00 0.00 ? 6  CYS A HB3  7  
ATOM   1156 N N    . ASN A 1 7  ? 0.345  1.514  -2.375 1.00 0.00 ? 7  ASN A N    7  
ATOM   1157 C CA   . ASN A 1 7  ? 1.749  1.195  -2.492 1.00 0.00 ? 7  ASN A CA   7  
ATOM   1158 C C    . ASN A 1 7  ? 1.976  -0.129 -3.208 1.00 0.00 ? 7  ASN A C    7  
ATOM   1159 O O    . ASN A 1 7  ? 1.314  -1.121 -2.883 1.00 0.00 ? 7  ASN A O    7  
ATOM   1160 C CB   . ASN A 1 7  ? 2.301  1.096  -1.100 1.00 0.00 ? 7  ASN A CB   7  
ATOM   1161 C CG   . ASN A 1 7  ? 2.637  2.448  -0.506 1.00 0.00 ? 7  ASN A CG   7  
ATOM   1162 O OD1  . ASN A 1 7  ? 1.779  3.114  0.071  1.00 0.00 ? 7  ASN A OD1  7  
ATOM   1163 N ND2  . ASN A 1 7  ? 3.891  2.861  -0.645 1.00 0.00 ? 7  ASN A ND2  7  
ATOM   1164 H H    . ASN A 1 7  ? -0.170 1.081  -1.660 1.00 0.00 ? 7  ASN A H    7  
ATOM   1165 H HA   . ASN A 1 7  ? 2.258  1.973  -3.014 1.00 0.00 ? 7  ASN A HA   7  
ATOM   1166 H HB2  . ASN A 1 7  ? 1.550  0.617  -0.478 1.00 0.00 ? 7  ASN A HB2  7  
ATOM   1167 H HB3  . ASN A 1 7  ? 3.192  0.493  -1.128 1.00 0.00 ? 7  ASN A HB3  7  
ATOM   1168 H HD21 . ASN A 1 7  ? 4.521  2.276  -1.117 1.00 0.00 ? 7  ASN A HD21 7  
ATOM   1169 H HD22 . ASN A 1 7  ? 4.137  3.732  -0.271 1.00 0.00 ? 7  ASN A HD22 7  
ATOM   1170 N N    . PRO A 1 8  ? 2.908  -0.182 -4.208 1.00 0.00 ? 8  PRO A N    7  
ATOM   1171 C CA   . PRO A 1 8  ? 3.212  -1.430 -4.897 1.00 0.00 ? 8  PRO A CA   7  
ATOM   1172 C C    . PRO A 1 8  ? 4.079  -2.332 -4.062 1.00 0.00 ? 8  PRO A C    7  
ATOM   1173 O O    . PRO A 1 8  ? 5.315  -2.295 -4.070 1.00 0.00 ? 8  PRO A O    7  
ATOM   1174 C CB   . PRO A 1 8  ? 3.873  -0.989 -6.207 1.00 0.00 ? 8  PRO A CB   7  
ATOM   1175 C CG   . PRO A 1 8  ? 4.478  0.349  -5.910 1.00 0.00 ? 8  PRO A CG   7  
ATOM   1176 C CD   . PRO A 1 8  ? 3.682  0.957  -4.773 1.00 0.00 ? 8  PRO A CD   7  
ATOM   1177 H HA   . PRO A 1 8  ? 2.311  -1.995 -5.089 1.00 0.00 ? 8  PRO A HA   7  
ATOM   1178 H HB2  . PRO A 1 8  ? 4.624  -1.716 -6.493 1.00 0.00 ? 8  PRO A HB2  7  
ATOM   1179 H HB3  . PRO A 1 8  ? 3.128  -0.908 -6.981 1.00 0.00 ? 8  PRO A HB3  7  
ATOM   1180 H HG2  . PRO A 1 8  ? 5.513  0.221  -5.617 1.00 0.00 ? 8  PRO A HG2  7  
ATOM   1181 H HG3  . PRO A 1 8  ? 4.415  0.981  -6.782 1.00 0.00 ? 8  PRO A HG3  7  
ATOM   1182 H HD2  . PRO A 1 8  ? 4.346  1.373  -4.029 1.00 0.00 ? 8  PRO A HD2  7  
ATOM   1183 H HD3  . PRO A 1 8  ? 3.016  1.721  -5.150 1.00 0.00 ? 8  PRO A HD3  7  
ATOM   1184 N N    . ALA A 1 9  ? 3.336  -3.117 -3.307 1.00 0.00 ? 9  ALA A N    7  
ATOM   1185 C CA   . ALA A 1 9  ? 3.827  -4.116 -2.391 1.00 0.00 ? 9  ALA A CA   7  
ATOM   1186 C C    . ALA A 1 9  ? 4.501  -3.528 -1.128 1.00 0.00 ? 9  ALA A C    7  
ATOM   1187 O O    . ALA A 1 9  ? 5.215  -4.251 -0.420 1.00 0.00 ? 9  ALA A O    7  
ATOM   1188 C CB   . ALA A 1 9  ? 4.741  -5.131 -3.092 1.00 0.00 ? 9  ALA A CB   7  
ATOM   1189 H H    . ALA A 1 9  ? 2.364  -3.013 -3.376 1.00 0.00 ? 9  ALA A H    7  
ATOM   1190 H HA   . ALA A 1 9  ? 2.943  -4.635 -2.095 1.00 0.00 ? 9  ALA A HA   7  
ATOM   1191 H HB1  . ALA A 1 9  ? 4.240  -5.523 -3.966 1.00 0.00 ? 9  ALA A HB1  7  
ATOM   1192 H HB2  . ALA A 1 9  ? 4.969  -5.940 -2.414 1.00 0.00 ? 9  ALA A HB2  7  
ATOM   1193 H HB3  . ALA A 1 9  ? 5.657  -4.644 -3.392 1.00 0.00 ? 9  ALA A HB3  7  
HETATM 1194 N N    . CY1 A 1 10 ? 4.266  -2.225 -0.816 1.00 0.00 ? 10 CY1 A N    7  
HETATM 1195 C CA   . CY1 A 1 10 ? 4.893  -1.637 0.383  1.00 0.00 ? 10 CY1 A CA   7  
HETATM 1196 C CB   . CY1 A 1 10 ? 5.103  -0.157 0.215  1.00 0.00 ? 10 CY1 A CB   7  
HETATM 1197 S SG   . CY1 A 1 10 ? 6.144  0.656  1.481  1.00 0.00 ? 10 CY1 A SG   7  
HETATM 1198 C CD   . CY1 A 1 10 ? 7.694  -0.296 1.289  1.00 0.00 ? 10 CY1 A CD   7  
HETATM 1199 N NE   . CY1 A 1 10 ? 8.666  0.134  2.304  1.00 0.00 ? 10 CY1 A NE   7  
HETATM 1200 C CZ   . CY1 A 1 10 ? 9.047  1.413  2.428  1.00 0.00 ? 10 CY1 A CZ   7  
HETATM 1201 O OAC  . CY1 A 1 10 ? 8.625  2.327  1.721  1.00 0.00 ? 10 CY1 A OAC  7  
HETATM 1202 C CM   . CY1 A 1 10 ? 10.066 1.680  3.538  1.00 0.00 ? 10 CY1 A CM   7  
HETATM 1203 C C    . CY1 A 1 10 ? 4.041  -1.845 1.616  1.00 0.00 ? 10 CY1 A C    7  
HETATM 1204 O O    . CY1 A 1 10 ? 4.535  -2.209 2.687  1.00 0.00 ? 10 CY1 A O    7  
HETATM 1205 H H    . CY1 A 1 10 ? 3.632  -1.659 -1.337 1.00 0.00 ? 10 CY1 A H    7  
HETATM 1206 H HA   . CY1 A 1 10 ? 5.838  -2.110 0.527  1.00 0.00 ? 10 CY1 A HA   7  
HETATM 1207 H HB2  . CY1 A 1 10 ? 5.279  0.180  -0.754 1.00 0.00 ? 10 CY1 A HB2  7  
HETATM 1208 H HB3  . CY1 A 1 10 ? 4.009  0.168  0.312  1.00 0.00 ? 10 CY1 A HB3  7  
HETATM 1209 H HD2  . CY1 A 1 10 ? 8.106  -0.126 0.294  1.00 0.00 ? 10 CY1 A HD2  7  
HETATM 1210 H HD3  . CY1 A 1 10 ? 7.482  -1.358 1.412  1.00 0.00 ? 10 CY1 A HD3  7  
HETATM 1211 H HE   . CY1 A 1 10 ? 9.017  -0.597 2.891  1.00 0.00 ? 10 CY1 A HE   7  
HETATM 1212 H HM1  . CY1 A 1 10 ? 10.693 0.801  3.677  1.00 0.00 ? 10 CY1 A HM1  7  
HETATM 1213 H HM2  . CY1 A 1 10 ? 9.541  1.904  4.467  1.00 0.00 ? 10 CY1 A HM2  7  
HETATM 1214 H HM3  . CY1 A 1 10 ? 10.686 2.532  3.260  1.00 0.00 ? 10 CY1 A HM3  7  
ATOM   1215 N N    . THR A 1 11 ? 2.744  -1.595 1.428  1.00 0.00 ? 11 THR A N    7  
ATOM   1216 C CA   . THR A 1 11 ? 1.693  -1.665 2.432  1.00 0.00 ? 11 THR A CA   7  
ATOM   1217 C C    . THR A 1 11 ? 2.054  -0.948 3.715  1.00 0.00 ? 11 THR A C    7  
ATOM   1218 O O    . THR A 1 11 ? 2.421  -1.549 4.733  1.00 0.00 ? 11 THR A O    7  
ATOM   1219 C CB   . THR A 1 11 ? 1.128  -3.110 2.682  1.00 0.00 ? 11 THR A CB   7  
ATOM   1220 O OG1  . THR A 1 11 ? 0.088  -3.069 3.669  1.00 0.00 ? 11 THR A OG1  7  
ATOM   1221 C CG2  . THR A 1 11 ? 2.198  -4.113 3.127  1.00 0.00 ? 11 THR A CG2  7  
ATOM   1222 H H    . THR A 1 11 ? 2.665  -0.944 0.701  1.00 0.00 ? 11 THR A H    7  
ATOM   1223 H HA   . THR A 1 11 ? 0.910  -1.075 2.018  1.00 0.00 ? 11 THR A HA   7  
ATOM   1224 H HB   . THR A 1 11 ? 0.700  -3.462 1.754  1.00 0.00 ? 11 THR A HB   7  
ATOM   1225 H HG1  . THR A 1 11 ? -0.602 -2.468 3.382  1.00 0.00 ? 11 THR A HG1  7  
ATOM   1226 H HG21 . THR A 1 11 ? 1.743  -5.083 3.273  1.00 0.00 ? 11 THR A HG21 7  
ATOM   1227 H HG22 . THR A 1 11 ? 2.642  -3.781 4.053  1.00 0.00 ? 11 THR A HG22 7  
ATOM   1228 H HG23 . THR A 1 11 ? 2.962  -4.186 2.366  1.00 0.00 ? 11 THR A HG23 7  
ATOM   1229 N N    . GLY A 1 12 ? 1.958  0.366  3.608  1.00 0.00 ? 12 GLY A N    7  
ATOM   1230 C CA   . GLY A 1 12 ? 2.236  1.217  4.729  1.00 0.00 ? 12 GLY A CA   7  
ATOM   1231 C C    . GLY A 1 12 ? 2.490  2.660  4.373  1.00 0.00 ? 12 GLY A C    7  
ATOM   1232 O O    . GLY A 1 12 ? 3.244  3.365  5.048  1.00 0.00 ? 12 GLY A O    7  
ATOM   1233 H H    . GLY A 1 12 ? 1.729  0.748  2.735  1.00 0.00 ? 12 GLY A H    7  
ATOM   1234 H HA2  . GLY A 1 12 ? 1.404  1.165  5.416  1.00 0.00 ? 12 GLY A HA2  7  
ATOM   1235 H HA3  . GLY A 1 12 ? 3.094  0.831  5.179  1.00 0.00 ? 12 GLY A HA3  7  
ATOM   1236 N N    . CYS A 1 13 ? 1.835  3.073  3.309  1.00 0.00 ? 13 CYS A N    7  
ATOM   1237 C CA   . CYS A 1 13 ? 1.903  4.439  2.739  1.00 0.00 ? 13 CYS A CA   7  
ATOM   1238 C C    . CYS A 1 13 ? 3.345  4.894  2.460  1.00 0.00 ? 13 CYS A C    7  
ATOM   1239 O O    . CYS A 1 13 ? 4.076  5.210  3.426  1.00 0.00 ? 13 CYS A O    7  
ATOM   1240 C CB   . CYS A 1 13 ? 1.175  5.461  3.631  1.00 0.00 ? 13 CYS A CB   7  
ATOM   1241 S SG   . CYS A 1 13 ? -0.628 5.526  3.362  1.00 0.00 ? 13 CYS A SG   7  
ATOM   1242 O OXT  . CYS A 1 13 ? 3.729  4.928  1.272  1.00 0.00 ? 13 CYS A OXT  7  
ATOM   1243 H H    . CYS A 1 13 ? 1.272  2.416  2.884  1.00 0.00 ? 13 CYS A H    7  
ATOM   1244 H HA   . CYS A 1 13 ? 1.384  4.398  1.791  1.00 0.00 ? 13 CYS A HA   7  
ATOM   1245 H HB2  . CYS A 1 13 ? 1.343  5.208  4.668  1.00 0.00 ? 13 CYS A HB2  7  
ATOM   1246 H HB3  . CYS A 1 13 ? 1.573  6.447  3.437  1.00 0.00 ? 13 CYS A HB3  7  
ATOM   1247 N N    . CYS A 1 1  ? -5.901 -0.459 -2.746 1.00 0.00 ? 1  CYS A N    8  
ATOM   1248 C CA   . CYS A 1 1  ? -4.889 -1.175 -3.566 1.00 0.00 ? 1  CYS A CA   8  
ATOM   1249 C C    . CYS A 1 1  ? -4.148 -2.223 -2.732 1.00 0.00 ? 1  CYS A C    8  
ATOM   1250 O O    . CYS A 1 1  ? -3.999 -3.371 -3.162 1.00 0.00 ? 1  CYS A O    8  
ATOM   1251 C CB   . CYS A 1 1  ? -3.888 -0.181 -4.156 1.00 0.00 ? 1  CYS A CB   8  
ATOM   1252 S SG   . CYS A 1 1  ? -4.646 1.287  -4.927 1.00 0.00 ? 1  CYS A SG   8  
ATOM   1253 H H1   . CYS A 1 1  ? -6.389 0.256  -3.323 1.00 0.00 ? 1  CYS A H1   8  
ATOM   1254 H H2   . CYS A 1 1  ? -5.440 0.016  -1.943 1.00 0.00 ? 1  CYS A H2   8  
ATOM   1255 H H3   . CYS A 1 1  ? -6.605 -1.131 -2.378 1.00 0.00 ? 1  CYS A H3   8  
ATOM   1256 H HA   . CYS A 1 1  ? -5.402 -1.677 -4.372 1.00 0.00 ? 1  CYS A HA   8  
ATOM   1257 H HB2  . CYS A 1 1  ? -3.241 0.163  -3.371 1.00 0.00 ? 1  CYS A HB2  8  
ATOM   1258 H HB3  . CYS A 1 1  ? -3.296 -0.680 -4.911 1.00 0.00 ? 1  CYS A HB3  8  
HETATM 1259 N N    . CY1 A 1 2  ? -3.687 -1.815 -1.540 1.00 0.00 ? 2  CY1 A N    8  
HETATM 1260 C CA   . CY1 A 1 2  ? -2.960 -2.702 -0.631 1.00 0.00 ? 2  CY1 A CA   8  
HETATM 1261 C CB   . CY1 A 1 2  ? -1.567 -2.188 -0.401 1.00 0.00 ? 2  CY1 A CB   8  
HETATM 1262 S SG   . CY1 A 1 2  ? -0.567 -1.890 -1.905 1.00 0.00 ? 2  CY1 A SG   8  
HETATM 1263 C CD   . CY1 A 1 2  ? -0.687 -3.536 -2.696 1.00 0.00 ? 2  CY1 A CD   8  
HETATM 1264 N NE   . CY1 A 1 2  ? 0.032  -3.436 -3.974 1.00 0.00 ? 2  CY1 A NE   8  
HETATM 1265 C CZ   . CY1 A 1 2  ? 1.030  -4.270 -4.295 1.00 0.00 ? 2  CY1 A CZ   8  
HETATM 1266 O OAC  . CY1 A 1 2  ? 1.423  -5.182 -3.570 1.00 0.00 ? 2  CY1 A OAC  8  
HETATM 1267 C CM   . CY1 A 1 2  ? 1.666  -4.021 -5.664 1.00 0.00 ? 2  CY1 A CM   8  
HETATM 1268 C C    . CY1 A 1 2  ? -3.722 -2.869 0.689  1.00 0.00 ? 2  CY1 A C    8  
HETATM 1269 O O    . CY1 A 1 2  ? -4.211 -3.962 0.986  1.00 0.00 ? 2  CY1 A O    8  
HETATM 1270 H H    . CY1 A 1 2  ? -3.217 -1.426 -2.307 1.00 0.00 ? 2  CY1 A H    8  
HETATM 1271 H HA   . CY1 A 1 2  ? -2.873 -3.651 -1.098 1.00 0.00 ? 2  CY1 A HA   8  
HETATM 1272 H HB2  . CY1 A 1 2  ? -1.497 -1.428 0.293  1.00 0.00 ? 2  CY1 A HB2  8  
HETATM 1273 H HB3  . CY1 A 1 2  ? -1.152 -3.054 0.235  1.00 0.00 ? 2  CY1 A HB3  8  
HETATM 1274 H HD2  . CY1 A 1 2  ? -0.140 -4.263 -2.092 1.00 0.00 ? 2  CY1 A HD2  8  
HETATM 1275 H HD3  . CY1 A 1 2  ? -1.705 -3.829 -2.942 1.00 0.00 ? 2  CY1 A HD3  8  
HETATM 1276 H HE   . CY1 A 1 2  ? -0.278 -2.701 -4.577 1.00 0.00 ? 2  CY1 A HE   8  
HETATM 1277 H HM1  . CY1 A 1 2  ? 1.143  -4.605 -6.420 1.00 0.00 ? 2  CY1 A HM1  8  
HETATM 1278 H HM2  . CY1 A 1 2  ? 2.716  -4.314 -5.637 1.00 0.00 ? 2  CY1 A HM2  8  
HETATM 1279 H HM3  . CY1 A 1 2  ? 1.594  -2.960 -5.907 1.00 0.00 ? 2  CY1 A HM3  8  
ATOM   1280 N N    . GLU A 1 3  ? -3.823 -1.778 1.478  1.00 0.00 ? 3  GLU A N    8  
ATOM   1281 C CA   . GLU A 1 3  ? -4.537 -1.783 2.764  1.00 0.00 ? 3  GLU A CA   8  
ATOM   1282 C C    . GLU A 1 3  ? -5.019 -0.373 3.126  1.00 0.00 ? 3  GLU A C    8  
ATOM   1283 O O    . GLU A 1 3  ? -6.216 -0.164 3.342  1.00 0.00 ? 3  GLU A O    8  
ATOM   1284 C CB   . GLU A 1 3  ? -3.655 -2.350 3.892  1.00 0.00 ? 3  GLU A CB   8  
ATOM   1285 C CG   . GLU A 1 3  ? -4.417 -3.228 4.874  1.00 0.00 ? 3  GLU A CG   8  
ATOM   1286 C CD   . GLU A 1 3  ? -3.515 -3.854 5.919  1.00 0.00 ? 3  GLU A CD   8  
ATOM   1287 O OE1  . GLU A 1 3  ? -2.889 -4.892 5.620  1.00 0.00 ? 3  GLU A OE1  8  
ATOM   1288 O OE2  . GLU A 1 3  ? -3.436 -3.307 7.039  1.00 0.00 ? 3  GLU A OE2  8  
ATOM   1289 H H    . GLU A 1 3  ? -3.331 -0.974 1.207  1.00 0.00 ? 3  GLU A H    8  
ATOM   1290 H HA   . GLU A 1 3  ? -5.403 -2.418 2.649  1.00 0.00 ? 3  GLU A HA   8  
ATOM   1291 H HB2  . GLU A 1 3  ? -2.864 -2.943 3.451  1.00 0.00 ? 3  GLU A HB2  8  
ATOM   1292 H HB3  . GLU A 1 3  ? -3.219 -1.524 4.443  1.00 0.00 ? 3  GLU A HB3  8  
ATOM   1293 H HG2  . GLU A 1 3  ? -5.159 -2.625 5.375  1.00 0.00 ? 3  GLU A HG2  8  
ATOM   1294 H HG3  . GLU A 1 3  ? -4.906 -4.017 4.323  1.00 0.00 ? 3  GLU A HG3  8  
ATOM   1295 N N    . LEU A 1 4  ? -4.078 0.589  3.190  1.00 0.00 ? 4  LEU A N    8  
ATOM   1296 C CA   . LEU A 1 4  ? -4.399 1.981  3.525  1.00 0.00 ? 4  LEU A CA   8  
ATOM   1297 C C    . LEU A 1 4  ? -3.591 2.950  2.715  1.00 0.00 ? 4  LEU A C    8  
ATOM   1298 O O    . LEU A 1 4  ? -3.186 4.016  3.199  1.00 0.00 ? 4  LEU A O    8  
ATOM   1299 C CB   . LEU A 1 4  ? -4.255 2.227  5.045  1.00 0.00 ? 4  LEU A CB   8  
ATOM   1300 C CG   . LEU A 1 4  ? -5.012 3.441  5.606  1.00 0.00 ? 4  LEU A CG   8  
ATOM   1301 C CD1  . LEU A 1 4  ? -6.439 3.063  5.984  1.00 0.00 ? 4  LEU A CD1  8  
ATOM   1302 C CD2  . LEU A 1 4  ? -4.275 4.013  6.809  1.00 0.00 ? 4  LEU A CD2  8  
ATOM   1303 H H    . LEU A 1 4  ? -3.151 0.354  3.003  1.00 0.00 ? 4  LEU A H    8  
ATOM   1304 H HA   . LEU A 1 4  ? -5.386 2.155  3.227  1.00 0.00 ? 4  LEU A HA   8  
ATOM   1305 H HB2  . LEU A 1 4  ? -4.606 1.347  5.563  1.00 0.00 ? 4  LEU A HB2  8  
ATOM   1306 H HB3  . LEU A 1 4  ? -3.206 2.355  5.267  1.00 0.00 ? 4  LEU A HB3  8  
ATOM   1307 H HG   . LEU A 1 4  ? -5.060 4.209  4.848  1.00 0.00 ? 4  LEU A HG   8  
ATOM   1308 H HD11 . LEU A 1 4  ? -6.418 2.288  6.736  1.00 0.00 ? 4  LEU A HD11 8  
ATOM   1309 H HD12 . LEU A 1 4  ? -6.959 2.702  5.109  1.00 0.00 ? 4  LEU A HD12 8  
ATOM   1310 H HD13 . LEU A 1 4  ? -6.950 3.930  6.376  1.00 0.00 ? 4  LEU A HD13 8  
ATOM   1311 H HD21 . LEU A 1 4  ? -4.184 3.251  7.571  1.00 0.00 ? 4  LEU A HD21 8  
ATOM   1312 H HD22 . LEU A 1 4  ? -4.826 4.853  7.204  1.00 0.00 ? 4  LEU A HD22 8  
ATOM   1313 H HD23 . LEU A 1 4  ? -3.290 4.337  6.507  1.00 0.00 ? 4  LEU A HD23 8  
ATOM   1314 N N    . CYS A 1 5  ? -3.408 2.586  1.447  1.00 0.00 ? 5  CYS A N    8  
ATOM   1315 C CA   . CYS A 1 5  ? -2.700 3.370  0.514  1.00 0.00 ? 5  CYS A CA   8  
ATOM   1316 C C    . CYS A 1 5  ? -2.665 2.620  -0.799 1.00 0.00 ? 5  CYS A C    8  
ATOM   1317 O O    . CYS A 1 5  ? -3.544 1.802  -1.095 1.00 0.00 ? 5  CYS A O    8  
ATOM   1318 C CB   . CYS A 1 5  ? -1.296 3.597  1.047  1.00 0.00 ? 5  CYS A CB   8  
ATOM   1319 S SG   . CYS A 1 5  ? -0.847 5.350  1.273  1.00 0.00 ? 5  CYS A SG   8  
ATOM   1320 H H    . CYS A 1 5  ? -3.736 1.733  1.138  1.00 0.00 ? 5  CYS A H    8  
ATOM   1321 H HA   . CYS A 1 5  ? -3.216 4.295  0.407  1.00 0.00 ? 5  CYS A HA   8  
ATOM   1322 H HB2  . CYS A 1 5  ? -1.256 3.112  2.016  1.00 0.00 ? 5  CYS A HB2  8  
ATOM   1323 H HB3  . CYS A 1 5  ? -0.580 3.134  0.374  1.00 0.00 ? 5  CYS A HB3  8  
ATOM   1324 N N    . CYS A 1 6  ? -1.646 2.914  -1.567 1.00 0.00 ? 6  CYS A N    8  
ATOM   1325 C CA   . CYS A 1 6  ? -1.404 2.258  -2.833 1.00 0.00 ? 6  CYS A CA   8  
ATOM   1326 C C    . CYS A 1 6  ? 0.081  2.212  -3.121 1.00 0.00 ? 6  CYS A C    8  
ATOM   1327 O O    . CYS A 1 6  ? 0.616  2.852  -4.036 1.00 0.00 ? 6  CYS A O    8  
ATOM   1328 C CB   . CYS A 1 6  ? -2.212 2.868  -3.998 1.00 0.00 ? 6  CYS A CB   8  
ATOM   1329 S SG   . CYS A 1 6  ? -4.021 2.826  -3.757 1.00 0.00 ? 6  CYS A SG   8  
ATOM   1330 H H    . CYS A 1 6  ? -1.032 3.574  -1.246 1.00 0.00 ? 6  CYS A H    8  
ATOM   1331 H HA   . CYS A 1 6  ? -1.701 1.243  -2.667 1.00 0.00 ? 6  CYS A HA   8  
ATOM   1332 H HB2  . CYS A 1 6  ? -1.924 3.899  -4.126 1.00 0.00 ? 6  CYS A HB2  8  
ATOM   1333 H HB3  . CYS A 1 6  ? -1.990 2.323  -4.903 1.00 0.00 ? 6  CYS A HB3  8  
ATOM   1334 N N    . ASN A 1 7  ? 0.714  1.438  -2.268 1.00 0.00 ? 7  ASN A N    8  
ATOM   1335 C CA   . ASN A 1 7  ? 2.139  1.172  -2.294 1.00 0.00 ? 7  ASN A CA   8  
ATOM   1336 C C    . ASN A 1 7  ? 2.471  -0.035 -3.164 1.00 0.00 ? 7  ASN A C    8  
ATOM   1337 O O    . ASN A 1 7  ? 1.757  -1.042 -3.099 1.00 0.00 ? 7  ASN A O    8  
ATOM   1338 C CB   . ASN A 1 7  ? 2.570  0.889  -0.881 1.00 0.00 ? 7  ASN A CB   8  
ATOM   1339 C CG   . ASN A 1 7  ? 2.695  2.147  -0.049 1.00 0.00 ? 7  ASN A CG   8  
ATOM   1340 O OD1  . ASN A 1 7  ? 1.728  2.588  0.568  1.00 0.00 ? 7  ASN A OD1  8  
ATOM   1341 N ND2  . ASN A 1 7  ? 3.884  2.734  -0.035 1.00 0.00 ? 7  ASN A ND2  8  
ATOM   1342 H H    . ASN A 1 7  ? 0.183  1.040  -1.543 1.00 0.00 ? 7  ASN A H    8  
ATOM   1343 H HA   . ASN A 1 7  ? 2.661  2.029  -2.659 1.00 0.00 ? 7  ASN A HA   8  
ATOM   1344 H HB2  . ASN A 1 7  ? 1.816  0.250  -0.428 1.00 0.00 ? 7  ASN A HB2  8  
ATOM   1345 H HB3  . ASN A 1 7  ? 3.520  0.383  -0.901 1.00 0.00 ? 7  ASN A HB3  8  
ATOM   1346 H HD21 . ASN A 1 7  ? 4.607  2.326  -0.556 1.00 0.00 ? 7  ASN A HD21 8  
ATOM   1347 H HD22 . ASN A 1 7  ? 3.992  3.550  0.497  1.00 0.00 ? 7  ASN A HD22 8  
ATOM   1348 N N    . PRO A 1 8  ? 3.549  0.028  -4.005 1.00 0.00 ? 8  PRO A N    8  
ATOM   1349 C CA   . PRO A 1 8  ? 3.939  -1.114 -4.828 1.00 0.00 ? 8  PRO A CA   8  
ATOM   1350 C C    . PRO A 1 8  ? 4.580  -2.193 -4.005 1.00 0.00 ? 8  PRO A C    8  
ATOM   1351 O O    . PRO A 1 8  ? 5.800  -2.295 -3.829 1.00 0.00 ? 8  PRO A O    8  
ATOM   1352 C CB   . PRO A 1 8  ? 4.867  -0.520 -5.893 1.00 0.00 ? 8  PRO A CB   8  
ATOM   1353 C CG   . PRO A 1 8  ? 5.433  0.718  -5.271 1.00 0.00 ? 8  PRO A CG   8  
ATOM   1354 C CD   . PRO A 1 8  ? 4.428  1.203  -4.248 1.00 0.00 ? 8  PRO A CD   8  
ATOM   1355 H HA   . PRO A 1 8  ? 3.073  -1.575 -5.277 1.00 0.00 ? 8  PRO A HA   8  
ATOM   1356 H HB2  . PRO A 1 8  ? 5.640  -1.240 -6.137 1.00 0.00 ? 8  PRO A HB2  8  
ATOM   1357 H HB3  . PRO A 1 8  ? 4.299  -0.279 -6.777 1.00 0.00 ? 8  PRO A HB3  8  
ATOM   1358 H HG2  . PRO A 1 8  ? 6.375  0.484  -4.791 1.00 0.00 ? 8  PRO A HG2  8  
ATOM   1359 H HG3  . PRO A 1 8  ? 5.580  1.473  -6.028 1.00 0.00 ? 8  PRO A HG3  8  
ATOM   1360 H HD2  . PRO A 1 8  ? 4.929  1.500  -3.339 1.00 0.00 ? 8  PRO A HD2  8  
ATOM   1361 H HD3  . PRO A 1 8  ? 3.857  2.030  -4.648 1.00 0.00 ? 8  PRO A HD3  8  
ATOM   1362 N N    . ALA A 1 9  ? 3.656  -2.979 -3.489 1.00 0.00 ? 9  ALA A N    8  
ATOM   1363 C CA   . ALA A 1 9  ? 3.898  -4.116 -2.643 1.00 0.00 ? 9  ALA A CA   8  
ATOM   1364 C C    . ALA A 1 9  ? 4.515  -3.736 -1.277 1.00 0.00 ? 9  ALA A C    8  
ATOM   1365 O O    . ALA A 1 9  ? 5.024  -4.613 -0.565 1.00 0.00 ? 9  ALA A O    8  
ATOM   1366 C CB   . ALA A 1 9  ? 4.726  -5.192 -3.358 1.00 0.00 ? 9  ALA A CB   8  
ATOM   1367 H H    . ALA A 1 9  ? 2.723  -2.769 -3.701 1.00 0.00 ? 9  ALA A H    8  
ATOM   1368 H HA   . ALA A 1 9  ? 2.921  -4.514 -2.483 1.00 0.00 ? 9  ALA A HA   8  
ATOM   1369 H HB1  . ALA A 1 9  ? 4.770  -6.079 -2.745 1.00 0.00 ? 9  ALA A HB1  8  
ATOM   1370 H HB2  . ALA A 1 9  ? 5.726  -4.823 -3.530 1.00 0.00 ? 9  ALA A HB2  8  
ATOM   1371 H HB3  . ALA A 1 9  ? 4.264  -5.431 -4.305 1.00 0.00 ? 9  ALA A HB3  8  
HETATM 1372 N N    . CY1 A 1 10 ? 4.450  -2.438 -0.893 1.00 0.00 ? 10 CY1 A N    8  
HETATM 1373 C CA   . CY1 A 1 10 ? 5.030  -2.015 0.391  1.00 0.00 ? 10 CY1 A CA   8  
HETATM 1374 C CB   . CY1 A 1 10 ? 5.465  -0.572 0.337  1.00 0.00 ? 10 CY1 A CB   8  
HETATM 1375 S SG   . CY1 A 1 10 ? 6.578  -0.017 1.680  1.00 0.00 ? 10 CY1 A SG   8  
HETATM 1376 C CD   . CY1 A 1 10 ? 6.819  1.730  1.194  1.00 0.00 ? 10 CY1 A CD   8  
HETATM 1377 N NE   . CY1 A 1 10 ? 7.712  2.393  2.156  1.00 0.00 ? 10 CY1 A NE   8  
HETATM 1378 C CZ   . CY1 A 1 10 ? 8.044  3.686  2.041  1.00 0.00 ? 10 CY1 A CZ   8  
HETATM 1379 O OAC  . CY1 A 1 10 ? 7.642  4.421  1.141  1.00 0.00 ? 10 CY1 A OAC  8  
HETATM 1380 C CM   . CY1 A 1 10 ? 8.983  4.213  3.129  1.00 0.00 ? 10 CY1 A CM   8  
HETATM 1381 C C    . CY1 A 1 10 ? 4.036  -2.174 1.524  1.00 0.00 ? 10 CY1 A C    8  
HETATM 1382 O O    . CY1 A 1 10 ? 4.312  -2.816 2.542  1.00 0.00 ? 10 CY1 A O    8  
HETATM 1383 H H    . CY1 A 1 10 ? 3.893  -1.781 -1.391 1.00 0.00 ? 10 CY1 A H    8  
HETATM 1384 H HA   . CY1 A 1 10 ? 5.883  -2.635 0.588  1.00 0.00 ? 10 CY1 A HA   8  
HETATM 1385 H HB2  . CY1 A 1 10 ? 5.717  -0.193 -0.603 1.00 0.00 ? 10 CY1 A HB2  8  
HETATM 1386 H HB3  . CY1 A 1 10 ? 4.431  -0.092 0.439  1.00 0.00 ? 10 CY1 A HB3  8  
HETATM 1387 H HD2  . CY1 A 1 10 ? 5.856  2.241  1.180  1.00 0.00 ? 10 CY1 A HD2  8  
HETATM 1388 H HD3  . CY1 A 1 10 ? 7.260  1.771  0.198  1.00 0.00 ? 10 CY1 A HD3  8  
HETATM 1389 H HE   . CY1 A 1 10 ? 8.047  1.808  2.895  1.00 0.00 ? 10 CY1 A HE   8  
HETATM 1390 H HM1  . CY1 A 1 10 ? 10.018 4.079  2.814  1.00 0.00 ? 10 CY1 A HM1  8  
HETATM 1391 H HM2  . CY1 A 1 10 ? 8.808  3.667  4.055  1.00 0.00 ? 10 CY1 A HM2  8  
HETATM 1392 H HM3  . CY1 A 1 10 ? 8.785  5.273  3.292  1.00 0.00 ? 10 CY1 A HM3  8  
ATOM   1393 N N    . THR A 1 11 ? 2.867  -1.562 1.310  1.00 0.00 ? 11 THR A N    8  
ATOM   1394 C CA   . THR A 1 11 ? 1.742  -1.530 2.218  1.00 0.00 ? 11 THR A CA   8  
ATOM   1395 C C    . THR A 1 11 ? 2.096  -0.877 3.529  1.00 0.00 ? 11 THR A C    8  
ATOM   1396 O O    . THR A 1 11 ? 2.321  -1.527 4.559  1.00 0.00 ? 11 THR A O    8  
ATOM   1397 C CB   . THR A 1 11 ? 1.083  -2.908 2.402  1.00 0.00 ? 11 THR A CB   8  
ATOM   1398 O OG1  . THR A 1 11 ? 1.002  -3.589 1.143  1.00 0.00 ? 11 THR A OG1  8  
ATOM   1399 C CG2  . THR A 1 11 ? -0.313 -2.809 3.010  1.00 0.00 ? 11 THR A CG2  8  
ATOM   1400 H H    . THR A 1 11 ? 2.869  -0.960 0.548  1.00 0.00 ? 11 THR A H    8  
ATOM   1401 H HA   . THR A 1 11 ? 1.045  -0.889 1.774  1.00 0.00 ? 11 THR A HA   8  
ATOM   1402 H HB   . THR A 1 11 ? 1.706  -3.458 3.054  1.00 0.00 ? 11 THR A HB   8  
ATOM   1403 H HG1  . THR A 1 11 ? 1.851  -3.537 0.696  1.00 0.00 ? 11 THR A HG1  8  
ATOM   1404 H HG21 . THR A 1 11 ? -0.928 -2.165 2.400  1.00 0.00 ? 11 THR A HG21 8  
ATOM   1405 H HG22 . THR A 1 11 ? -0.245 -2.403 4.008  1.00 0.00 ? 11 THR A HG22 8  
ATOM   1406 H HG23 . THR A 1 11 ? -0.756 -3.794 3.054  1.00 0.00 ? 11 THR A HG23 8  
ATOM   1407 N N    . GLY A 1 12 ? 2.161  0.437  3.437  1.00 0.00 ? 12 GLY A N    8  
ATOM   1408 C CA   . GLY A 1 12 ? 2.462  1.238  4.586  1.00 0.00 ? 12 GLY A CA   8  
ATOM   1409 C C    . GLY A 1 12 ? 2.572  2.715  4.305  1.00 0.00 ? 12 GLY A C    8  
ATOM   1410 O O    . GLY A 1 12 ? 3.282  3.451  4.995  1.00 0.00 ? 12 GLY A O    8  
ATOM   1411 H H    . GLY A 1 12 ? 2.045  0.852  2.554  1.00 0.00 ? 12 GLY A H    8  
ATOM   1412 H HA2  . GLY A 1 12 ? 1.697  1.077  5.329  1.00 0.00 ? 12 GLY A HA2  8  
ATOM   1413 H HA3  . GLY A 1 12 ? 3.382  0.898  4.937  1.00 0.00 ? 12 GLY A HA3  8  
ATOM   1414 N N    . CYS A 1 13 ? 1.848  3.114  3.284  1.00 0.00 ? 13 CYS A N    8  
ATOM   1415 C CA   . CYS A 1 13 ? 1.771  4.504  2.777  1.00 0.00 ? 13 CYS A CA   8  
ATOM   1416 C C    . CYS A 1 13 ? 3.154  5.105  2.481  1.00 0.00 ? 13 CYS A C    8  
ATOM   1417 O O    . CYS A 1 13 ? 3.888  5.432  3.440  1.00 0.00 ? 13 CYS A O    8  
ATOM   1418 C CB   . CYS A 1 13 ? 0.975  5.417  3.727  1.00 0.00 ? 13 CYS A CB   8  
ATOM   1419 S SG   . CYS A 1 13 ? -0.791 5.581  3.295  1.00 0.00 ? 13 CYS A SG   8  
ATOM   1420 O OXT  . CYS A 1 13 ? 3.489  5.242  1.285  1.00 0.00 ? 13 CYS A OXT  8  
ATOM   1421 H H    . CYS A 1 13 ? 1.335  2.425  2.845  1.00 0.00 ? 13 CYS A H    8  
ATOM   1422 H HA   . CYS A 1 13 ? 1.229  4.453  1.841  1.00 0.00 ? 13 CYS A HA   8  
ATOM   1423 H HB2  . CYS A 1 13 ? 1.031  5.017  4.728  1.00 0.00 ? 13 CYS A HB2  8  
ATOM   1424 H HB3  . CYS A 1 13 ? 1.410  6.405  3.714  1.00 0.00 ? 13 CYS A HB3  8  
ATOM   1425 N N    . CYS A 1 1  ? -5.033 0.392  -3.051 1.00 0.00 ? 1  CYS A N    9  
ATOM   1426 C CA   . CYS A 1 1  ? -4.596 -0.784 -3.851 1.00 0.00 ? 1  CYS A CA   9  
ATOM   1427 C C    . CYS A 1 1  ? -4.049 -1.895 -2.955 1.00 0.00 ? 1  CYS A C    9  
ATOM   1428 O O    . CYS A 1 1  ? -4.225 -3.080 -3.253 1.00 0.00 ? 1  CYS A O    9  
ATOM   1429 C CB   . CYS A 1 1  ? -3.524 -0.367 -4.859 1.00 0.00 ? 1  CYS A CB   9  
ATOM   1430 S SG   . CYS A 1 1  ? -3.936 1.135  -5.804 1.00 0.00 ? 1  CYS A SG   9  
ATOM   1431 H H1   . CYS A 1 1  ? -4.232 0.776  -2.513 1.00 0.00 ? 1  CYS A H1   9  
ATOM   1432 H H2   . CYS A 1 1  ? -5.782 0.113  -2.386 1.00 0.00 ? 1  CYS A H2   9  
ATOM   1433 H H3   . CYS A 1 1  ? -5.403 1.133  -3.681 1.00 0.00 ? 1  CYS A H3   9  
ATOM   1434 H HA   . CYS A 1 1  ? -5.453 -1.165 -4.387 1.00 0.00 ? 1  CYS A HA   9  
ATOM   1435 H HB2  . CYS A 1 1  ? -2.600 -0.181 -4.336 1.00 0.00 ? 1  CYS A HB2  9  
ATOM   1436 H HB3  . CYS A 1 1  ? -3.375 -1.169 -5.567 1.00 0.00 ? 1  CYS A HB3  9  
HETATM 1437 N N    . CY1 A 1 2  ? -3.384 -1.502 -1.860 1.00 0.00 ? 2  CY1 A N    9  
HETATM 1438 C CA   . CY1 A 1 2  ? -2.799 -2.451 -0.914 1.00 0.00 ? 2  CY1 A CA   9  
HETATM 1439 C CB   . CY1 A 1 2  ? -1.445 -1.964 -0.469 1.00 0.00 ? 2  CY1 A CB   9  
HETATM 1440 S SG   . CY1 A 1 2  ? -0.516 -3.078 0.647  1.00 0.00 ? 2  CY1 A SG   9  
HETATM 1441 C CD   . CY1 A 1 2  ? -0.360 -4.556 -0.422 1.00 0.00 ? 2  CY1 A CD   9  
HETATM 1442 N NE   . CY1 A 1 2  ? -1.717 -5.096 -0.586 1.00 0.00 ? 2  CY1 A NE   9  
HETATM 1443 C CZ   . CY1 A 1 2  ? -1.960 -6.194 -1.316 1.00 0.00 ? 2  CY1 A CZ   9  
HETATM 1444 O OAC  . CY1 A 1 2  ? -1.091 -6.838 -1.901 1.00 0.00 ? 2  CY1 A OAC  9  
HETATM 1445 C CM   . CY1 A 1 2  ? -3.429 -6.616 -1.379 1.00 0.00 ? 2  CY1 A CM   9  
HETATM 1446 C C    . CY1 A 1 2  ? -3.738 -2.688 0.282  1.00 0.00 ? 2  CY1 A C    9  
HETATM 1447 O O    . CY1 A 1 2  ? -4.476 -3.677 0.295  1.00 0.00 ? 2  CY1 A O    9  
HETATM 1448 H H    . CY1 A 1 2  ? -2.807 -1.067 -2.522 1.00 0.00 ? 2  CY1 A H    9  
HETATM 1449 H HA   . CY1 A 1 2  ? -2.662 -3.373 -1.425 1.00 0.00 ? 2  CY1 A HA   9  
HETATM 1450 H HB2  . CY1 A 1 2  ? -0.838 -1.527 -1.217 1.00 0.00 ? 2  CY1 A HB2  9  
HETATM 1451 H HB3  . CY1 A 1 2  ? -1.786 -1.017 0.058  1.00 0.00 ? 2  CY1 A HB3  9  
HETATM 1452 H HD2  . CY1 A 1 2  ? -0.031 -4.242 -1.414 1.00 0.00 ? 2  CY1 A HD2  9  
HETATM 1453 H HD3  . CY1 A 1 2  ? 0.234  -5.353 0.019  1.00 0.00 ? 2  CY1 A HD3  9  
HETATM 1454 H HE   . CY1 A 1 2  ? -2.434 -4.592 -0.105 1.00 0.00 ? 2  CY1 A HE   9  
HETATM 1455 H HM1  . CY1 A 1 2  ? -3.626 -7.113 -2.328 1.00 0.00 ? 2  CY1 A HM1  9  
HETATM 1456 H HM2  . CY1 A 1 2  ? -4.065 -5.734 -1.290 1.00 0.00 ? 2  CY1 A HM2  9  
HETATM 1457 H HM3  . CY1 A 1 2  ? -3.644 -7.298 -0.557 1.00 0.00 ? 2  CY1 A HM3  9  
ATOM   1458 N N    . GLU A 1 3  ? -3.709 -1.783 1.281  1.00 0.00 ? 3  GLU A N    9  
ATOM   1459 C CA   . GLU A 1 3  ? -4.561 -1.892 2.474  1.00 0.00 ? 3  GLU A CA   9  
ATOM   1460 C C    . GLU A 1 3  ? -4.991 -0.508 2.969  1.00 0.00 ? 3  GLU A C    9  
ATOM   1461 O O    . GLU A 1 3  ? -6.189 -0.251 3.127  1.00 0.00 ? 3  GLU A O    9  
ATOM   1462 C CB   . GLU A 1 3  ? -3.850 -2.665 3.601  1.00 0.00 ? 3  GLU A CB   9  
ATOM   1463 C CG   . GLU A 1 3  ? -3.748 -4.163 3.348  1.00 0.00 ? 3  GLU A CG   9  
ATOM   1464 C CD   . GLU A 1 3  ? -3.183 -4.920 4.533  1.00 0.00 ? 3  GLU A CD   9  
ATOM   1465 O OE1  . GLU A 1 3  ? -3.961 -5.244 5.456  1.00 0.00 ? 3  GLU A OE1  9  
ATOM   1466 O OE2  . GLU A 1 3  ? -1.964 -5.193 4.538  1.00 0.00 ? 3  GLU A OE2  9  
ATOM   1467 H H    . GLU A 1 3  ? -2.735 -1.803 1.385  1.00 0.00 ? 3  GLU A H    9  
ATOM   1468 H HA   . GLU A 1 3  ? -5.447 -2.439 2.186  1.00 0.00 ? 3  GLU A HA   9  
ATOM   1469 H HB2  . GLU A 1 3  ? -2.847 -2.272 3.715  1.00 0.00 ? 3  GLU A HB2  9  
ATOM   1470 H HB3  . GLU A 1 3  ? -4.399 -2.516 4.524  1.00 0.00 ? 3  GLU A HB3  9  
ATOM   1471 H HG2  . GLU A 1 3  ? -4.734 -4.547 3.132  1.00 0.00 ? 3  GLU A HG2  9  
ATOM   1472 H HG3  . GLU A 1 3  ? -3.105 -4.327 2.495  1.00 0.00 ? 3  GLU A HG3  9  
ATOM   1473 N N    . LEU A 1 4  ? -4.010 0.378  3.209  1.00 0.00 ? 4  LEU A N    9  
ATOM   1474 C CA   . LEU A 1 4  ? -4.287 1.740  3.674  1.00 0.00 ? 4  LEU A CA   9  
ATOM   1475 C C    . LEU A 1 4  ? -3.544 2.757  2.869  1.00 0.00 ? 4  LEU A C    9  
ATOM   1476 O O    . LEU A 1 4  ? -3.123 3.806  3.378  1.00 0.00 ? 4  LEU A O    9  
ATOM   1477 C CB   . LEU A 1 4  ? -4.013 1.893  5.182  1.00 0.00 ? 4  LEU A CB   9  
ATOM   1478 C CG   . LEU A 1 4  ? -4.849 0.995  6.099  1.00 0.00 ? 4  LEU A CG   9  
ATOM   1479 C CD1  . LEU A 1 4  ? -4.062 -0.245 6.488  1.00 0.00 ? 4  LEU A CD1  9  
ATOM   1480 C CD2  . LEU A 1 4  ? -5.288 1.763  7.338  1.00 0.00 ? 4  LEU A CD2  9  
ATOM   1481 H H    . LEU A 1 4  ? -3.085 0.110  3.068  1.00 0.00 ? 4  LEU A H    9  
ATOM   1482 H HA   . LEU A 1 4  ? -5.293 1.937  3.473  1.00 0.00 ? 4  LEU A HA   9  
ATOM   1483 H HB2  . LEU A 1 4  ? -2.970 1.679  5.359  1.00 0.00 ? 4  LEU A HB2  9  
ATOM   1484 H HB3  . LEU A 1 4  ? -4.201 2.921  5.455  1.00 0.00 ? 4  LEU A HB3  9  
ATOM   1485 H HG   . LEU A 1 4  ? -5.736 0.677  5.571  1.00 0.00 ? 4  LEU A HG   9  
ATOM   1486 H HD11 . LEU A 1 4  ? -3.298 0.022  7.204  1.00 0.00 ? 4  LEU A HD11 9  
ATOM   1487 H HD12 . LEU A 1 4  ? -3.596 -0.665 5.609  1.00 0.00 ? 4  LEU A HD12 9  
ATOM   1488 H HD13 . LEU A 1 4  ? -4.728 -0.974 6.926  1.00 0.00 ? 4  LEU A HD13 9  
ATOM   1489 H HD21 . LEU A 1 4  ? -4.416 2.114  7.870  1.00 0.00 ? 4  LEU A HD21 9  
ATOM   1490 H HD22 . LEU A 1 4  ? -5.863 1.112  7.979  1.00 0.00 ? 4  LEU A HD22 9  
ATOM   1491 H HD23 . LEU A 1 4  ? -5.894 2.607  7.043  1.00 0.00 ? 4  LEU A HD23 9  
ATOM   1492 N N    . CYS A 1 5  ? -3.437 2.452  1.579  1.00 0.00 ? 5  CYS A N    9  
ATOM   1493 C CA   . CYS A 1 5  ? -2.796 3.288  0.641  1.00 0.00 ? 5  CYS A CA   9  
ATOM   1494 C C    . CYS A 1 5  ? -2.845 2.605  -0.706 1.00 0.00 ? 5  CYS A C    9  
ATOM   1495 O O    . CYS A 1 5  ? -3.769 1.839  -1.007 1.00 0.00 ? 5  CYS A O    9  
ATOM   1496 C CB   . CYS A 1 5  ? -1.360 3.494  1.094  1.00 0.00 ? 5  CYS A CB   9  
ATOM   1497 S SG   . CYS A 1 5  ? -0.881 5.240  1.302  1.00 0.00 ? 5  CYS A SG   9  
ATOM   1498 H H    . CYS A 1 5  ? -3.774 1.608  1.252  1.00 0.00 ? 5  CYS A H    9  
ATOM   1499 H HA   . CYS A 1 5  ? -3.320 4.214  0.615  1.00 0.00 ? 5  CYS A HA   9  
ATOM   1500 H HB2  . CYS A 1 5  ? -1.268 2.999  2.053  1.00 0.00 ? 5  CYS A HB2  9  
ATOM   1501 H HB3  . CYS A 1 5  ? -0.690 3.029  0.378  1.00 0.00 ? 5  CYS A HB3  9  
ATOM   1502 N N    . CYS A 1 6  ? -1.850 2.903  -1.499 1.00 0.00 ? 6  CYS A N    9  
ATOM   1503 C CA   . CYS A 1 6  ? -1.679 2.302  -2.800 1.00 0.00 ? 6  CYS A CA   9  
ATOM   1504 C C    . CYS A 1 6  ? -0.206 2.218  -3.132 1.00 0.00 ? 6  CYS A C    9  
ATOM   1505 O O    . CYS A 1 6  ? 0.325  2.876  -4.037 1.00 0.00 ? 6  CYS A O    9  
ATOM   1506 C CB   . CYS A 1 6  ? -2.500 3.011  -3.896 1.00 0.00 ? 6  CYS A CB   9  
ATOM   1507 S SG   . CYS A 1 6  ? -2.299 2.311  -5.568 1.00 0.00 ? 6  CYS A SG   9  
ATOM   1508 H H    . CYS A 1 6  ? -1.204 3.532  -1.176 1.00 0.00 ? 6  CYS A H    9  
ATOM   1509 H HA   . CYS A 1 6  ? -2.014 1.294  -2.670 1.00 0.00 ? 6  CYS A HA   9  
ATOM   1510 H HB2  . CYS A 1 6  ? -3.549 2.951  -3.642 1.00 0.00 ? 6  CYS A HB2  9  
ATOM   1511 H HB3  . CYS A 1 6  ? -2.207 4.050  -3.937 1.00 0.00 ? 6  CYS A HB3  9  
ATOM   1512 N N    . ASN A 1 7  ? 0.421  1.387  -2.334 1.00 0.00 ? 7  ASN A N    9  
ATOM   1513 C CA   . ASN A 1 7  ? 1.833  1.091  -2.409 1.00 0.00 ? 7  ASN A CA   9  
ATOM   1514 C C    . ASN A 1 7  ? 2.106  -0.199 -3.170 1.00 0.00 ? 7  ASN A C    9  
ATOM   1515 O O    . ASN A 1 7  ? 1.465  -1.218 -2.889 1.00 0.00 ? 7  ASN A O    9  
ATOM   1516 C CB   . ASN A 1 7  ? 2.337  0.939  -1.004 1.00 0.00 ? 7  ASN A CB   9  
ATOM   1517 C CG   . ASN A 1 7  ? 2.621  2.270  -0.341 1.00 0.00 ? 7  ASN A CG   9  
ATOM   1518 O OD1  . ASN A 1 7  ? 1.719  2.909  0.193  1.00 0.00 ? 7  ASN A OD1  9  
ATOM   1519 N ND2  . ASN A 1 7  ? 3.879  2.693  -0.378 1.00 0.00 ? 7  ASN A ND2  9  
ATOM   1520 H H    . ASN A 1 7  ? -0.104 0.964  -1.618 1.00 0.00 ? 7  ASN A H    9  
ATOM   1521 H HA   . ASN A 1 7  ? 2.348  1.900  -2.881 1.00 0.00 ? 7  ASN A HA   9  
ATOM   1522 H HB2  . ASN A 1 7  ? 1.579  0.416  -0.431 1.00 0.00 ? 7  ASN A HB2  9  
ATOM   1523 H HB3  . ASN A 1 7  ? 3.242  0.357  -1.028 1.00 0.00 ? 7  ASN A HB3  9  
ATOM   1524 H HD21 . ASN A 1 7  ? 4.545  2.128  -0.824 1.00 0.00 ? 7  ASN A HD21 9  
ATOM   1525 H HD22 . ASN A 1 7  ? 4.091  3.551  0.044  1.00 0.00 ? 7  ASN A HD22 9  
ATOM   1526 N N    . PRO A 1 8  ? 3.049  -0.195 -4.157 1.00 0.00 ? 8  PRO A N    9  
ATOM   1527 C CA   . PRO A 1 8  ? 3.388  -1.413 -4.879 1.00 0.00 ? 8  PRO A CA   9  
ATOM   1528 C C    . PRO A 1 8  ? 4.270  -2.318 -4.065 1.00 0.00 ? 8  PRO A C    9  
ATOM   1529 O O    . PRO A 1 8  ? 5.507  -2.277 -4.088 1.00 0.00 ? 8  PRO A O    9  
ATOM   1530 C CB   . PRO A 1 8  ? 4.042  -0.917 -6.173 1.00 0.00 ? 8  PRO A CB   9  
ATOM   1531 C CG   . PRO A 1 8  ? 4.614  0.425  -5.833 1.00 0.00 ? 8  PRO A CG   9  
ATOM   1532 C CD   . PRO A 1 8  ? 3.804  0.978  -4.679 1.00 0.00 ? 8  PRO A CD   9  
ATOM   1533 H HA   . PRO A 1 8  ? 2.502  -1.990 -5.088 1.00 0.00 ? 8  PRO A HA   9  
ATOM   1534 H HB2  . PRO A 1 8  ? 4.811  -1.619 -6.479 1.00 0.00 ? 8  PRO A HB2  9  
ATOM   1535 H HB3  . PRO A 1 8  ? 3.297  -0.830 -6.948 1.00 0.00 ? 8  PRO A HB3  9  
ATOM   1536 H HG2  . PRO A 1 8  ? 5.652  0.312  -5.545 1.00 0.00 ? 8  PRO A HG2  9  
ATOM   1537 H HG3  . PRO A 1 8  ? 4.535  1.081  -6.686 1.00 0.00 ? 8  PRO A HG3  9  
ATOM   1538 H HD2  . PRO A 1 8  ? 4.457  1.380  -3.919 1.00 0.00 ? 8  PRO A HD2  9  
ATOM   1539 H HD3  . PRO A 1 8  ? 3.125  1.742  -5.032 1.00 0.00 ? 8  PRO A HD3  9  
ATOM   1540 N N    . ALA A 1 9  ? 3.537  -3.116 -3.313 1.00 0.00 ? 9  ALA A N    9  
ATOM   1541 C CA   . ALA A 1 9  ? 4.040  -4.122 -2.412 1.00 0.00 ? 9  ALA A CA   9  
ATOM   1542 C C    . ALA A 1 9  ? 4.723  -3.541 -1.152 1.00 0.00 ? 9  ALA A C    9  
ATOM   1543 O O    . ALA A 1 9  ? 5.477  -4.255 -0.477 1.00 0.00 ? 9  ALA A O    9  
ATOM   1544 C CB   . ALA A 1 9  ? 4.954  -5.125 -3.132 1.00 0.00 ? 9  ALA A CB   9  
ATOM   1545 H H    . ALA A 1 9  ? 2.564  -3.016 -3.371 1.00 0.00 ? 9  ALA A H    9  
ATOM   1546 H HA   . ALA A 1 9  ? 3.163  -4.649 -2.114 1.00 0.00 ? 9  ALA A HA   9  
ATOM   1547 H HB1  . ALA A 1 9  ? 4.444  -5.519 -3.999 1.00 0.00 ? 9  ALA A HB1  9  
ATOM   1548 H HB2  . ALA A 1 9  ? 5.199  -5.935 -2.461 1.00 0.00 ? 9  ALA A HB2  9  
ATOM   1549 H HB3  . ALA A 1 9  ? 5.861  -4.627 -3.442 1.00 0.00 ? 9  ALA A HB3  9  
HETATM 1550 N N    . CY1 A 1 10 ? 4.449  -2.257 -0.810 1.00 0.00 ? 10 CY1 A N    9  
HETATM 1551 C CA   . CY1 A 1 10 ? 5.080  -1.667 0.382  1.00 0.00 ? 10 CY1 A CA   9  
HETATM 1552 C CB   . CY1 A 1 10 ? 5.192  -0.172 0.253  1.00 0.00 ? 10 CY1 A CB   9  
HETATM 1553 S SG   . CY1 A 1 10 ? 6.258  0.668  1.480  1.00 0.00 ? 10 CY1 A SG   9  
HETATM 1554 C CD   . CY1 A 1 10 ? 7.876  -0.077 1.060  1.00 0.00 ? 10 CY1 A CD   9  
HETATM 1555 N NE   . CY1 A 1 10 ? 7.828  -1.528 1.289  1.00 0.00 ? 10 CY1 A NE   9  
HETATM 1556 C CZ   . CY1 A 1 10 ? 8.861  -2.328 0.991  1.00 0.00 ? 10 CY1 A CZ   9  
HETATM 1557 O OAC  . CY1 A 1 10 ? 9.921  -1.932 0.508  1.00 0.00 ? 10 CY1 A OAC  9  
HETATM 1558 C CM   . CY1 A 1 10 ? 8.639  -3.811 1.294  1.00 0.00 ? 10 CY1 A CM   9  
HETATM 1559 C C    . CY1 A 1 10 ? 4.295  -1.983 1.639  1.00 0.00 ? 10 CY1 A C    9  
HETATM 1560 O O    . CY1 A 1 10 ? 4.821  -2.528 2.613  1.00 0.00 ? 10 CY1 A O    9  
HETATM 1561 H H    . CY1 A 1 10 ? 3.777  -1.711 -1.299 1.00 0.00 ? 10 CY1 A H    9  
HETATM 1562 H HA   . CY1 A 1 10 ? 6.057  -2.079 0.472  1.00 0.00 ? 10 CY1 A HA   9  
HETATM 1563 H HB2  . CY1 A 1 10 ? 5.291  0.203  -0.713 1.00 0.00 ? 10 CY1 A HB2  9  
HETATM 1564 H HB3  . CY1 A 1 10 ? 4.085  0.082  0.421  1.00 0.00 ? 10 CY1 A HB3  9  
HETATM 1565 H HD2  . CY1 A 1 10 ? 8.653  0.365  1.683  1.00 0.00 ? 10 CY1 A HD2  9  
HETATM 1566 H HD3  . CY1 A 1 10 ? 8.101  0.121  0.012  1.00 0.00 ? 10 CY1 A HD3  9  
HETATM 1567 H HE   . CY1 A 1 10 ? 6.978  -1.864 1.692  1.00 0.00 ? 10 CY1 A HE   9  
HETATM 1568 H HM1  . CY1 A 1 10 ? 9.591  -4.281 1.539  1.00 0.00 ? 10 CY1 A HM1  9  
HETATM 1569 H HM2  . CY1 A 1 10 ? 8.205  -4.300 0.421  1.00 0.00 ? 10 CY1 A HM2  9  
HETATM 1570 H HM3  . CY1 A 1 10 ? 7.956  -3.908 2.137  1.00 0.00 ? 10 CY1 A HM3  9  
ATOM   1571 N N    . THR A 1 11 ? 3.012  -1.619 1.579  1.00 0.00 ? 11 THR A N    9  
ATOM   1572 C CA   . THR A 1 11 ? 2.031  -1.777 2.627  1.00 0.00 ? 11 THR A CA   9  
ATOM   1573 C C    . THR A 1 11 ? 2.383  -0.977 3.854  1.00 0.00 ? 11 THR A C    9  
ATOM   1574 O O    . THR A 1 11 ? 2.842  -1.501 4.879  1.00 0.00 ? 11 THR A O    9  
ATOM   1575 C CB   . THR A 1 11 ? 1.744  -3.251 2.966  1.00 0.00 ? 11 THR A CB   9  
ATOM   1576 O OG1  . THR A 1 11 ? 1.785  -4.055 1.780  1.00 0.00 ? 11 THR A OG1  9  
ATOM   1577 C CG2  . THR A 1 11 ? 0.392  -3.431 3.657  1.00 0.00 ? 11 THR A CG2  9  
ATOM   1578 H H    . THR A 1 11 ? 2.771  -1.112 0.791  1.00 0.00 ? 11 THR A H    9  
ATOM   1579 H HA   . THR A 1 11 ? 1.154  -1.346 2.257  1.00 0.00 ? 11 THR A HA   9  
ATOM   1580 H HB   . THR A 1 11 ? 2.511  -3.563 3.621  1.00 0.00 ? 11 THR A HB   9  
ATOM   1581 H HG1  . THR A 1 11 ? 2.646  -4.471 1.704  1.00 0.00 ? 11 THR A HG1  9  
ATOM   1582 H HG21 . THR A 1 11 ? 0.379  -2.864 4.576  1.00 0.00 ? 11 THR A HG21 9  
ATOM   1583 H HG22 . THR A 1 11 ? 0.238  -4.477 3.878  1.00 0.00 ? 11 THR A HG22 9  
ATOM   1584 H HG23 . THR A 1 11 ? -0.395 -3.082 3.006  1.00 0.00 ? 11 THR A HG23 9  
ATOM   1585 N N    . GLY A 1 12 ? 2.177  0.316  3.700  1.00 0.00 ? 12 GLY A N    9  
ATOM   1586 C CA   . GLY A 1 12 ? 2.430  1.221  4.782  1.00 0.00 ? 12 GLY A CA   9  
ATOM   1587 C C    . GLY A 1 12 ? 2.574  2.665  4.380  1.00 0.00 ? 12 GLY A C    9  
ATOM   1588 O O    . GLY A 1 12 ? 3.309  3.434  5.004  1.00 0.00 ? 12 GLY A O    9  
ATOM   1589 H H    . GLY A 1 12 ? 1.892  0.648  2.820  1.00 0.00 ? 12 GLY A H    9  
ATOM   1590 H HA2  . GLY A 1 12 ? 1.625  1.134  5.499  1.00 0.00 ? 12 GLY A HA2  9  
ATOM   1591 H HA3  . GLY A 1 12 ? 3.325  0.906  5.214  1.00 0.00 ? 12 GLY A HA3  9  
ATOM   1592 N N    . CYS A 1 13 ? 1.852  3.006  3.335  1.00 0.00 ? 13 CYS A N    9  
ATOM   1593 C CA   . CYS A 1 13 ? 1.810  4.360  2.732  1.00 0.00 ? 13 CYS A CA   9  
ATOM   1594 C C    . CYS A 1 13 ? 3.207  4.892  2.370  1.00 0.00 ? 13 CYS A C    9  
ATOM   1595 O O    . CYS A 1 13 ? 3.982  5.229  3.293  1.00 0.00 ? 13 CYS A O    9  
ATOM   1596 C CB   . CYS A 1 13 ? 1.068  5.362  3.635  1.00 0.00 ? 13 CYS A CB   9  
ATOM   1597 S SG   . CYS A 1 13 ? -0.725 5.456  3.318  1.00 0.00 ? 13 CYS A SG   9  
ATOM   1598 O OXT  . CYS A 1 13 ? 3.508  4.970  1.160  1.00 0.00 ? 13 CYS A OXT  9  
ATOM   1599 H H    . CYS A 1 13 ? 1.318  2.300  2.947  1.00 0.00 ? 13 CYS A H    9  
ATOM   1600 H HA   . CYS A 1 13 ? 1.247  4.264  1.812  1.00 0.00 ? 13 CYS A HA   9  
ATOM   1601 H HB2  . CYS A 1 13 ? 1.204  5.076  4.667  1.00 0.00 ? 13 CYS A HB2  9  
ATOM   1602 H HB3  . CYS A 1 13 ? 1.482  6.348  3.484  1.00 0.00 ? 13 CYS A HB3  9  
ATOM   1603 N N    . CYS A 1 1  ? -5.420 -0.798 -3.687 1.00 0.00 ? 1  CYS A N    10 
ATOM   1604 C CA   . CYS A 1 1  ? -4.289 -1.700 -4.035 1.00 0.00 ? 1  CYS A CA   10 
ATOM   1605 C C    . CYS A 1 1  ? -3.705 -2.349 -2.780 1.00 0.00 ? 1  CYS A C    10 
ATOM   1606 O O    . CYS A 1 1  ? -3.439 -3.552 -2.762 1.00 0.00 ? 1  CYS A O    10 
ATOM   1607 C CB   . CYS A 1 1  ? -3.182 -0.928 -4.773 1.00 0.00 ? 1  CYS A CB   10 
ATOM   1608 S SG   . CYS A 1 1  ? -3.751 0.547  -5.684 1.00 0.00 ? 1  CYS A SG   10 
ATOM   1609 H H1   . CYS A 1 1  ? -5.810 -0.366 -4.549 1.00 0.00 ? 1  CYS A H1   10 
ATOM   1610 H H2   . CYS A 1 1  ? -5.093 -0.042 -3.052 1.00 0.00 ? 1  CYS A H2   10 
ATOM   1611 H H3   . CYS A 1 1  ? -6.171 -1.335 -3.210 1.00 0.00 ? 1  CYS A H3   10 
ATOM   1612 H HA   . CYS A 1 1  ? -4.667 -2.479 -4.681 1.00 0.00 ? 1  CYS A HA   10 
ATOM   1613 H HB2  . CYS A 1 1  ? -2.448 -0.600 -4.054 1.00 0.00 ? 1  CYS A HB2  10 
ATOM   1614 H HB3  . CYS A 1 1  ? -2.706 -1.588 -5.483 1.00 0.00 ? 1  CYS A HB3  10 
HETATM 1615 N N    . CY1 A 1 2  ? -3.514 -1.532 -1.734 1.00 0.00 ? 2  CY1 A N    10 
HETATM 1616 C CA   . CY1 A 1 2  ? -2.955 -1.980 -0.457 1.00 0.00 ? 2  CY1 A CA   10 
HETATM 1617 C CB   . CY1 A 1 2  ? -1.738 -1.161 -0.140 1.00 0.00 ? 2  CY1 A CB   10 
HETATM 1618 S SG   . CY1 A 1 2  ? -0.422 -1.159 -1.412 1.00 0.00 ? 2  CY1 A SG   10 
HETATM 1619 C CD   . CY1 A 1 2  ? 0.204  -2.871 -1.256 1.00 0.00 ? 2  CY1 A CD   10 
HETATM 1620 N NE   . CY1 A 1 2  ? -0.927 -3.766 -1.540 1.00 0.00 ? 2  CY1 A NE   10 
HETATM 1621 C CZ   . CY1 A 1 2  ? -0.822 -5.097 -1.426 1.00 0.00 ? 2  CY1 A CZ   10 
HETATM 1622 O OAC  . CY1 A 1 2  ? 0.207  -5.676 -1.081 1.00 0.00 ? 2  CY1 A OAC  10 
HETATM 1623 C CM   . CY1 A 1 2  ? -2.093 -5.879 -1.759 1.00 0.00 ? 2  CY1 A CM   10 
HETATM 1624 C C    . CY1 A 1 2  ? -4.008 -1.888 0.661  1.00 0.00 ? 2  CY1 A C    10 
HETATM 1625 O O    . CY1 A 1 2  ? -5.209 -1.847 0.377  1.00 0.00 ? 2  CY1 A O    10 
HETATM 1626 H H    . CY1 A 1 2  ? -2.930 -1.483 -2.521 1.00 0.00 ? 2  CY1 A H    10 
HETATM 1627 H HA   . CY1 A 1 2  ? -2.648 -2.988 -0.564 1.00 0.00 ? 2  CY1 A HA   10 
HETATM 1628 H HB2  . CY1 A 1 2  ? -1.937 -0.223 0.243  1.00 0.00 ? 2  CY1 A HB2  10 
HETATM 1629 H HB3  . CY1 A 1 2  ? -1.409 -1.685 0.829  1.00 0.00 ? 2  CY1 A HB3  10 
HETATM 1630 H HD2  . CY1 A 1 2  ? 0.941  -3.051 -2.041 1.00 0.00 ? 2  CY1 A HD2  10 
HETATM 1631 H HD3  . CY1 A 1 2  ? 0.545  -3.122 -0.254 1.00 0.00 ? 2  CY1 A HD3  10 
HETATM 1632 H HE   . CY1 A 1 2  ? -1.758 -3.310 -1.858 1.00 0.00 ? 2  CY1 A HE   10 
HETATM 1633 H HM1  . CY1 A 1 2  ? -2.086 -6.830 -1.225 1.00 0.00 ? 2  CY1 A HM1  10 
HETATM 1634 H HM2  . CY1 A 1 2  ? -2.137 -6.064 -2.832 1.00 0.00 ? 2  CY1 A HM2  10 
HETATM 1635 H HM3  . CY1 A 1 2  ? -2.964 -5.299 -1.457 1.00 0.00 ? 2  CY1 A HM3  10 
ATOM   1636 N N    . GLU A 1 3  ? -3.555 -1.861 1.928  1.00 0.00 ? 3  GLU A N    10 
ATOM   1637 C CA   . GLU A 1 3  ? -4.453 -1.786 3.088  1.00 0.00 ? 3  GLU A CA   10 
ATOM   1638 C C    . GLU A 1 3  ? -4.822 -0.338 3.441  1.00 0.00 ? 3  GLU A C    10 
ATOM   1639 O O    . GLU A 1 3  ? -5.995 -0.048 3.694  1.00 0.00 ? 3  GLU A O    10 
ATOM   1640 C CB   . GLU A 1 3  ? -3.826 -2.480 4.306  1.00 0.00 ? 3  GLU A CB   10 
ATOM   1641 C CG   . GLU A 1 3  ? -3.762 -3.997 4.185  1.00 0.00 ? 3  GLU A CG   10 
ATOM   1642 C CD   . GLU A 1 3  ? -3.175 -4.656 5.418  1.00 0.00 ? 3  GLU A CD   10 
ATOM   1643 O OE1  . GLU A 1 3  ? -1.940 -4.839 5.461  1.00 0.00 ? 3  GLU A OE1  10 
ATOM   1644 O OE2  . GLU A 1 3  ? -3.949 -4.987 6.340  1.00 0.00 ? 3  GLU A OE2  10 
ATOM   1645 H H    . GLU A 1 3  ? -2.638 -2.183 2.052  1.00 0.00 ? 3  GLU A H    10 
ATOM   1646 H HA   . GLU A 1 3  ? -5.360 -2.310 2.826  1.00 0.00 ? 3  GLU A HA   10 
ATOM   1647 H HB2  . GLU A 1 3  ? -2.817 -2.109 4.437  1.00 0.00 ? 3  GLU A HB2  10 
ATOM   1648 H HB3  . GLU A 1 3  ? -4.414 -2.238 5.183  1.00 0.00 ? 3  GLU A HB3  10 
ATOM   1649 H HG2  . GLU A 1 3  ? -4.762 -4.376 4.036  1.00 0.00 ? 3  GLU A HG2  10 
ATOM   1650 H HG3  . GLU A 1 3  ? -3.151 -4.252 3.332  1.00 0.00 ? 3  GLU A HG3  10 
ATOM   1651 N N    . LEU A 1 4  ? -3.824 0.564  3.456  1.00 0.00 ? 4  LEU A N    10 
ATOM   1652 C CA   . LEU A 1 4  ? -4.065 1.975  3.784  1.00 0.00 ? 4  LEU A CA   10 
ATOM   1653 C C    . LEU A 1 4  ? -3.381 2.918  2.846  1.00 0.00 ? 4  LEU A C    10 
ATOM   1654 O O    . LEU A 1 4  ? -3.020 4.040  3.223  1.00 0.00 ? 4  LEU A O    10 
ATOM   1655 C CB   . LEU A 1 4  ? -3.705 2.282  5.253  1.00 0.00 ? 4  LEU A CB   10 
ATOM   1656 C CG   . LEU A 1 4  ? -4.501 1.508  6.309  1.00 0.00 ? 4  LEU A CG   10 
ATOM   1657 C CD1  . LEU A 1 4  ? -3.775 0.229  6.698  1.00 0.00 ? 4  LEU A CD1  10 
ATOM   1658 C CD2  . LEU A 1 4  ? -4.742 2.378  7.533  1.00 0.00 ? 4  LEU A CD2  10 
ATOM   1659 H H    . LEU A 1 4  ? -2.920 0.278  3.240  1.00 0.00 ? 4  LEU A H    10 
ATOM   1660 H HA   . LEU A 1 4  ? -5.081 2.158  3.629  1.00 0.00 ? 4  LEU A HA   10 
ATOM   1661 H HB2  . LEU A 1 4  ? -2.656 2.065  5.395  1.00 0.00 ? 4  LEU A HB2  10 
ATOM   1662 H HB3  . LEU A 1 4  ? -3.859 3.337  5.423  1.00 0.00 ? 4  LEU A HB3  10 
ATOM   1663 H HG   . LEU A 1 4  ? -5.461 1.235  5.898  1.00 0.00 ? 4  LEU A HG   10 
ATOM   1664 H HD11 . LEU A 1 4  ? -2.913 0.473  7.301  1.00 0.00 ? 4  LEU A HD11 10 
ATOM   1665 H HD12 . LEU A 1 4  ? -3.452 -0.285 5.806  1.00 0.00 ? 4  LEU A HD12 10 
ATOM   1666 H HD13 . LEU A 1 4  ? -4.441 -0.407 7.262  1.00 0.00 ? 4  LEU A HD13 10 
ATOM   1667 H HD21 . LEU A 1 4  ? -3.794 2.697  7.942  1.00 0.00 ? 4  LEU A HD21 10 
ATOM   1668 H HD22 . LEU A 1 4  ? -5.283 1.812  8.277  1.00 0.00 ? 4  LEU A HD22 10 
ATOM   1669 H HD23 . LEU A 1 4  ? -5.321 3.246  7.251  1.00 0.00 ? 4  LEU A HD23 10 
ATOM   1670 N N    . CYS A 1 5  ? -3.260 2.482  1.594  1.00 0.00 ? 5  CYS A N    10 
ATOM   1671 C CA   . CYS A 1 5  ? -2.668 3.259  0.574  1.00 0.00 ? 5  CYS A CA   10 
ATOM   1672 C C    . CYS A 1 5  ? -2.693 2.464  -0.710 1.00 0.00 ? 5  CYS A C    10 
ATOM   1673 O O    . CYS A 1 5  ? -3.572 1.623  -0.930 1.00 0.00 ? 5  CYS A O    10 
ATOM   1674 C CB   . CYS A 1 5  ? -1.241 3.577  0.988  1.00 0.00 ? 5  CYS A CB   10 
ATOM   1675 S SG   . CYS A 1 5  ? -0.842 5.355  1.037  1.00 0.00 ? 5  CYS A SG   10 
ATOM   1676 H H    . CYS A 1 5  ? -3.548 1.592  1.358  1.00 0.00 ? 5  CYS A H    10 
ATOM   1677 H HA   . CYS A 1 5  ? -3.238 4.154  0.477  1.00 0.00 ? 5  CYS A HA   10 
ATOM   1678 H HB2  . CYS A 1 5  ? -1.119 3.175  1.984  1.00 0.00 ? 5  CYS A HB2  10 
ATOM   1679 H HB3  . CYS A 1 5  ? -0.555 3.081  0.307  1.00 0.00 ? 5  CYS A HB3  10 
ATOM   1680 N N    . CYS A 1 6  ? -1.726 2.752  -1.544 1.00 0.00 ? 6  CYS A N    10 
ATOM   1681 C CA   . CYS A 1 6  ? -1.539 2.058  -2.796 1.00 0.00 ? 6  CYS A CA   10 
ATOM   1682 C C    . CYS A 1 6  ? -0.063 2.002  -3.150 1.00 0.00 ? 6  CYS A C    10 
ATOM   1683 O O    . CYS A 1 6  ? 0.419  2.581  -4.131 1.00 0.00 ? 6  CYS A O    10 
ATOM   1684 C CB   . CYS A 1 6  ? -2.403 2.643  -3.934 1.00 0.00 ? 6  CYS A CB   10 
ATOM   1685 S SG   . CYS A 1 6  ? -2.179 1.826  -5.551 1.00 0.00 ? 6  CYS A SG   10 
ATOM   1686 H H    . CYS A 1 6  ? -1.111 3.439  -1.282 1.00 0.00 ? 6  CYS A H    10 
ATOM   1687 H HA   . CYS A 1 6  ? -1.838 1.054  -2.583 1.00 0.00 ? 6  CYS A HA   10 
ATOM   1688 H HB2  . CYS A 1 6  ? -3.444 2.554  -3.666 1.00 0.00 ? 6  CYS A HB2  10 
ATOM   1689 H HB3  . CYS A 1 6  ? -2.159 3.689  -4.058 1.00 0.00 ? 6  CYS A HB3  10 
ATOM   1690 N N    . ASN A 1 7  ? 0.625  1.284  -2.283 1.00 0.00 ? 7  ASN A N    10 
ATOM   1691 C CA   . ASN A 1 7  ? 2.054  1.033  -2.367 1.00 0.00 ? 7  ASN A CA   10 
ATOM   1692 C C    . ASN A 1 7  ? 2.373  -0.189 -3.219 1.00 0.00 ? 7  ASN A C    10 
ATOM   1693 O O    . ASN A 1 7  ? 1.638  -1.178 -3.157 1.00 0.00 ? 7  ASN A O    10 
ATOM   1694 C CB   . ASN A 1 7  ? 2.552  0.778  -0.972 1.00 0.00 ? 7  ASN A CB   10 
ATOM   1695 C CG   . ASN A 1 7  ? 3.065  2.032  -0.298 1.00 0.00 ? 7  ASN A CG   10 
ATOM   1696 O OD1  . ASN A 1 7  ? 4.269  2.287  -0.265 1.00 0.00 ? 7  ASN A OD1  10 
ATOM   1697 N ND2  . ASN A 1 7  ? 2.149  2.831  0.230  1.00 0.00 ? 7  ASN A ND2  10 
ATOM   1698 H H    . ASN A 1 7  ? 0.138  0.918  -1.514 1.00 0.00 ? 7  ASN A H    10 
ATOM   1699 H HA   . ASN A 1 7  ? 2.549  1.890  -2.768 1.00 0.00 ? 7  ASN A HA   10 
ATOM   1700 H HB2  . ASN A 1 7  ? 1.728  0.378  -0.387 1.00 0.00 ? 7  ASN A HB2  10 
ATOM   1701 H HB3  . ASN A 1 7  ? 3.350  0.053  -1.019 1.00 0.00 ? 7  ASN A HB3  10 
ATOM   1702 H HD21 . ASN A 1 7  ? 1.208  2.569  0.155  1.00 0.00 ? 7  ASN A HD21 10 
ATOM   1703 H HD22 . ASN A 1 7  ? 2.451  3.650  0.676  1.00 0.00 ? 7  ASN A HD22 10 
ATOM   1704 N N    . PRO A 1 8  ? 3.465  -0.158 -4.040 1.00 0.00 ? 8  PRO A N    10 
ATOM   1705 C CA   . PRO A 1 8  ? 3.847  -1.323 -4.829 1.00 0.00 ? 8  PRO A CA   10 
ATOM   1706 C C    . PRO A 1 8  ? 4.499  -2.371 -3.973 1.00 0.00 ? 8  PRO A C    10 
ATOM   1707 O O    . PRO A 1 8  ? 5.721  -2.477 -3.822 1.00 0.00 ? 8  PRO A O    10 
ATOM   1708 C CB   . PRO A 1 8  ? 4.759  -0.761 -5.924 1.00 0.00 ? 8  PRO A CB   10 
ATOM   1709 C CG   . PRO A 1 8  ? 5.340  0.492  -5.345 1.00 0.00 ? 8  PRO A CG   10 
ATOM   1710 C CD   . PRO A 1 8  ? 4.363  1.000  -4.302 1.00 0.00 ? 8  PRO A CD   10 
ATOM   1711 H HA   . PRO A 1 8  ? 2.976  -1.799 -5.248 1.00 0.00 ? 8  PRO A HA   10 
ATOM   1712 H HB2  . PRO A 1 8  ? 5.526  -1.490 -6.161 1.00 0.00 ? 8  PRO A HB2  10 
ATOM   1713 H HB3  . PRO A 1 8  ? 4.178  -0.542 -6.805 1.00 0.00 ? 8  PRO A HB3  10 
ATOM   1714 H HG2  . PRO A 1 8  ? 6.295  0.270  -4.887 1.00 0.00 ? 8  PRO A HG2  10 
ATOM   1715 H HG3  . PRO A 1 8  ? 5.463  1.231  -6.123 1.00 0.00 ? 8  PRO A HG3  10 
ATOM   1716 H HD2  . PRO A 1 8  ? 4.888  1.287  -3.403 1.00 0.00 ? 8  PRO A HD2  10 
ATOM   1717 H HD3  . PRO A 1 8  ? 3.803  1.837  -4.692 1.00 0.00 ? 8  PRO A HD3  10 
ATOM   1718 N N    . ALA A 1 9  ? 3.581  -3.120 -3.396 1.00 0.00 ? 9  ALA A N    10 
ATOM   1719 C CA   . ALA A 1 9  ? 3.833  -4.220 -2.506 1.00 0.00 ? 9  ALA A CA   10 
ATOM   1720 C C    . ALA A 1 9  ? 4.446  -3.779 -1.157 1.00 0.00 ? 9  ALA A C    10 
ATOM   1721 O O    . ALA A 1 9  ? 4.999  -4.610 -0.425 1.00 0.00 ? 9  ALA A O    10 
ATOM   1722 C CB   . ALA A 1 9  ? 4.674  -5.314 -3.177 1.00 0.00 ? 9  ALA A CB   10 
ATOM   1723 H H    . ALA A 1 9  ? 2.644  -2.907 -3.590 1.00 0.00 ? 9  ALA A H    10 
ATOM   1724 H HA   . ALA A 1 9  ? 2.861  -4.622 -2.330 1.00 0.00 ? 9  ALA A HA   10 
ATOM   1725 H HB1  . ALA A 1 9  ? 4.215  -5.598 -4.114 1.00 0.00 ? 9  ALA A HB1  10 
ATOM   1726 H HB2  . ALA A 1 9  ? 4.728  -6.175 -2.529 1.00 0.00 ? 9  ALA A HB2  10 
ATOM   1727 H HB3  . ALA A 1 9  ? 5.670  -4.940 -3.362 1.00 0.00 ? 9  ALA A HB3  10 
HETATM 1728 N N    . CY1 A 1 10 ? 4.329  -2.475 -0.812 1.00 0.00 ? 10 CY1 A N    10 
HETATM 1729 C CA   . CY1 A 1 10 ? 4.902  -1.984 0.450  1.00 0.00 ? 10 CY1 A CA   10 
HETATM 1730 C CB   . CY1 A 1 10 ? 5.412  -0.568 0.280  1.00 0.00 ? 10 CY1 A CB   10 
HETATM 1731 S SG   . CY1 A 1 10 ? 6.625  0.026  1.515  1.00 0.00 ? 10 CY1 A SG   10 
HETATM 1732 C CD   . CY1 A 1 10 ? 5.556  0.210  2.988  1.00 0.00 ? 10 CY1 A CD   10 
HETATM 1733 N NE   . CY1 A 1 10 ? 6.300  0.898  4.053  1.00 0.00 ? 10 CY1 A NE   10 
HETATM 1734 C CZ   . CY1 A 1 10 ? 5.794  1.061  5.283  1.00 0.00 ? 10 CY1 A CZ   10 
HETATM 1735 O OAC  . CY1 A 1 10 ? 4.689  0.648  5.632  1.00 0.00 ? 10 CY1 A OAC  10 
HETATM 1736 C CM   . CY1 A 1 10 ? 6.704  1.801  6.264  1.00 0.00 ? 10 CY1 A CM   10 
HETATM 1737 C C    . CY1 A 1 10 ? 3.886  -2.020 1.574  1.00 0.00 ? 10 CY1 A C    10 
HETATM 1738 O O    . CY1 A 1 10 ? 4.166  -2.482 2.683  1.00 0.00 ? 10 CY1 A O    10 
HETATM 1739 H H    . CY1 A 1 10 ? 3.740  -1.859 -1.326 1.00 0.00 ? 10 CY1 A H    10 
HETATM 1740 H HA   . CY1 A 1 10 ? 5.722  -2.623 0.707  1.00 0.00 ? 10 CY1 A HA   10 
HETATM 1741 H HB2  . CY1 A 1 10 ? 5.629  -0.270 -0.699 1.00 0.00 ? 10 CY1 A HB2  10 
HETATM 1742 H HB3  . CY1 A 1 10 ? 4.410  -0.023 0.396  1.00 0.00 ? 10 CY1 A HB3  10 
HETATM 1743 H HD2  . CY1 A 1 10 ? 5.248  -0.775 3.342  1.00 0.00 ? 10 CY1 A HD2  10 
HETATM 1744 H HD3  . CY1 A 1 10 ? 4.673  0.790  2.724  1.00 0.00 ? 10 CY1 A HD3  10 
HETATM 1745 H HE   . CY1 A 1 10 ? 7.205  1.233  3.787  1.00 0.00 ? 10 CY1 A HE   10 
HETATM 1746 H HM1  . CY1 A 1 10 ? 6.518  1.442  7.277  1.00 0.00 ? 10 CY1 A HM1  10 
HETATM 1747 H HM2  . CY1 A 1 10 ? 6.501  2.871  6.214  1.00 0.00 ? 10 CY1 A HM2  10 
HETATM 1748 H HM3  . CY1 A 1 10 ? 7.746  1.619  5.998  1.00 0.00 ? 10 CY1 A HM3  10 
ATOM   1749 N N    . THR A 1 11 ? 2.691  -1.528 1.242  1.00 0.00 ? 11 THR A N    10 
ATOM   1750 C CA   . THR A 1 11 ? 1.528  -1.396 2.114  1.00 0.00 ? 11 THR A CA   10 
ATOM   1751 C C    . THR A 1 11 ? 1.849  -0.727 3.430  1.00 0.00 ? 11 THR A C    10 
ATOM   1752 O O    . THR A 1 11 ? 2.044  -1.366 4.473  1.00 0.00 ? 11 THR A O    10 
ATOM   1753 C CB   . THR A 1 11 ? 0.700  -2.717 2.291  1.00 0.00 ? 11 THR A CB   10 
ATOM   1754 O OG1  . THR A 1 11 ? -0.466 -2.467 3.090  1.00 0.00 ? 11 THR A OG1  10 
ATOM   1755 C CG2  . THR A 1 11 ? 1.501  -3.864 2.921  1.00 0.00 ? 11 THR A CG2  10 
ATOM   1756 H H    . THR A 1 11 ? 2.876  -0.824 0.586  1.00 0.00 ? 11 THR A H    10 
ATOM   1757 H HA   . THR A 1 11 ? 0.909  -0.689 1.609  1.00 0.00 ? 11 THR A HA   10 
ATOM   1758 H HB   . THR A 1 11 ? 0.375  -3.034 1.312  1.00 0.00 ? 11 THR A HB   10 
ATOM   1759 H HG1  . THR A 1 11 ? -1.254 -2.666 2.579  1.00 0.00 ? 11 THR A HG1  10 
ATOM   1760 H HG21 . THR A 1 11 ? 2.347  -4.097 2.294  1.00 0.00 ? 11 THR A HG21 10 
ATOM   1761 H HG22 . THR A 1 11 ? 0.870  -4.735 3.013  1.00 0.00 ? 11 THR A HG22 10 
ATOM   1762 H HG23 . THR A 1 11 ? 1.849  -3.566 3.899  1.00 0.00 ? 11 THR A HG23 10 
ATOM   1763 N N    . GLY A 1 12 ? 1.917  0.588  3.330  1.00 0.00 ? 12 GLY A N    10 
ATOM   1764 C CA   . GLY A 1 12 ? 2.189  1.393  4.485  1.00 0.00 ? 12 GLY A CA   10 
ATOM   1765 C C    . GLY A 1 12 ? 2.389  2.859  4.197  1.00 0.00 ? 12 GLY A C    10 
ATOM   1766 O O    . GLY A 1 12 ? 3.096  3.565  4.919  1.00 0.00 ? 12 GLY A O    10 
ATOM   1767 H H    . GLY A 1 12 ? 1.824  0.998  2.444  1.00 0.00 ? 12 GLY A H    10 
ATOM   1768 H HA2  . GLY A 1 12 ? 1.372  1.279  5.182  1.00 0.00 ? 12 GLY A HA2  10 
ATOM   1769 H HA3  . GLY A 1 12 ? 3.068  1.012  4.895  1.00 0.00 ? 12 GLY A HA3  10 
ATOM   1770 N N    . CYS A 1 13 ? 1.742  3.285  3.136  1.00 0.00 ? 13 CYS A N    10 
ATOM   1771 C CA   . CYS A 1 13 ? 1.762  4.674  2.619  1.00 0.00 ? 13 CYS A CA   10 
ATOM   1772 C C    . CYS A 1 13 ? 3.188  5.211  2.414  1.00 0.00 ? 13 CYS A C    10 
ATOM   1773 O O    . CYS A 1 13 ? 3.619  5.299  1.245  1.00 0.00 ? 13 CYS A O    10 
ATOM   1774 C CB   . CYS A 1 13 ? 0.947  5.629  3.509  1.00 0.00 ? 13 CYS A CB   10 
ATOM   1775 S SG   . CYS A 1 13 ? -0.806 5.793  3.025  1.00 0.00 ? 13 CYS A SG   10 
ATOM   1776 O OXT  . CYS A 1 13 ? 3.861  5.532  3.420  1.00 0.00 ? 13 CYS A OXT  10 
ATOM   1777 H H    . CYS A 1 13 ? 1.220  2.620  2.673  1.00 0.00 ? 13 CYS A H    10 
ATOM   1778 H HA   . CYS A 1 13 ? 1.282  4.639  1.649  1.00 0.00 ? 13 CYS A HA   10 
ATOM   1779 H HB2  . CYS A 1 13 ? 0.973  5.269  4.527  1.00 0.00 ? 13 CYS A HB2  10 
ATOM   1780 H HB3  . CYS A 1 13 ? 1.393  6.612  3.470  1.00 0.00 ? 13 CYS A HB3  10 
# 
